data_2B5Y
#
_entry.id   2B5Y
#
_entity_poly.entity_id   1
_entity_poly.type   'polypeptide(L)'
_entity_poly.pdbx_seq_one_letter_code
;MKLRQPMPELTGEKAWLNGEVTREQLIGEKPTLIHFWSISCHLCKEAMPQVNEFRDKYQDQLNVVAVHMPRSEDDLDPGK
IKETAAEHDITQPIFVDSDHALTDAFENEYVPAYYVFDKTGQLRHFQAGGSGMKMLEKRVNRVLAETE
;
_entity_poly.pdbx_strand_id   A
#
# COMPACT_ATOMS: atom_id res chain seq x y z
N MET A 1 15.44 -0.38 -2.31
CA MET A 1 14.76 -1.71 -2.31
C MET A 1 15.22 -2.55 -3.51
N LYS A 2 15.99 -3.62 -3.25
CA LYS A 2 16.24 -4.65 -4.27
C LYS A 2 14.96 -5.47 -4.43
N LEU A 3 14.68 -5.96 -5.64
CA LEU A 3 13.57 -6.87 -5.94
C LEU A 3 13.91 -8.28 -5.41
N ARG A 4 14.20 -8.37 -4.11
CA ARG A 4 14.85 -9.51 -3.46
C ARG A 4 14.67 -9.45 -1.93
N GLN A 5 14.71 -8.25 -1.31
CA GLN A 5 14.73 -8.15 0.15
C GLN A 5 13.39 -8.60 0.76
N PRO A 6 13.35 -8.97 2.05
CA PRO A 6 12.11 -8.96 2.80
C PRO A 6 11.58 -7.52 2.93
N MET A 7 10.31 -7.40 3.30
CA MET A 7 9.70 -6.13 3.72
C MET A 7 10.56 -5.47 4.81
N PRO A 8 10.49 -4.13 4.95
CA PRO A 8 11.14 -3.41 6.04
C PRO A 8 10.45 -3.66 7.39
N GLU A 9 10.83 -2.88 8.40
CA GLU A 9 10.39 -3.02 9.79
C GLU A 9 8.93 -2.60 10.02
N LEU A 10 8.24 -2.07 9.00
CA LEU A 10 6.86 -1.57 9.05
C LEU A 10 6.66 -0.58 10.20
N THR A 11 7.62 0.33 10.38
CA THR A 11 7.52 1.50 11.25
C THR A 11 6.37 2.43 10.78
N GLY A 12 6.00 3.40 11.62
CA GLY A 12 4.95 4.38 11.34
C GLY A 12 4.01 4.40 12.53
N GLU A 13 3.93 5.55 13.22
CA GLU A 13 3.58 5.56 14.64
C GLU A 13 2.34 6.42 14.95
N LYS A 14 1.70 7.06 13.96
CA LYS A 14 0.47 7.82 14.21
C LYS A 14 -0.63 6.88 14.67
N ALA A 15 -0.80 5.75 13.95
CA ALA A 15 -1.58 4.55 14.27
C ALA A 15 -1.90 3.80 12.96
N TRP A 16 -2.43 2.58 13.10
CA TRP A 16 -3.20 1.93 12.04
C TRP A 16 -4.60 2.56 11.93
N LEU A 17 -5.32 2.20 10.87
CA LEU A 17 -6.62 2.74 10.47
C LEU A 17 -7.30 1.68 9.58
N ASN A 18 -8.63 1.57 9.66
CA ASN A 18 -9.50 0.68 8.87
C ASN A 18 -9.19 -0.83 8.98
N GLY A 19 -8.11 -1.24 9.63
CA GLY A 19 -7.74 -2.60 9.95
C GLY A 19 -6.32 -2.61 10.51
N GLU A 20 -5.95 -3.69 11.20
CA GLU A 20 -4.65 -3.82 11.84
C GLU A 20 -4.04 -5.13 11.39
N VAL A 21 -3.05 -5.05 10.51
CA VAL A 21 -2.23 -6.19 10.10
C VAL A 21 -0.78 -5.73 10.06
N THR A 22 0.11 -6.71 9.95
CA THR A 22 1.52 -6.55 9.65
C THR A 22 1.83 -7.68 8.67
N ARG A 23 2.99 -7.62 8.00
CA ARG A 23 3.55 -8.75 7.26
C ARG A 23 3.39 -10.05 8.06
N GLU A 24 3.85 -10.00 9.31
CA GLU A 24 4.00 -11.18 10.16
C GLU A 24 2.64 -11.81 10.50
N GLN A 25 1.54 -11.05 10.41
CA GLN A 25 0.20 -11.54 10.71
C GLN A 25 -0.55 -12.07 9.48
N LEU A 26 -0.20 -11.68 8.24
CA LEU A 26 -0.97 -12.06 7.04
C LEU A 26 -0.19 -12.81 5.97
N ILE A 27 1.15 -12.89 6.04
CA ILE A 27 1.93 -13.71 5.12
C ILE A 27 1.81 -15.19 5.51
N GLY A 28 1.90 -16.05 4.50
CA GLY A 28 1.98 -17.49 4.67
C GLY A 28 1.75 -18.19 3.33
N GLU A 29 0.73 -17.75 2.58
CA GLU A 29 0.32 -18.45 1.35
C GLU A 29 -0.23 -17.52 0.25
N LYS A 30 -0.54 -16.26 0.54
CA LYS A 30 -0.97 -15.29 -0.47
C LYS A 30 0.17 -14.28 -0.67
N PRO A 31 0.44 -13.80 -1.90
CA PRO A 31 1.30 -12.65 -2.12
C PRO A 31 0.68 -11.41 -1.50
N THR A 32 1.45 -10.32 -1.42
CA THR A 32 1.07 -9.12 -0.68
C THR A 32 1.37 -7.88 -1.51
N LEU A 33 0.54 -6.85 -1.36
CA LEU A 33 0.64 -5.54 -2.00
C LEU A 33 0.67 -4.52 -0.87
N ILE A 34 1.75 -3.73 -0.79
CA ILE A 34 1.84 -2.53 0.04
C ILE A 34 1.92 -1.36 -0.94
N HIS A 35 1.10 -0.34 -0.73
CA HIS A 35 1.12 0.86 -1.55
C HIS A 35 1.02 2.09 -0.65
N PHE A 36 1.74 3.12 -1.05
CA PHE A 36 1.68 4.43 -0.45
C PHE A 36 0.71 5.30 -1.25
N TRP A 37 0.06 6.24 -0.58
CA TRP A 37 -0.88 7.20 -1.14
C TRP A 37 -1.05 8.35 -0.15
N SER A 38 -1.75 9.42 -0.54
CA SER A 38 -2.23 10.44 0.39
C SER A 38 -3.46 11.15 -0.16
N ILE A 39 -4.21 11.76 0.76
CA ILE A 39 -5.53 12.35 0.54
C ILE A 39 -5.59 13.47 -0.51
N SER A 40 -4.48 14.08 -0.92
CA SER A 40 -4.48 15.27 -1.79
C SER A 40 -3.28 15.28 -2.75
N CYS A 41 -2.76 14.11 -3.12
CA CYS A 41 -1.64 13.96 -4.06
C CYS A 41 -2.21 13.75 -5.47
N HIS A 42 -1.52 14.27 -6.49
CA HIS A 42 -2.09 14.50 -7.84
C HIS A 42 -2.39 13.20 -8.60
N LEU A 43 -1.78 12.09 -8.18
CA LEU A 43 -1.87 10.78 -8.83
C LEU A 43 -2.33 9.72 -7.82
N CYS A 44 -2.23 10.01 -6.53
CA CYS A 44 -2.89 9.24 -5.48
C CYS A 44 -4.40 9.27 -5.67
N LYS A 45 -4.99 10.35 -6.22
CA LYS A 45 -6.42 10.37 -6.51
C LYS A 45 -6.83 9.35 -7.59
N GLU A 46 -5.88 8.81 -8.38
CA GLU A 46 -6.13 7.67 -9.26
C GLU A 46 -5.84 6.36 -8.52
N ALA A 47 -4.85 6.34 -7.62
CA ALA A 47 -4.58 5.18 -6.78
C ALA A 47 -5.79 4.83 -5.93
N MET A 48 -6.34 5.79 -5.17
CA MET A 48 -7.42 5.59 -4.21
C MET A 48 -8.60 4.77 -4.77
N PRO A 49 -9.21 5.11 -5.93
CA PRO A 49 -10.27 4.29 -6.49
C PRO A 49 -9.77 2.92 -6.99
N GLN A 50 -8.61 2.85 -7.64
CA GLN A 50 -8.11 1.59 -8.19
C GLN A 50 -7.71 0.61 -7.07
N VAL A 51 -7.23 1.15 -5.95
CA VAL A 51 -6.94 0.45 -4.72
C VAL A 51 -8.23 -0.21 -4.24
N ASN A 52 -9.30 0.58 -4.04
CA ASN A 52 -10.61 0.04 -3.67
C ASN A 52 -11.04 -1.08 -4.63
N GLU A 53 -10.87 -0.86 -5.93
CA GLU A 53 -11.25 -1.82 -6.96
C GLU A 53 -10.48 -3.14 -6.79
N PHE A 54 -9.15 -3.16 -6.91
CA PHE A 54 -8.43 -4.44 -6.86
C PHE A 54 -8.46 -5.07 -5.46
N ARG A 55 -8.69 -4.28 -4.42
CA ARG A 55 -8.87 -4.80 -3.07
C ARG A 55 -10.15 -5.62 -3.02
N ASP A 56 -11.25 -5.19 -3.65
CA ASP A 56 -12.46 -6.02 -3.73
C ASP A 56 -12.26 -7.21 -4.67
N LYS A 57 -11.63 -6.99 -5.83
CA LYS A 57 -11.47 -8.05 -6.84
C LYS A 57 -10.59 -9.20 -6.34
N TYR A 58 -9.54 -8.91 -5.55
CA TYR A 58 -8.49 -9.87 -5.26
C TYR A 58 -8.27 -10.12 -3.75
N GLN A 59 -9.08 -9.58 -2.84
CA GLN A 59 -8.90 -9.74 -1.38
C GLN A 59 -8.59 -11.16 -0.90
N ASP A 60 -9.19 -12.19 -1.53
CA ASP A 60 -9.02 -13.60 -1.11
C ASP A 60 -7.76 -14.24 -1.72
N GLN A 61 -7.17 -13.58 -2.71
CA GLN A 61 -6.09 -14.07 -3.55
C GLN A 61 -4.79 -13.29 -3.26
N LEU A 62 -4.91 -12.09 -2.69
CA LEU A 62 -3.88 -11.08 -2.55
C LEU A 62 -4.10 -10.42 -1.19
N ASN A 63 -3.08 -10.42 -0.35
CA ASN A 63 -3.09 -9.59 0.84
C ASN A 63 -2.96 -8.14 0.39
N VAL A 64 -3.85 -7.25 0.83
CA VAL A 64 -3.76 -5.83 0.52
C VAL A 64 -3.62 -5.10 1.84
N VAL A 65 -2.63 -4.22 1.90
CA VAL A 65 -2.36 -3.33 3.01
C VAL A 65 -1.87 -2.03 2.37
N ALA A 66 -2.07 -0.91 3.05
CA ALA A 66 -1.84 0.41 2.51
C ALA A 66 -1.13 1.24 3.56
N VAL A 67 -0.55 2.37 3.15
CA VAL A 67 0.13 3.28 4.04
C VAL A 67 -0.21 4.68 3.56
N HIS A 68 -0.91 5.46 4.38
CA HIS A 68 -1.06 6.88 4.16
C HIS A 68 0.30 7.53 4.47
N MET A 69 0.72 8.49 3.63
CA MET A 69 2.03 9.14 3.66
C MET A 69 1.81 10.65 3.79
N PRO A 70 1.87 11.20 5.01
CA PRO A 70 1.73 12.64 5.21
C PRO A 70 2.81 13.41 4.44
N ARG A 71 2.45 14.59 3.91
CA ARG A 71 3.35 15.46 3.15
C ARG A 71 3.37 16.88 3.70
N SER A 72 2.31 17.30 4.39
CA SER A 72 2.07 18.69 4.78
C SER A 72 1.24 18.68 6.07
N GLU A 73 1.13 19.83 6.74
CA GLU A 73 0.32 19.96 7.97
C GLU A 73 -1.14 19.62 7.66
N ASP A 74 -1.61 20.07 6.49
CA ASP A 74 -2.96 19.87 5.95
C ASP A 74 -3.19 18.40 5.52
N ASP A 75 -2.15 17.57 5.60
CA ASP A 75 -2.12 16.19 5.12
C ASP A 75 -2.02 15.22 6.32
N LEU A 76 -1.65 15.71 7.52
CA LEU A 76 -1.56 14.92 8.74
C LEU A 76 -2.95 14.50 9.26
N ASP A 77 -4.00 15.26 8.92
CA ASP A 77 -5.26 15.33 9.66
C ASP A 77 -5.93 13.95 9.80
N PRO A 78 -5.96 13.33 11.00
CA PRO A 78 -6.51 12.00 11.21
C PRO A 78 -7.95 11.87 10.68
N GLY A 79 -8.75 12.93 10.86
CA GLY A 79 -10.13 12.97 10.45
C GLY A 79 -10.25 12.91 8.93
N LYS A 80 -9.50 13.75 8.20
CA LYS A 80 -9.60 13.72 6.74
C LYS A 80 -9.03 12.41 6.18
N ILE A 81 -7.96 11.85 6.75
CA ILE A 81 -7.43 10.56 6.29
C ILE A 81 -8.54 9.50 6.41
N LYS A 82 -9.19 9.41 7.57
CA LYS A 82 -10.32 8.50 7.79
C LYS A 82 -11.44 8.79 6.78
N GLU A 83 -11.87 10.04 6.66
CA GLU A 83 -13.07 10.36 5.90
C GLU A 83 -12.84 10.13 4.41
N THR A 84 -11.71 10.53 3.84
CA THR A 84 -11.42 10.26 2.42
C THR A 84 -11.30 8.75 2.19
N ALA A 85 -10.74 7.99 3.14
CA ALA A 85 -10.73 6.53 3.03
C ALA A 85 -12.15 5.96 3.01
N ALA A 86 -13.09 6.51 3.78
CA ALA A 86 -14.48 6.11 3.74
C ALA A 86 -15.14 6.50 2.41
N GLU A 87 -14.90 7.72 1.93
CA GLU A 87 -15.48 8.27 0.71
C GLU A 87 -15.12 7.41 -0.52
N HIS A 88 -13.87 6.94 -0.57
CA HIS A 88 -13.35 6.13 -1.67
C HIS A 88 -13.40 4.62 -1.36
N ASP A 89 -14.06 4.22 -0.28
CA ASP A 89 -14.26 2.83 0.16
C ASP A 89 -12.95 2.02 0.26
N ILE A 90 -11.91 2.67 0.82
CA ILE A 90 -10.55 2.17 0.97
C ILE A 90 -10.47 1.38 2.29
N THR A 91 -11.14 0.23 2.38
CA THR A 91 -11.47 -0.42 3.65
C THR A 91 -10.50 -1.56 4.06
N GLN A 92 -9.40 -1.77 3.33
CA GLN A 92 -8.30 -2.62 3.80
C GLN A 92 -7.59 -1.98 5.02
N PRO A 93 -6.76 -2.74 5.76
CA PRO A 93 -5.80 -2.18 6.71
C PRO A 93 -4.95 -1.07 6.09
N ILE A 94 -4.91 0.08 6.75
CA ILE A 94 -4.19 1.28 6.34
C ILE A 94 -3.30 1.64 7.52
N PHE A 95 -1.99 1.57 7.36
CA PHE A 95 -1.08 2.28 8.24
C PHE A 95 -1.26 3.77 7.98
N VAL A 96 -1.03 4.61 8.98
CA VAL A 96 -0.82 6.03 8.79
C VAL A 96 0.57 6.28 9.37
N ASP A 97 1.53 6.56 8.49
CA ASP A 97 2.88 6.90 8.93
C ASP A 97 2.83 8.20 9.75
N SER A 98 3.73 8.35 10.72
CA SER A 98 3.91 9.57 11.47
C SER A 98 4.29 10.72 10.53
N ASP A 99 5.15 10.44 9.55
CA ASP A 99 5.64 11.39 8.57
C ASP A 99 6.29 10.67 7.40
N HIS A 100 7.27 9.78 7.67
CA HIS A 100 7.99 9.03 6.64
C HIS A 100 8.78 7.83 7.20
N ALA A 101 8.49 7.32 8.39
CA ALA A 101 9.33 6.33 9.06
C ALA A 101 9.56 5.06 8.22
N LEU A 102 8.49 4.48 7.64
CA LEU A 102 8.61 3.32 6.76
C LEU A 102 9.28 3.75 5.45
N THR A 103 8.87 4.92 4.93
CA THR A 103 9.39 5.52 3.71
C THR A 103 10.92 5.70 3.76
N ASP A 104 11.47 5.98 4.94
CA ASP A 104 12.91 6.10 5.21
C ASP A 104 13.54 4.71 5.32
N ALA A 105 12.87 3.79 6.03
CA ALA A 105 13.32 2.41 6.21
C ALA A 105 13.52 1.68 4.87
N PHE A 106 12.85 2.11 3.79
CA PHE A 106 13.02 1.51 2.47
C PHE A 106 13.25 2.52 1.32
N GLU A 107 13.59 3.77 1.66
CA GLU A 107 14.02 4.86 0.78
C GLU A 107 13.21 4.95 -0.53
N ASN A 108 11.89 5.13 -0.39
CA ASN A 108 10.95 5.19 -1.53
C ASN A 108 11.19 6.42 -2.41
N GLU A 109 11.19 7.62 -1.81
CA GLU A 109 11.37 8.92 -2.46
C GLU A 109 10.26 9.28 -3.48
N TYR A 110 9.12 8.58 -3.44
CA TYR A 110 7.89 8.92 -4.16
C TYR A 110 6.72 8.80 -3.17
N VAL A 111 5.47 8.97 -3.63
CA VAL A 111 4.28 8.78 -2.77
C VAL A 111 3.26 7.85 -3.44
N PRO A 112 2.73 8.09 -4.65
CA PRO A 112 1.94 7.09 -5.36
C PRO A 112 2.89 6.00 -5.86
N ALA A 113 3.18 5.03 -4.99
CA ALA A 113 4.24 4.06 -5.11
C ALA A 113 3.79 2.75 -4.48
N TYR A 114 4.27 1.63 -5.00
CA TYR A 114 3.66 0.34 -4.74
C TYR A 114 4.71 -0.75 -4.90
N TYR A 115 4.55 -1.78 -4.07
CA TYR A 115 5.53 -2.81 -3.81
C TYR A 115 4.75 -4.11 -3.73
N VAL A 116 5.16 -5.13 -4.48
CA VAL A 116 4.41 -6.36 -4.67
C VAL A 116 5.38 -7.48 -4.25
N PHE A 117 4.94 -8.35 -3.34
CA PHE A 117 5.78 -9.30 -2.63
C PHE A 117 5.21 -10.70 -2.82
N ASP A 118 6.08 -11.71 -2.92
CA ASP A 118 5.71 -13.12 -3.05
C ASP A 118 5.09 -13.62 -1.74
N LYS A 119 4.39 -14.75 -1.76
CA LYS A 119 3.82 -15.38 -0.56
C LYS A 119 4.87 -15.75 0.50
N THR A 120 6.16 -15.80 0.15
CA THR A 120 7.24 -16.05 1.11
C THR A 120 7.65 -14.75 1.85
N GLY A 121 7.19 -13.57 1.39
CA GLY A 121 7.32 -12.31 2.13
C GLY A 121 8.55 -11.51 1.76
N GLN A 122 8.84 -11.43 0.47
CA GLN A 122 9.96 -10.64 -0.04
C GLN A 122 9.63 -10.11 -1.44
N LEU A 123 10.25 -8.97 -1.78
CA LEU A 123 9.82 -8.09 -2.87
C LEU A 123 10.03 -8.76 -4.22
N ARG A 124 9.02 -8.70 -5.08
CA ARG A 124 9.05 -9.23 -6.46
C ARG A 124 9.18 -8.08 -7.45
N HIS A 125 8.44 -6.99 -7.23
CA HIS A 125 8.34 -5.89 -8.17
C HIS A 125 7.97 -4.63 -7.39
N PHE A 126 8.38 -3.46 -7.88
CA PHE A 126 8.02 -2.17 -7.32
C PHE A 126 8.01 -1.15 -8.45
N GLN A 127 7.14 -0.14 -8.36
CA GLN A 127 6.97 0.96 -9.30
C GLN A 127 6.50 2.19 -8.50
N ALA A 128 6.56 3.38 -9.12
CA ALA A 128 5.90 4.58 -8.63
C ALA A 128 5.50 5.46 -9.81
N GLY A 129 4.33 6.09 -9.71
CA GLY A 129 3.66 6.75 -10.81
C GLY A 129 3.31 5.76 -11.95
N GLY A 130 2.66 6.29 -12.99
CA GLY A 130 2.23 5.55 -14.17
C GLY A 130 0.89 6.09 -14.64
N SER A 131 0.52 5.85 -15.90
CA SER A 131 -0.72 6.36 -16.50
C SER A 131 -1.94 5.84 -15.73
N GLY A 132 -2.54 6.72 -14.92
CA GLY A 132 -3.62 6.40 -13.98
C GLY A 132 -3.26 5.22 -13.06
N MET A 133 -1.97 4.97 -12.84
CA MET A 133 -1.38 3.76 -12.24
C MET A 133 -2.04 2.43 -12.66
N LYS A 134 -2.64 2.35 -13.86
CA LYS A 134 -3.28 1.14 -14.39
C LYS A 134 -2.35 -0.06 -14.40
N MET A 135 -1.06 0.15 -14.72
CA MET A 135 -0.09 -0.93 -14.83
C MET A 135 0.08 -1.73 -13.53
N LEU A 136 -0.22 -1.17 -12.35
CA LEU A 136 -0.09 -1.92 -11.10
C LEU A 136 -1.06 -3.10 -11.10
N GLU A 137 -2.25 -2.97 -11.66
CA GLU A 137 -3.20 -4.07 -11.77
C GLU A 137 -2.57 -5.24 -12.53
N LYS A 138 -1.77 -4.95 -13.56
CA LYS A 138 -1.04 -5.98 -14.30
C LYS A 138 0.11 -6.54 -13.46
N ARG A 139 0.90 -5.71 -12.76
CA ARG A 139 1.99 -6.25 -11.92
C ARG A 139 1.43 -7.19 -10.85
N VAL A 140 0.30 -6.82 -10.23
CA VAL A 140 -0.43 -7.65 -9.30
C VAL A 140 -0.86 -8.95 -9.97
N ASN A 141 -1.56 -8.86 -11.11
CA ASN A 141 -2.07 -10.04 -11.79
C ASN A 141 -0.94 -10.96 -12.26
N ARG A 142 0.23 -10.40 -12.60
CA ARG A 142 1.39 -11.21 -12.95
C ARG A 142 1.85 -11.97 -11.71
N VAL A 143 2.05 -11.30 -10.56
CA VAL A 143 2.43 -12.01 -9.33
C VAL A 143 1.36 -13.06 -8.98
N LEU A 144 0.07 -12.79 -9.13
CA LEU A 144 -0.98 -13.78 -8.87
C LEU A 144 -0.89 -14.97 -9.82
N ALA A 145 -0.60 -14.74 -11.10
CA ALA A 145 -0.50 -15.79 -12.11
C ALA A 145 0.79 -16.61 -11.94
N GLU A 146 1.87 -15.98 -11.48
CA GLU A 146 3.20 -16.58 -11.42
C GLU A 146 3.40 -17.32 -10.09
N THR A 147 2.82 -16.83 -8.99
CA THR A 147 2.77 -17.54 -7.70
C THR A 147 1.86 -18.77 -7.84
N GLU A 148 2.12 -19.80 -7.05
CA GLU A 148 1.44 -21.08 -7.09
C GLU A 148 0.14 -21.00 -6.29
N MET A 1 15.04 -1.02 -1.40
CA MET A 1 14.04 -2.07 -1.72
C MET A 1 14.48 -2.86 -2.96
N LYS A 2 15.42 -3.80 -2.77
CA LYS A 2 15.77 -4.78 -3.81
C LYS A 2 14.59 -5.72 -3.98
N LEU A 3 14.39 -6.25 -5.19
CA LEU A 3 13.34 -7.21 -5.55
C LEU A 3 13.67 -8.60 -4.97
N ARG A 4 13.85 -8.63 -3.65
CA ARG A 4 14.39 -9.71 -2.83
C ARG A 4 14.01 -9.51 -1.36
N GLN A 5 14.01 -8.25 -0.90
CA GLN A 5 13.94 -7.91 0.52
C GLN A 5 12.68 -8.44 1.23
N PRO A 6 12.79 -8.86 2.50
CA PRO A 6 11.61 -9.11 3.33
C PRO A 6 10.80 -7.80 3.48
N MET A 7 9.53 -7.92 3.84
CA MET A 7 8.72 -6.77 4.24
C MET A 7 9.40 -6.05 5.42
N PRO A 8 9.50 -4.71 5.43
CA PRO A 8 10.27 -3.99 6.44
C PRO A 8 9.52 -3.92 7.76
N GLU A 9 10.07 -3.20 8.74
CA GLU A 9 9.34 -2.82 9.93
C GLU A 9 8.24 -1.86 9.45
N LEU A 10 7.04 -1.96 10.02
CA LEU A 10 5.86 -1.26 9.53
C LEU A 10 5.45 -0.31 10.65
N THR A 11 6.25 0.74 10.80
CA THR A 11 6.23 1.66 11.93
C THR A 11 4.87 2.28 12.17
N GLY A 12 4.34 2.87 11.11
CA GLY A 12 3.06 3.57 11.04
C GLY A 12 2.87 4.44 12.30
N GLU A 13 3.84 5.32 12.56
CA GLU A 13 3.96 6.03 13.83
C GLU A 13 2.74 6.87 14.24
N LYS A 14 1.89 7.32 13.30
CA LYS A 14 0.75 8.15 13.67
C LYS A 14 -0.38 7.30 14.26
N ALA A 15 -0.35 5.98 14.04
CA ALA A 15 -1.18 4.89 14.60
C ALA A 15 -1.84 4.09 13.48
N TRP A 16 -2.51 3.01 13.88
CA TRP A 16 -3.40 2.25 13.03
C TRP A 16 -4.59 3.11 12.56
N LEU A 17 -5.20 2.69 11.46
CA LEU A 17 -6.45 3.18 10.95
C LEU A 17 -7.03 2.08 10.07
N ASN A 18 -8.34 1.86 10.12
CA ASN A 18 -9.11 1.02 9.19
C ASN A 18 -8.70 -0.45 9.14
N GLY A 19 -7.82 -0.86 10.03
CA GLY A 19 -7.38 -2.22 10.27
C GLY A 19 -6.02 -2.20 10.97
N GLU A 20 -5.62 -3.37 11.44
CA GLU A 20 -4.36 -3.65 12.13
C GLU A 20 -3.82 -5.01 11.64
N VAL A 21 -2.64 -5.04 11.01
CA VAL A 21 -1.99 -6.25 10.48
C VAL A 21 -0.47 -6.06 10.49
N THR A 22 0.26 -7.12 10.14
CA THR A 22 1.69 -7.12 9.85
C THR A 22 1.91 -8.09 8.68
N ARG A 23 3.15 -8.21 8.21
CA ARG A 23 3.54 -9.28 7.29
C ARG A 23 3.13 -10.62 7.90
N GLU A 24 3.50 -10.86 9.16
CA GLU A 24 3.35 -12.20 9.73
C GLU A 24 1.89 -12.52 10.11
N GLN A 25 1.01 -11.52 10.20
CA GLN A 25 -0.38 -11.72 10.54
C GLN A 25 -1.17 -12.36 9.39
N LEU A 26 -0.83 -12.04 8.13
CA LEU A 26 -1.64 -12.39 6.97
C LEU A 26 -0.88 -13.03 5.80
N ILE A 27 0.46 -13.04 5.81
CA ILE A 27 1.22 -13.75 4.79
C ILE A 27 1.28 -15.24 5.17
N GLY A 28 1.33 -16.11 4.14
CA GLY A 28 1.45 -17.54 4.29
C GLY A 28 1.09 -18.27 3.00
N GLU A 29 0.10 -17.76 2.26
CA GLU A 29 -0.36 -18.39 1.02
C GLU A 29 -0.78 -17.37 -0.05
N LYS A 30 -1.09 -16.13 0.32
CA LYS A 30 -1.50 -15.08 -0.61
C LYS A 30 -0.39 -14.06 -0.74
N PRO A 31 0.01 -13.68 -1.98
CA PRO A 31 0.85 -12.51 -2.21
C PRO A 31 0.25 -11.27 -1.56
N THR A 32 1.06 -10.24 -1.35
CA THR A 32 0.69 -9.06 -0.59
C THR A 32 1.18 -7.82 -1.32
N LEU A 33 0.35 -6.77 -1.31
CA LEU A 33 0.65 -5.49 -1.90
C LEU A 33 0.63 -4.46 -0.78
N ILE A 34 1.63 -3.57 -0.78
CA ILE A 34 1.68 -2.37 0.04
C ILE A 34 1.56 -1.22 -0.95
N HIS A 35 0.77 -0.20 -0.65
CA HIS A 35 0.81 1.05 -1.41
C HIS A 35 0.88 2.24 -0.46
N PHE A 36 1.59 3.28 -0.89
CA PHE A 36 1.65 4.57 -0.26
C PHE A 36 0.76 5.47 -1.12
N TRP A 37 -0.05 6.28 -0.44
CA TRP A 37 -1.01 7.22 -1.01
C TRP A 37 -1.20 8.38 -0.01
N SER A 38 -1.90 9.47 -0.41
CA SER A 38 -2.26 10.55 0.51
C SER A 38 -3.57 11.22 0.10
N ILE A 39 -4.26 11.87 1.04
CA ILE A 39 -5.43 12.72 0.79
C ILE A 39 -5.08 13.99 0.00
N SER A 40 -3.81 14.40 -0.06
CA SER A 40 -3.36 15.64 -0.71
C SER A 40 -2.30 15.34 -1.79
N CYS A 41 -2.60 14.38 -2.68
CA CYS A 41 -1.65 13.85 -3.64
C CYS A 41 -2.31 13.75 -5.02
N HIS A 42 -1.78 14.52 -5.97
CA HIS A 42 -2.35 14.78 -7.30
C HIS A 42 -2.35 13.55 -8.24
N LEU A 43 -1.79 12.41 -7.85
CA LEU A 43 -1.93 11.16 -8.59
C LEU A 43 -2.38 9.98 -7.73
N CYS A 44 -2.21 10.06 -6.41
CA CYS A 44 -2.81 9.09 -5.49
C CYS A 44 -4.34 9.08 -5.63
N LYS A 45 -4.94 10.19 -6.09
CA LYS A 45 -6.36 10.23 -6.44
C LYS A 45 -6.75 9.21 -7.52
N GLU A 46 -5.81 8.69 -8.31
CA GLU A 46 -6.09 7.58 -9.24
C GLU A 46 -5.84 6.23 -8.54
N ALA A 47 -4.84 6.21 -7.65
CA ALA A 47 -4.52 5.02 -6.88
C ALA A 47 -5.70 4.61 -6.03
N MET A 48 -6.28 5.52 -5.25
CA MET A 48 -7.35 5.25 -4.30
C MET A 48 -8.57 4.54 -4.91
N PRO A 49 -9.13 4.97 -6.05
CA PRO A 49 -10.21 4.23 -6.69
C PRO A 49 -9.74 2.86 -7.20
N GLN A 50 -8.52 2.76 -7.77
CA GLN A 50 -8.09 1.48 -8.33
C GLN A 50 -7.81 0.48 -7.21
N VAL A 51 -7.29 0.98 -6.09
CA VAL A 51 -7.06 0.23 -4.86
C VAL A 51 -8.36 -0.42 -4.43
N ASN A 52 -9.45 0.36 -4.34
CA ASN A 52 -10.77 -0.17 -4.03
C ASN A 52 -11.15 -1.31 -4.98
N GLU A 53 -10.94 -1.12 -6.29
CA GLU A 53 -11.32 -2.09 -7.29
C GLU A 53 -10.53 -3.39 -7.11
N PHE A 54 -9.19 -3.35 -7.20
CA PHE A 54 -8.41 -4.60 -7.15
C PHE A 54 -8.51 -5.26 -5.78
N ARG A 55 -8.73 -4.49 -4.70
CA ARG A 55 -9.00 -5.04 -3.37
C ARG A 55 -10.20 -5.97 -3.47
N ASP A 56 -11.31 -5.55 -4.07
CA ASP A 56 -12.53 -6.36 -4.10
C ASP A 56 -12.38 -7.55 -5.05
N LYS A 57 -11.75 -7.32 -6.22
CA LYS A 57 -11.59 -8.36 -7.24
C LYS A 57 -10.68 -9.47 -6.73
N TYR A 58 -9.70 -9.14 -5.88
CA TYR A 58 -8.63 -10.07 -5.52
C TYR A 58 -8.50 -10.35 -4.03
N GLN A 59 -9.33 -9.80 -3.13
CA GLN A 59 -9.20 -9.95 -1.67
C GLN A 59 -8.97 -11.38 -1.14
N ASP A 60 -9.45 -12.44 -1.82
CA ASP A 60 -9.26 -13.84 -1.39
C ASP A 60 -7.94 -14.45 -1.89
N GLN A 61 -7.27 -13.75 -2.81
CA GLN A 61 -6.14 -14.20 -3.62
C GLN A 61 -4.90 -13.34 -3.34
N LEU A 62 -5.12 -12.14 -2.82
CA LEU A 62 -4.16 -11.06 -2.65
C LEU A 62 -4.47 -10.36 -1.32
N ASN A 63 -3.45 -10.16 -0.50
CA ASN A 63 -3.56 -9.28 0.66
C ASN A 63 -3.26 -7.88 0.15
N VAL A 64 -3.92 -6.86 0.71
CA VAL A 64 -3.61 -5.47 0.42
C VAL A 64 -3.44 -4.80 1.79
N VAL A 65 -2.43 -3.94 1.90
CA VAL A 65 -2.25 -3.05 3.04
C VAL A 65 -1.85 -1.69 2.45
N ALA A 66 -2.07 -0.63 3.21
CA ALA A 66 -1.96 0.73 2.72
C ALA A 66 -1.18 1.56 3.71
N VAL A 67 -0.60 2.67 3.25
CA VAL A 67 0.22 3.55 4.06
C VAL A 67 -0.19 4.97 3.67
N HIS A 68 -0.70 5.73 4.63
CA HIS A 68 -0.98 7.14 4.39
C HIS A 68 0.33 7.89 4.62
N MET A 69 0.69 8.78 3.70
CA MET A 69 2.01 9.38 3.65
C MET A 69 1.91 10.93 3.65
N PRO A 70 2.26 11.59 4.78
CA PRO A 70 2.23 13.04 4.96
C PRO A 70 2.85 13.84 3.81
N ARG A 71 2.11 14.83 3.31
CA ARG A 71 2.58 15.76 2.28
C ARG A 71 2.36 17.24 2.61
N SER A 72 1.43 17.57 3.51
CA SER A 72 1.08 18.94 3.88
C SER A 72 0.59 18.93 5.33
N GLU A 73 0.51 20.10 5.98
CA GLU A 73 -0.10 20.17 7.32
C GLU A 73 -1.58 19.75 7.29
N ASP A 74 -2.27 20.06 6.18
CA ASP A 74 -3.68 19.69 5.96
C ASP A 74 -3.84 18.23 5.52
N ASP A 75 -2.73 17.52 5.38
CA ASP A 75 -2.68 16.12 4.97
C ASP A 75 -2.63 15.20 6.19
N LEU A 76 -2.37 15.77 7.38
CA LEU A 76 -2.17 15.04 8.63
C LEU A 76 -3.50 14.69 9.29
N ASP A 77 -4.57 15.38 8.90
CA ASP A 77 -5.88 15.39 9.56
C ASP A 77 -6.47 13.97 9.66
N PRO A 78 -6.51 13.36 10.86
CA PRO A 78 -7.01 12.00 11.07
C PRO A 78 -8.41 11.78 10.52
N GLY A 79 -9.27 12.80 10.63
CA GLY A 79 -10.65 12.73 10.22
C GLY A 79 -10.72 12.69 8.70
N LYS A 80 -9.95 13.53 7.99
CA LYS A 80 -9.98 13.48 6.53
C LYS A 80 -9.35 12.20 6.01
N ILE A 81 -8.32 11.64 6.64
CA ILE A 81 -7.74 10.38 6.14
C ILE A 81 -8.81 9.29 6.27
N LYS A 82 -9.43 9.18 7.45
CA LYS A 82 -10.57 8.29 7.69
C LYS A 82 -11.67 8.50 6.65
N GLU A 83 -12.09 9.75 6.43
CA GLU A 83 -13.28 9.99 5.63
C GLU A 83 -12.99 9.80 4.16
N THR A 84 -11.84 10.25 3.65
CA THR A 84 -11.47 10.03 2.25
C THR A 84 -11.29 8.54 1.97
N ALA A 85 -10.77 7.76 2.94
CA ALA A 85 -10.71 6.32 2.82
C ALA A 85 -12.12 5.74 2.63
N ALA A 86 -13.10 6.24 3.38
CA ALA A 86 -14.47 5.77 3.28
C ALA A 86 -15.07 6.19 1.95
N GLU A 87 -14.76 7.40 1.47
CA GLU A 87 -15.31 7.92 0.23
C GLU A 87 -14.80 7.12 -0.98
N HIS A 88 -13.57 6.60 -0.91
CA HIS A 88 -12.98 5.79 -1.97
C HIS A 88 -13.16 4.28 -1.73
N ASP A 89 -13.88 3.88 -0.67
CA ASP A 89 -14.20 2.48 -0.33
C ASP A 89 -12.94 1.65 -0.06
N ILE A 90 -11.95 2.30 0.54
CA ILE A 90 -10.69 1.72 0.98
C ILE A 90 -11.00 1.03 2.31
N THR A 91 -10.88 -0.30 2.39
CA THR A 91 -11.29 -1.10 3.55
C THR A 91 -10.13 -1.87 4.18
N GLN A 92 -8.97 -1.91 3.53
CA GLN A 92 -7.77 -2.55 4.06
C GLN A 92 -7.17 -1.71 5.20
N PRO A 93 -6.32 -2.31 6.06
CA PRO A 93 -5.51 -1.60 7.03
C PRO A 93 -4.71 -0.44 6.42
N ILE A 94 -4.63 0.67 7.14
CA ILE A 94 -3.92 1.88 6.72
C ILE A 94 -2.93 2.18 7.85
N PHE A 95 -1.64 1.97 7.58
CA PHE A 95 -0.56 2.44 8.44
C PHE A 95 -0.51 3.96 8.25
N VAL A 96 -0.94 4.76 9.25
CA VAL A 96 -0.79 6.21 9.14
C VAL A 96 0.59 6.54 9.69
N ASP A 97 1.38 7.31 8.95
CA ASP A 97 2.76 7.61 9.28
C ASP A 97 2.84 9.06 9.76
N SER A 98 3.61 9.35 10.80
CA SER A 98 3.73 10.70 11.34
C SER A 98 4.53 11.60 10.38
N ASP A 99 5.55 11.04 9.72
CA ASP A 99 6.48 11.76 8.84
C ASP A 99 7.45 10.75 8.23
N HIS A 100 7.00 10.09 7.15
CA HIS A 100 7.76 9.24 6.25
C HIS A 100 8.62 8.13 6.89
N ALA A 101 8.34 7.69 8.12
CA ALA A 101 9.16 6.73 8.84
C ALA A 101 9.37 5.44 8.04
N LEU A 102 8.29 4.78 7.60
CA LEU A 102 8.40 3.55 6.81
C LEU A 102 9.09 3.90 5.47
N THR A 103 8.84 5.09 4.92
CA THR A 103 9.46 5.54 3.67
C THR A 103 10.98 5.52 3.80
N ASP A 104 11.54 5.90 4.95
CA ASP A 104 12.97 5.92 5.19
C ASP A 104 13.49 4.50 5.50
N ALA A 105 12.62 3.63 6.00
CA ALA A 105 12.97 2.28 6.42
C ALA A 105 13.17 1.36 5.23
N PHE A 106 12.54 1.68 4.09
CA PHE A 106 12.64 0.92 2.85
C PHE A 106 12.96 1.81 1.64
N GLU A 107 13.43 3.04 1.93
CA GLU A 107 13.91 4.07 1.02
C GLU A 107 13.08 4.24 -0.27
N ASN A 108 11.75 4.33 -0.12
CA ASN A 108 10.81 4.62 -1.20
C ASN A 108 11.10 5.98 -1.84
N GLU A 109 11.09 7.06 -1.05
CA GLU A 109 11.37 8.44 -1.46
C GLU A 109 10.40 9.04 -2.51
N TYR A 110 9.29 8.36 -2.83
CA TYR A 110 8.16 8.87 -3.62
C TYR A 110 6.87 8.65 -2.80
N VAL A 111 5.68 8.96 -3.36
CA VAL A 111 4.43 8.80 -2.61
C VAL A 111 3.41 7.90 -3.29
N PRO A 112 2.84 8.14 -4.49
CA PRO A 112 2.04 7.13 -5.17
C PRO A 112 3.02 6.00 -5.56
N ALA A 113 3.25 5.10 -4.61
CA ALA A 113 4.31 4.10 -4.70
C ALA A 113 3.80 2.78 -4.18
N TYR A 114 4.28 1.67 -4.76
CA TYR A 114 3.66 0.36 -4.54
C TYR A 114 4.74 -0.72 -4.60
N TYR A 115 4.59 -1.71 -3.72
CA TYR A 115 5.58 -2.72 -3.43
C TYR A 115 4.83 -4.04 -3.33
N VAL A 116 5.17 -5.00 -4.19
CA VAL A 116 4.44 -6.23 -4.39
C VAL A 116 5.34 -7.34 -3.86
N PHE A 117 4.86 -8.17 -2.96
CA PHE A 117 5.60 -9.24 -2.29
C PHE A 117 4.84 -10.55 -2.57
N ASP A 118 5.56 -11.66 -2.74
CA ASP A 118 4.91 -12.96 -2.94
C ASP A 118 4.33 -13.47 -1.60
N LYS A 119 3.70 -14.65 -1.60
CA LYS A 119 3.27 -15.33 -0.37
C LYS A 119 4.45 -15.71 0.55
N THR A 120 5.68 -15.46 0.13
CA THR A 120 6.88 -15.53 0.94
C THR A 120 6.95 -14.41 1.97
N GLY A 121 6.41 -13.23 1.63
CA GLY A 121 6.64 -11.99 2.35
C GLY A 121 7.92 -11.31 1.88
N GLN A 122 8.33 -11.57 0.64
CA GLN A 122 9.59 -11.13 0.04
C GLN A 122 9.25 -10.38 -1.25
N LEU A 123 9.93 -9.26 -1.47
CA LEU A 123 9.60 -8.31 -2.53
C LEU A 123 9.83 -8.94 -3.89
N ARG A 124 8.86 -8.77 -4.79
CA ARG A 124 8.87 -9.31 -6.16
C ARG A 124 8.99 -8.18 -7.18
N HIS A 125 8.36 -7.03 -6.94
CA HIS A 125 8.38 -5.90 -7.86
C HIS A 125 8.02 -4.65 -7.06
N PHE A 126 8.45 -3.47 -7.50
CA PHE A 126 8.00 -2.19 -6.95
C PHE A 126 8.08 -1.12 -8.03
N GLN A 127 7.25 -0.08 -7.93
CA GLN A 127 7.32 1.13 -8.73
C GLN A 127 6.81 2.33 -7.94
N ALA A 128 6.92 3.50 -8.54
CA ALA A 128 6.31 4.74 -8.10
C ALA A 128 5.96 5.56 -9.33
N GLY A 129 4.81 6.24 -9.30
CA GLY A 129 4.22 6.88 -10.47
C GLY A 129 3.74 5.86 -11.51
N GLY A 130 3.07 6.33 -12.57
CA GLY A 130 2.58 5.52 -13.68
C GLY A 130 1.23 6.04 -14.16
N SER A 131 0.93 5.85 -15.45
CA SER A 131 -0.26 6.37 -16.11
C SER A 131 -1.54 5.86 -15.40
N GLY A 132 -2.20 6.73 -14.65
CA GLY A 132 -3.35 6.39 -13.81
C GLY A 132 -3.09 5.21 -12.86
N MET A 133 -1.82 4.96 -12.52
CA MET A 133 -1.35 3.76 -11.82
C MET A 133 -1.86 2.45 -12.47
N LYS A 134 -2.31 2.44 -13.73
CA LYS A 134 -3.01 1.29 -14.32
C LYS A 134 -2.12 0.04 -14.39
N MET A 135 -0.81 0.24 -14.58
CA MET A 135 0.19 -0.82 -14.59
C MET A 135 0.26 -1.61 -13.28
N LEU A 136 -0.17 -1.06 -12.14
CA LEU A 136 -0.07 -1.78 -10.88
C LEU A 136 -0.97 -3.01 -10.90
N GLU A 137 -2.16 -2.87 -11.50
CA GLU A 137 -3.07 -3.98 -11.72
C GLU A 137 -2.33 -5.13 -12.40
N LYS A 138 -1.51 -4.83 -13.41
CA LYS A 138 -0.76 -5.87 -14.12
C LYS A 138 0.34 -6.44 -13.25
N ARG A 139 1.11 -5.63 -12.53
CA ARG A 139 2.23 -6.17 -11.74
C ARG A 139 1.72 -7.06 -10.62
N VAL A 140 0.65 -6.65 -9.95
CA VAL A 140 0.00 -7.45 -8.94
C VAL A 140 -0.41 -8.75 -9.62
N ASN A 141 -1.12 -8.65 -10.76
CA ASN A 141 -1.67 -9.85 -11.36
C ASN A 141 -0.56 -10.78 -11.82
N ARG A 142 0.59 -10.26 -12.24
CA ARG A 142 1.71 -11.10 -12.67
C ARG A 142 2.27 -11.86 -11.47
N VAL A 143 2.41 -11.23 -10.31
CA VAL A 143 2.80 -11.95 -9.10
C VAL A 143 1.74 -13.00 -8.74
N LEU A 144 0.44 -12.73 -8.96
CA LEU A 144 -0.60 -13.73 -8.65
C LEU A 144 -0.49 -14.91 -9.60
N ALA A 145 -0.21 -14.61 -10.87
CA ALA A 145 -0.11 -15.58 -11.94
C ALA A 145 1.10 -16.50 -11.71
N GLU A 146 2.22 -15.92 -11.28
CA GLU A 146 3.49 -16.61 -11.10
C GLU A 146 3.54 -17.39 -9.79
N THR A 147 3.13 -16.75 -8.67
CA THR A 147 3.35 -17.25 -7.31
C THR A 147 4.88 -17.50 -7.07
N GLU A 148 5.24 -18.12 -5.94
CA GLU A 148 6.62 -18.47 -5.61
C GLU A 148 7.27 -19.32 -6.71
N MET A 1 16.06 -1.54 -1.62
CA MET A 1 14.95 -2.20 -2.37
C MET A 1 15.53 -2.95 -3.57
N LYS A 2 15.57 -4.28 -3.49
CA LYS A 2 15.98 -5.19 -4.58
C LYS A 2 14.89 -6.25 -4.70
N LEU A 3 14.59 -6.71 -5.92
CA LEU A 3 13.49 -7.64 -6.20
C LEU A 3 13.86 -9.08 -5.80
N ARG A 4 14.20 -9.24 -4.52
CA ARG A 4 14.73 -10.40 -3.85
C ARG A 4 14.73 -10.19 -2.33
N GLN A 5 14.93 -8.96 -1.83
CA GLN A 5 15.17 -8.70 -0.41
C GLN A 5 13.90 -8.98 0.42
N PRO A 6 13.97 -9.08 1.75
CA PRO A 6 12.77 -9.11 2.58
C PRO A 6 12.15 -7.71 2.67
N MET A 7 10.82 -7.67 2.83
CA MET A 7 10.07 -6.45 3.15
C MET A 7 10.64 -5.79 4.42
N PRO A 8 10.69 -4.45 4.52
CA PRO A 8 11.10 -3.75 5.75
C PRO A 8 10.07 -3.92 6.89
N GLU A 9 10.37 -3.31 8.04
CA GLU A 9 9.42 -3.16 9.14
C GLU A 9 8.32 -2.24 8.64
N LEU A 10 7.05 -2.57 8.90
CA LEU A 10 5.93 -1.78 8.44
C LEU A 10 5.58 -0.73 9.51
N THR A 11 6.51 0.19 9.74
CA THR A 11 6.35 1.30 10.67
C THR A 11 5.22 2.24 10.21
N GLY A 12 4.58 2.94 11.16
CA GLY A 12 3.37 3.72 10.93
C GLY A 12 3.05 4.50 12.20
N GLU A 13 3.91 5.45 12.55
CA GLU A 13 3.90 6.13 13.84
C GLU A 13 2.66 7.00 14.11
N LYS A 14 1.84 7.32 13.10
CA LYS A 14 0.62 8.12 13.32
C LYS A 14 -0.57 7.23 13.72
N ALA A 15 -0.48 5.90 13.57
CA ALA A 15 -1.38 4.84 14.06
C ALA A 15 -2.00 4.05 12.91
N TRP A 16 -2.73 2.99 13.26
CA TRP A 16 -3.60 2.22 12.38
C TRP A 16 -4.72 3.10 11.81
N LEU A 17 -5.30 2.65 10.69
CA LEU A 17 -6.48 3.27 10.10
C LEU A 17 -7.29 2.19 9.41
N ASN A 18 -8.58 2.14 9.76
CA ASN A 18 -9.64 1.36 9.13
C ASN A 18 -9.40 -0.15 9.02
N GLY A 19 -8.35 -0.65 9.68
CA GLY A 19 -7.99 -2.06 9.81
C GLY A 19 -6.49 -2.14 10.10
N GLU A 20 -6.06 -3.25 10.70
CA GLU A 20 -4.69 -3.46 11.17
C GLU A 20 -4.20 -4.88 10.95
N VAL A 21 -2.95 -5.00 10.48
CA VAL A 21 -2.20 -6.24 10.17
C VAL A 21 -0.74 -5.82 9.90
N THR A 22 0.17 -6.80 9.77
CA THR A 22 1.56 -6.57 9.41
C THR A 22 2.05 -7.68 8.47
N ARG A 23 3.29 -7.54 8.01
CA ARG A 23 4.08 -8.56 7.32
C ARG A 23 3.99 -9.90 8.05
N GLU A 24 4.02 -9.88 9.37
CA GLU A 24 3.98 -11.10 10.18
C GLU A 24 2.54 -11.64 10.32
N GLN A 25 1.51 -10.78 10.26
CA GLN A 25 0.15 -11.22 10.58
C GLN A 25 -0.48 -12.00 9.42
N LEU A 26 -0.23 -11.59 8.18
CA LEU A 26 -1.00 -12.07 7.02
C LEU A 26 -0.18 -12.78 5.94
N ILE A 27 1.16 -12.70 5.97
CA ILE A 27 1.96 -13.46 5.00
C ILE A 27 1.95 -14.94 5.41
N GLY A 28 1.96 -15.84 4.43
CA GLY A 28 2.13 -17.27 4.66
C GLY A 28 1.82 -18.11 3.41
N GLU A 29 0.83 -17.70 2.61
CA GLU A 29 0.41 -18.50 1.44
C GLU A 29 -0.09 -17.66 0.26
N LYS A 30 -0.59 -16.45 0.51
CA LYS A 30 -1.00 -15.53 -0.55
C LYS A 30 0.10 -14.48 -0.73
N PRO A 31 0.37 -14.02 -1.96
CA PRO A 31 1.24 -12.87 -2.17
C PRO A 31 0.59 -11.62 -1.55
N THR A 32 1.36 -10.56 -1.43
CA THR A 32 0.95 -9.34 -0.72
C THR A 32 1.26 -8.13 -1.59
N LEU A 33 0.40 -7.12 -1.50
CA LEU A 33 0.51 -5.87 -2.21
C LEU A 33 0.40 -4.78 -1.15
N ILE A 34 1.37 -3.88 -1.13
CA ILE A 34 1.38 -2.73 -0.26
C ILE A 34 1.45 -1.51 -1.16
N HIS A 35 0.53 -0.57 -0.96
CA HIS A 35 0.45 0.66 -1.76
C HIS A 35 0.38 1.88 -0.86
N PHE A 36 0.99 2.98 -1.30
CA PHE A 36 1.21 4.20 -0.55
C PHE A 36 0.42 5.27 -1.28
N TRP A 37 -0.25 6.13 -0.49
CA TRP A 37 -1.15 7.17 -0.96
C TRP A 37 -1.12 8.36 0.00
N SER A 38 -1.82 9.45 -0.36
CA SER A 38 -1.99 10.68 0.40
C SER A 38 -3.36 11.23 0.01
N ILE A 39 -4.06 11.86 0.95
CA ILE A 39 -5.36 12.50 0.72
C ILE A 39 -5.26 13.83 -0.05
N SER A 40 -4.06 14.34 -0.32
CA SER A 40 -3.84 15.64 -0.97
C SER A 40 -2.70 15.48 -1.98
N CYS A 41 -2.88 14.55 -2.93
CA CYS A 41 -1.88 14.09 -3.86
C CYS A 41 -2.58 13.83 -5.20
N HIS A 42 -2.28 14.67 -6.20
CA HIS A 42 -2.96 14.76 -7.50
C HIS A 42 -2.80 13.54 -8.41
N LEU A 43 -2.24 12.43 -7.92
CA LEU A 43 -2.28 11.14 -8.62
C LEU A 43 -2.62 10.00 -7.67
N CYS A 44 -2.40 10.15 -6.35
CA CYS A 44 -2.93 9.22 -5.36
C CYS A 44 -4.45 9.16 -5.45
N LYS A 45 -5.11 10.22 -5.93
CA LYS A 45 -6.53 10.21 -6.25
C LYS A 45 -6.93 9.22 -7.34
N GLU A 46 -5.99 8.65 -8.10
CA GLU A 46 -6.26 7.50 -8.99
C GLU A 46 -5.91 6.19 -8.26
N ALA A 47 -4.88 6.23 -7.41
CA ALA A 47 -4.49 5.09 -6.62
C ALA A 47 -5.62 4.67 -5.69
N MET A 48 -6.23 5.59 -4.96
CA MET A 48 -7.28 5.33 -3.98
C MET A 48 -8.48 4.57 -4.55
N PRO A 49 -9.08 4.96 -5.69
CA PRO A 49 -10.12 4.14 -6.28
C PRO A 49 -9.59 2.79 -6.74
N GLN A 50 -8.33 2.66 -7.17
CA GLN A 50 -7.81 1.35 -7.55
C GLN A 50 -7.48 0.52 -6.29
N VAL A 51 -7.18 1.13 -5.15
CA VAL A 51 -7.04 0.44 -3.87
C VAL A 51 -8.40 -0.21 -3.52
N ASN A 52 -9.50 0.53 -3.71
CA ASN A 52 -10.86 0.00 -3.64
C ASN A 52 -11.02 -1.21 -4.58
N GLU A 53 -10.56 -1.09 -5.84
CA GLU A 53 -10.61 -2.21 -6.77
C GLU A 53 -9.80 -3.41 -6.23
N PHE A 54 -8.58 -3.22 -5.70
CA PHE A 54 -7.77 -4.33 -5.21
C PHE A 54 -8.46 -5.06 -4.06
N ARG A 55 -8.94 -4.31 -3.07
CA ARG A 55 -9.51 -4.91 -1.87
C ARG A 55 -10.76 -5.71 -2.14
N ASP A 56 -11.42 -5.46 -3.26
CA ASP A 56 -12.57 -6.25 -3.69
C ASP A 56 -12.26 -7.31 -4.75
N LYS A 57 -11.54 -6.96 -5.82
CA LYS A 57 -11.26 -7.90 -6.92
C LYS A 57 -10.37 -9.05 -6.49
N TYR A 58 -9.37 -8.75 -5.65
CA TYR A 58 -8.27 -9.69 -5.40
C TYR A 58 -8.13 -10.13 -3.95
N GLN A 59 -8.96 -9.66 -3.02
CA GLN A 59 -8.91 -10.04 -1.59
C GLN A 59 -8.76 -11.55 -1.30
N ASP A 60 -9.33 -12.44 -2.12
CA ASP A 60 -9.29 -13.89 -1.90
C ASP A 60 -7.99 -14.53 -2.40
N GLN A 61 -7.18 -13.77 -3.12
CA GLN A 61 -6.03 -14.22 -3.91
C GLN A 61 -4.76 -13.48 -3.51
N LEU A 62 -4.91 -12.32 -2.86
CA LEU A 62 -3.88 -11.33 -2.60
C LEU A 62 -4.15 -10.67 -1.26
N ASN A 63 -3.12 -10.48 -0.44
CA ASN A 63 -3.22 -9.64 0.76
C ASN A 63 -3.13 -8.20 0.29
N VAL A 64 -4.03 -7.33 0.75
CA VAL A 64 -4.10 -5.94 0.34
C VAL A 64 -3.97 -5.10 1.61
N VAL A 65 -2.99 -4.19 1.66
CA VAL A 65 -2.75 -3.31 2.80
C VAL A 65 -2.16 -2.01 2.25
N ALA A 66 -2.39 -0.89 2.93
CA ALA A 66 -2.01 0.41 2.42
C ALA A 66 -1.33 1.27 3.48
N VAL A 67 -0.73 2.36 3.03
CA VAL A 67 0.10 3.23 3.84
C VAL A 67 -0.28 4.66 3.48
N HIS A 68 -0.41 5.53 4.47
CA HIS A 68 -0.72 6.93 4.22
C HIS A 68 0.43 7.75 4.80
N MET A 69 1.05 8.56 3.97
CA MET A 69 2.14 9.44 4.40
C MET A 69 1.78 10.89 4.08
N PRO A 70 1.69 11.78 5.08
CA PRO A 70 1.52 13.21 4.89
C PRO A 70 2.59 13.78 3.95
N ARG A 71 2.16 14.59 2.97
CA ARG A 71 3.07 15.37 2.15
C ARG A 71 3.26 16.79 2.72
N SER A 72 2.36 17.23 3.58
CA SER A 72 2.28 18.61 4.07
C SER A 72 1.67 18.60 5.49
N GLU A 73 1.78 19.72 6.21
CA GLU A 73 1.10 19.91 7.49
C GLU A 73 -0.43 19.95 7.30
N ASP A 74 -0.90 20.24 6.09
CA ASP A 74 -2.32 20.24 5.73
C ASP A 74 -2.79 18.87 5.21
N ASP A 75 -1.93 17.86 5.34
CA ASP A 75 -2.12 16.50 4.78
C ASP A 75 -1.98 15.42 5.86
N LEU A 76 -2.15 15.81 7.13
CA LEU A 76 -2.07 14.93 8.30
C LEU A 76 -3.29 15.04 9.21
N ASP A 77 -4.31 15.81 8.81
CA ASP A 77 -5.53 16.04 9.55
C ASP A 77 -6.27 14.71 9.80
N PRO A 78 -6.38 14.26 11.06
CA PRO A 78 -7.01 12.99 11.44
C PRO A 78 -8.41 12.80 10.83
N GLY A 79 -9.19 13.88 10.78
CA GLY A 79 -10.54 13.86 10.26
C GLY A 79 -10.49 13.66 8.75
N LYS A 80 -9.62 14.38 8.03
CA LYS A 80 -9.57 14.26 6.58
C LYS A 80 -9.02 12.90 6.14
N ILE A 81 -8.08 12.30 6.88
CA ILE A 81 -7.56 10.98 6.55
C ILE A 81 -8.74 10.00 6.56
N LYS A 82 -9.48 9.98 7.66
CA LYS A 82 -10.68 9.16 7.78
C LYS A 82 -11.69 9.52 6.69
N GLU A 83 -12.02 10.79 6.51
CA GLU A 83 -13.13 11.18 5.64
C GLU A 83 -12.83 10.77 4.21
N THR A 84 -11.61 11.01 3.72
CA THR A 84 -11.25 10.61 2.36
C THR A 84 -11.26 9.08 2.22
N ALA A 85 -10.92 8.33 3.28
CA ALA A 85 -11.01 6.88 3.27
C ALA A 85 -12.46 6.42 3.11
N ALA A 86 -13.42 7.15 3.69
CA ALA A 86 -14.83 6.85 3.53
C ALA A 86 -15.28 7.23 2.12
N GLU A 87 -14.82 8.39 1.61
CA GLU A 87 -15.27 8.91 0.32
C GLU A 87 -14.82 7.99 -0.84
N HIS A 88 -13.69 7.31 -0.69
CA HIS A 88 -13.13 6.40 -1.70
C HIS A 88 -13.31 4.93 -1.30
N ASP A 89 -14.04 4.65 -0.21
CA ASP A 89 -14.43 3.32 0.27
C ASP A 89 -13.21 2.39 0.46
N ILE A 90 -12.18 2.95 1.09
CA ILE A 90 -10.88 2.34 1.30
C ILE A 90 -10.96 1.48 2.57
N THR A 91 -11.58 0.30 2.47
CA THR A 91 -11.93 -0.53 3.63
C THR A 91 -10.83 -1.50 4.06
N GLN A 92 -9.81 -1.72 3.22
CA GLN A 92 -8.70 -2.61 3.59
C GLN A 92 -7.89 -1.99 4.74
N PRO A 93 -7.11 -2.78 5.48
CA PRO A 93 -6.16 -2.26 6.46
C PRO A 93 -5.26 -1.16 5.90
N ILE A 94 -5.12 -0.07 6.64
CA ILE A 94 -4.19 1.01 6.35
C ILE A 94 -3.46 1.31 7.65
N PHE A 95 -2.29 1.92 7.54
CA PHE A 95 -1.62 2.52 8.66
C PHE A 95 -1.00 3.80 8.17
N VAL A 96 -0.83 4.75 9.08
CA VAL A 96 -0.51 6.12 8.77
C VAL A 96 0.80 6.41 9.46
N ASP A 97 1.71 7.13 8.80
CA ASP A 97 2.96 7.53 9.41
C ASP A 97 2.95 9.04 9.65
N SER A 98 3.73 9.51 10.62
CA SER A 98 3.86 10.93 10.92
C SER A 98 4.40 11.71 9.72
N ASP A 99 5.30 11.12 8.91
CA ASP A 99 5.81 11.78 7.69
C ASP A 99 6.51 10.82 6.73
N HIS A 100 7.16 9.74 7.20
CA HIS A 100 7.91 8.83 6.34
C HIS A 100 8.07 7.42 6.91
N ALA A 101 8.83 7.26 8.02
CA ALA A 101 9.36 6.01 8.59
C ALA A 101 9.62 4.91 7.55
N LEU A 102 8.68 4.01 7.31
CA LEU A 102 8.77 2.92 6.32
C LEU A 102 9.29 3.46 4.98
N THR A 103 8.74 4.60 4.55
CA THR A 103 9.11 5.31 3.33
C THR A 103 10.60 5.62 3.29
N ASP A 104 11.19 6.05 4.41
CA ASP A 104 12.62 6.36 4.49
C ASP A 104 13.46 5.09 4.65
N ALA A 105 12.87 4.03 5.20
CA ALA A 105 13.56 2.78 5.49
C ALA A 105 13.82 2.00 4.21
N PHE A 106 12.97 2.21 3.20
CA PHE A 106 13.08 1.56 1.89
C PHE A 106 13.14 2.58 0.74
N GLU A 107 13.42 3.84 1.08
CA GLU A 107 13.63 4.99 0.21
C GLU A 107 12.62 5.08 -0.96
N ASN A 108 11.32 5.00 -0.65
CA ASN A 108 10.29 5.37 -1.60
C ASN A 108 10.39 6.87 -1.87
N GLU A 109 10.93 7.25 -3.02
CA GLU A 109 11.14 8.65 -3.40
C GLU A 109 9.86 9.29 -3.96
N TYR A 110 8.70 8.64 -3.78
CA TYR A 110 7.41 9.03 -4.37
C TYR A 110 6.32 8.90 -3.30
N VAL A 111 5.04 9.04 -3.68
CA VAL A 111 3.93 8.69 -2.79
C VAL A 111 2.95 7.73 -3.44
N PRO A 112 2.37 7.94 -4.63
CA PRO A 112 1.56 6.93 -5.29
C PRO A 112 2.49 5.80 -5.74
N ALA A 113 2.82 4.92 -4.80
CA ALA A 113 3.90 3.95 -4.93
C ALA A 113 3.44 2.58 -4.46
N TYR A 114 4.00 1.51 -5.03
CA TYR A 114 3.45 0.16 -4.85
C TYR A 114 4.54 -0.89 -4.91
N TYR A 115 4.39 -1.90 -4.06
CA TYR A 115 5.39 -2.90 -3.75
C TYR A 115 4.64 -4.23 -3.64
N VAL A 116 5.11 -5.23 -4.37
CA VAL A 116 4.44 -6.51 -4.58
C VAL A 116 5.41 -7.57 -4.09
N PHE A 117 4.93 -8.50 -3.27
CA PHE A 117 5.76 -9.46 -2.54
C PHE A 117 5.16 -10.84 -2.74
N ASP A 118 6.02 -11.84 -2.86
CA ASP A 118 5.62 -13.26 -2.89
C ASP A 118 5.04 -13.65 -1.54
N LYS A 119 4.44 -14.85 -1.44
CA LYS A 119 3.81 -15.43 -0.26
C LYS A 119 4.76 -15.69 0.93
N THR A 120 5.97 -15.16 0.89
CA THR A 120 6.99 -15.28 1.94
C THR A 120 7.52 -13.88 2.33
N GLY A 121 6.99 -12.80 1.76
CA GLY A 121 7.36 -11.44 2.12
C GLY A 121 8.71 -11.02 1.56
N GLN A 122 9.15 -11.65 0.46
CA GLN A 122 10.33 -11.23 -0.28
C GLN A 122 9.83 -10.40 -1.45
N LEU A 123 10.48 -9.27 -1.69
CA LEU A 123 10.08 -8.28 -2.68
C LEU A 123 10.16 -8.88 -4.07
N ARG A 124 9.08 -8.77 -4.84
CA ARG A 124 8.93 -9.47 -6.12
C ARG A 124 8.80 -8.48 -7.27
N HIS A 125 8.20 -7.31 -7.06
CA HIS A 125 8.17 -6.22 -8.01
C HIS A 125 7.91 -4.92 -7.22
N PHE A 126 8.39 -3.76 -7.69
CA PHE A 126 8.03 -2.47 -7.11
C PHE A 126 8.14 -1.40 -8.19
N GLN A 127 7.25 -0.40 -8.12
CA GLN A 127 7.13 0.72 -9.05
C GLN A 127 6.46 1.91 -8.34
N ALA A 128 6.34 3.05 -9.02
CA ALA A 128 5.57 4.20 -8.54
C ALA A 128 5.23 5.14 -9.71
N GLY A 129 4.25 6.03 -9.49
CA GLY A 129 3.91 7.16 -10.35
C GLY A 129 3.61 6.82 -11.81
N GLY A 130 2.99 5.67 -12.08
CA GLY A 130 2.55 5.27 -13.42
C GLY A 130 1.19 5.88 -13.76
N SER A 131 0.77 5.79 -15.02
CA SER A 131 -0.46 6.36 -15.56
C SER A 131 -1.70 5.85 -14.80
N GLY A 132 -2.21 6.67 -13.87
CA GLY A 132 -3.24 6.29 -12.90
C GLY A 132 -2.94 4.97 -12.18
N MET A 133 -1.64 4.61 -12.10
CA MET A 133 -1.11 3.32 -11.71
C MET A 133 -1.89 2.10 -12.26
N LYS A 134 -2.56 2.19 -13.42
CA LYS A 134 -3.40 1.09 -13.93
C LYS A 134 -2.58 -0.17 -14.17
N MET A 135 -1.34 0.00 -14.65
CA MET A 135 -0.37 -1.07 -14.84
C MET A 135 -0.07 -1.88 -13.57
N LEU A 136 -0.34 -1.36 -12.38
CA LEU A 136 -0.11 -2.11 -11.14
C LEU A 136 -0.97 -3.36 -11.14
N GLU A 137 -2.20 -3.27 -11.65
CA GLU A 137 -3.09 -4.41 -11.76
C GLU A 137 -2.41 -5.55 -12.50
N LYS A 138 -1.62 -5.23 -13.54
CA LYS A 138 -0.91 -6.26 -14.29
C LYS A 138 0.24 -6.83 -13.51
N ARG A 139 1.04 -6.01 -12.81
CA ARG A 139 2.20 -6.56 -12.07
C ARG A 139 1.72 -7.48 -10.96
N VAL A 140 0.65 -7.09 -10.28
CA VAL A 140 0.03 -7.90 -9.25
C VAL A 140 -0.47 -9.17 -9.91
N ASN A 141 -1.21 -9.04 -11.03
CA ASN A 141 -1.81 -10.22 -11.60
C ASN A 141 -0.75 -11.18 -12.09
N ARG A 142 0.41 -10.69 -12.53
CA ARG A 142 1.49 -11.56 -12.97
C ARG A 142 2.06 -12.34 -11.80
N VAL A 143 2.21 -11.73 -10.62
CA VAL A 143 2.57 -12.47 -9.41
C VAL A 143 1.48 -13.50 -9.08
N LEU A 144 0.19 -13.19 -9.27
CA LEU A 144 -0.89 -14.15 -9.01
C LEU A 144 -0.76 -15.32 -9.98
N ALA A 145 -0.55 -14.99 -11.26
CA ALA A 145 -0.50 -15.95 -12.36
C ALA A 145 0.67 -16.90 -12.20
N GLU A 146 1.79 -16.39 -11.69
CA GLU A 146 2.99 -17.15 -11.36
C GLU A 146 2.75 -18.03 -10.13
N THR A 147 2.00 -17.55 -9.13
CA THR A 147 1.82 -18.24 -7.86
C THR A 147 0.91 -19.45 -7.97
N GLU A 148 -0.26 -19.14 -8.48
CA GLU A 148 -1.45 -19.99 -8.50
C GLU A 148 -1.57 -20.64 -9.88
N MET A 1 15.45 -0.62 -2.04
CA MET A 1 14.60 -1.84 -2.06
C MET A 1 15.00 -2.73 -3.23
N LYS A 2 15.87 -3.72 -2.99
CA LYS A 2 16.16 -4.76 -3.97
C LYS A 2 14.90 -5.61 -4.14
N LEU A 3 14.65 -6.13 -5.33
CA LEU A 3 13.55 -7.07 -5.64
C LEU A 3 13.91 -8.46 -5.11
N ARG A 4 14.16 -8.51 -3.81
CA ARG A 4 14.73 -9.60 -3.04
C ARG A 4 14.50 -9.37 -1.53
N GLN A 5 14.53 -8.11 -1.07
CA GLN A 5 14.51 -7.79 0.36
C GLN A 5 13.19 -8.25 1.02
N PRO A 6 13.20 -8.53 2.33
CA PRO A 6 11.96 -8.67 3.09
C PRO A 6 11.34 -7.27 3.22
N MET A 7 10.11 -7.19 3.72
CA MET A 7 9.54 -5.89 4.10
C MET A 7 10.46 -5.21 5.13
N PRO A 8 10.55 -3.87 5.14
CA PRO A 8 11.37 -3.11 6.08
C PRO A 8 10.73 -3.08 7.47
N GLU A 9 11.32 -2.31 8.40
CA GLU A 9 10.68 -2.01 9.67
C GLU A 9 9.41 -1.22 9.36
N LEU A 10 8.27 -1.70 9.87
CA LEU A 10 6.97 -1.11 9.54
C LEU A 10 6.66 -0.04 10.58
N THR A 11 7.51 0.99 10.59
CA THR A 11 7.40 2.12 11.51
C THR A 11 6.17 2.98 11.19
N GLY A 12 5.57 3.62 12.20
CA GLY A 12 4.42 4.51 12.03
C GLY A 12 3.71 4.70 13.37
N GLU A 13 3.98 5.82 14.05
CA GLU A 13 3.55 6.05 15.44
C GLU A 13 2.02 6.12 15.61
N LYS A 14 1.26 6.35 14.53
CA LYS A 14 -0.21 6.39 14.56
C LYS A 14 -0.80 5.36 13.59
N ALA A 15 -0.05 4.32 13.22
CA ALA A 15 -0.37 3.44 12.10
C ALA A 15 -1.81 2.92 12.01
N TRP A 16 -2.49 2.62 13.11
CA TRP A 16 -3.83 2.03 13.05
C TRP A 16 -4.81 2.92 12.29
N LEU A 17 -5.48 2.35 11.29
CA LEU A 17 -6.65 2.86 10.62
C LEU A 17 -7.20 1.69 9.80
N ASN A 18 -8.51 1.50 9.84
CA ASN A 18 -9.24 0.34 9.32
C ASN A 18 -8.84 -1.01 9.93
N GLY A 19 -7.88 -0.99 10.85
CA GLY A 19 -7.21 -2.13 11.42
C GLY A 19 -5.74 -1.76 11.50
N GLU A 20 -4.92 -2.79 11.48
CA GLU A 20 -3.48 -2.80 11.33
C GLU A 20 -3.07 -4.21 10.88
N VAL A 21 -1.84 -4.35 10.41
CA VAL A 21 -1.21 -5.62 10.03
C VAL A 21 0.26 -5.54 10.41
N THR A 22 1.00 -6.62 10.16
CA THR A 22 2.45 -6.65 10.26
C THR A 22 3.01 -7.35 9.02
N ARG A 23 4.33 -7.47 8.94
CA ARG A 23 5.04 -8.27 7.94
C ARG A 23 4.62 -9.74 7.96
N GLU A 24 4.00 -10.22 9.05
CA GLU A 24 3.75 -11.64 9.27
C GLU A 24 2.30 -11.96 9.64
N GLN A 25 1.51 -10.95 10.02
CA GLN A 25 0.09 -11.13 10.33
C GLN A 25 -0.66 -11.56 9.06
N LEU A 26 -0.27 -10.98 7.91
CA LEU A 26 -0.95 -11.20 6.63
C LEU A 26 -0.22 -12.21 5.73
N ILE A 27 1.07 -12.44 5.92
CA ILE A 27 1.87 -13.35 5.11
C ILE A 27 1.55 -14.81 5.46
N GLY A 28 1.85 -15.69 4.51
CA GLY A 28 1.83 -17.14 4.69
C GLY A 28 1.64 -17.85 3.36
N GLU A 29 0.66 -17.39 2.56
CA GLU A 29 0.24 -18.09 1.34
C GLU A 29 -0.14 -17.15 0.20
N LYS A 30 -0.41 -15.87 0.49
CA LYS A 30 -0.80 -14.89 -0.54
C LYS A 30 0.20 -13.74 -0.59
N PRO A 31 0.47 -13.19 -1.78
CA PRO A 31 1.29 -12.00 -1.94
C PRO A 31 0.62 -10.80 -1.27
N THR A 32 1.38 -9.72 -1.11
CA THR A 32 0.95 -8.52 -0.41
C THR A 32 1.32 -7.31 -1.26
N LEU A 33 0.30 -6.51 -1.61
CA LEU A 33 0.47 -5.20 -2.21
C LEU A 33 0.49 -4.21 -1.07
N ILE A 34 1.64 -3.59 -0.84
CA ILE A 34 1.76 -2.43 0.02
C ILE A 34 1.68 -1.24 -0.94
N HIS A 35 0.66 -0.39 -0.81
CA HIS A 35 0.54 0.79 -1.65
C HIS A 35 0.65 2.04 -0.77
N PHE A 36 1.61 2.89 -1.12
CA PHE A 36 1.72 4.22 -0.56
C PHE A 36 0.76 5.08 -1.38
N TRP A 37 -0.02 5.90 -0.69
CA TRP A 37 -0.96 6.85 -1.27
C TRP A 37 -1.13 8.01 -0.26
N SER A 38 -1.88 9.05 -0.62
CA SER A 38 -2.28 10.10 0.33
C SER A 38 -3.53 10.83 -0.15
N ILE A 39 -4.21 11.50 0.79
CA ILE A 39 -5.48 12.18 0.60
C ILE A 39 -5.39 13.54 -0.12
N SER A 40 -4.20 13.99 -0.52
CA SER A 40 -3.98 15.31 -1.10
C SER A 40 -2.89 15.21 -2.17
N CYS A 41 -2.99 14.22 -3.07
CA CYS A 41 -1.92 13.83 -3.99
C CYS A 41 -2.46 13.65 -5.42
N HIS A 42 -1.68 14.17 -6.37
CA HIS A 42 -2.04 14.39 -7.78
C HIS A 42 -2.15 13.12 -8.63
N LEU A 43 -1.72 11.94 -8.14
CA LEU A 43 -1.95 10.66 -8.82
C LEU A 43 -2.53 9.60 -7.89
N CYS A 44 -2.45 9.81 -6.58
CA CYS A 44 -3.11 8.95 -5.59
C CYS A 44 -4.62 8.95 -5.83
N LYS A 45 -5.18 10.02 -6.39
CA LYS A 45 -6.58 10.06 -6.80
C LYS A 45 -6.96 8.97 -7.81
N GLU A 46 -5.99 8.35 -8.51
CA GLU A 46 -6.28 7.18 -9.35
C GLU A 46 -6.05 5.89 -8.55
N ALA A 47 -5.06 5.91 -7.66
CA ALA A 47 -4.78 4.78 -6.79
C ALA A 47 -5.97 4.47 -5.90
N MET A 48 -6.57 5.47 -5.25
CA MET A 48 -7.68 5.32 -4.32
C MET A 48 -8.87 4.53 -4.89
N PRO A 49 -9.42 4.85 -6.07
CA PRO A 49 -10.47 4.03 -6.66
C PRO A 49 -9.95 2.62 -7.00
N GLN A 50 -8.71 2.47 -7.46
CA GLN A 50 -8.21 1.16 -7.86
C GLN A 50 -7.82 0.31 -6.63
N VAL A 51 -7.56 0.92 -5.49
CA VAL A 51 -7.38 0.26 -4.22
C VAL A 51 -8.70 -0.34 -3.77
N ASN A 52 -9.81 0.42 -3.90
CA ASN A 52 -11.16 -0.13 -3.72
C ASN A 52 -11.34 -1.39 -4.58
N GLU A 53 -10.91 -1.32 -5.84
CA GLU A 53 -11.00 -2.46 -6.76
C GLU A 53 -10.13 -3.62 -6.27
N PHE A 54 -8.86 -3.43 -5.90
CA PHE A 54 -8.04 -4.53 -5.36
C PHE A 54 -8.68 -5.16 -4.14
N ARG A 55 -9.18 -4.33 -3.23
CA ARG A 55 -9.81 -4.75 -1.98
C ARG A 55 -11.00 -5.65 -2.23
N ASP A 56 -11.71 -5.55 -3.35
CA ASP A 56 -12.86 -6.43 -3.64
C ASP A 56 -12.56 -7.50 -4.70
N LYS A 57 -11.92 -7.13 -5.81
CA LYS A 57 -11.65 -8.04 -6.93
C LYS A 57 -10.56 -9.05 -6.58
N TYR A 58 -9.59 -8.65 -5.77
CA TYR A 58 -8.39 -9.44 -5.50
C TYR A 58 -8.18 -9.79 -4.04
N GLN A 59 -9.10 -9.43 -3.14
CA GLN A 59 -9.06 -9.99 -1.79
C GLN A 59 -9.01 -11.54 -1.87
N ASP A 60 -8.44 -12.17 -0.84
CA ASP A 60 -8.15 -13.60 -0.75
C ASP A 60 -7.20 -14.14 -1.82
N GLN A 61 -6.79 -13.33 -2.81
CA GLN A 61 -5.77 -13.67 -3.80
C GLN A 61 -4.53 -12.82 -3.51
N LEU A 62 -4.76 -11.62 -2.98
CA LEU A 62 -3.77 -10.59 -2.70
C LEU A 62 -4.13 -9.97 -1.35
N ASN A 63 -3.16 -9.81 -0.47
CA ASN A 63 -3.35 -9.00 0.73
C ASN A 63 -3.19 -7.54 0.28
N VAL A 64 -4.10 -6.67 0.65
CA VAL A 64 -4.01 -5.25 0.29
C VAL A 64 -3.75 -4.51 1.61
N VAL A 65 -2.69 -3.72 1.68
CA VAL A 65 -2.44 -2.84 2.81
C VAL A 65 -2.05 -1.48 2.24
N ALA A 66 -2.77 -0.46 2.69
CA ALA A 66 -2.48 0.92 2.40
C ALA A 66 -1.41 1.42 3.37
N VAL A 67 -0.67 2.43 2.93
CA VAL A 67 0.22 3.20 3.76
C VAL A 67 -0.09 4.64 3.41
N HIS A 68 -0.53 5.43 4.38
CA HIS A 68 -0.74 6.85 4.14
C HIS A 68 0.61 7.53 4.31
N MET A 69 1.00 8.40 3.37
CA MET A 69 2.30 9.05 3.38
C MET A 69 2.08 10.57 3.52
N PRO A 70 2.26 11.15 4.73
CA PRO A 70 2.08 12.56 5.02
C PRO A 70 2.88 13.47 4.07
N ARG A 71 2.18 14.26 3.25
CA ARG A 71 2.80 15.32 2.45
C ARG A 71 2.91 16.63 3.25
N SER A 72 2.10 16.79 4.29
CA SER A 72 2.05 17.97 5.15
C SER A 72 1.54 17.55 6.53
N GLU A 73 1.67 18.44 7.53
CA GLU A 73 0.99 18.23 8.82
C GLU A 73 -0.53 18.26 8.58
N ASP A 74 -0.99 19.15 7.69
CA ASP A 74 -2.39 19.28 7.26
C ASP A 74 -2.81 18.14 6.30
N ASP A 75 -2.07 17.03 6.27
CA ASP A 75 -2.32 15.88 5.41
C ASP A 75 -2.34 14.59 6.22
N LEU A 76 -1.93 14.62 7.49
CA LEU A 76 -1.90 13.47 8.38
C LEU A 76 -3.05 13.49 9.40
N ASP A 77 -4.00 14.41 9.23
CA ASP A 77 -5.20 14.56 10.02
C ASP A 77 -5.99 13.23 10.01
N PRO A 78 -6.12 12.53 11.16
CA PRO A 78 -6.80 11.25 11.27
C PRO A 78 -8.22 11.26 10.68
N GLY A 79 -8.92 12.38 10.84
CA GLY A 79 -10.27 12.55 10.37
C GLY A 79 -10.27 12.59 8.86
N LYS A 80 -9.39 13.37 8.23
CA LYS A 80 -9.37 13.45 6.77
C LYS A 80 -8.87 12.15 6.15
N ILE A 81 -7.95 11.41 6.77
CA ILE A 81 -7.51 10.14 6.21
C ILE A 81 -8.72 9.20 6.17
N LYS A 82 -9.42 9.06 7.31
CA LYS A 82 -10.64 8.26 7.37
C LYS A 82 -11.67 8.77 6.35
N GLU A 83 -11.95 10.07 6.33
CA GLU A 83 -13.06 10.60 5.53
C GLU A 83 -12.79 10.35 4.05
N THR A 84 -11.58 10.64 3.57
CA THR A 84 -11.26 10.39 2.17
C THR A 84 -11.24 8.88 1.87
N ALA A 85 -10.86 8.04 2.84
CA ALA A 85 -10.95 6.60 2.69
C ALA A 85 -12.40 6.17 2.50
N ALA A 86 -13.34 6.78 3.22
CA ALA A 86 -14.75 6.46 3.09
C ALA A 86 -15.25 6.94 1.73
N GLU A 87 -14.78 8.12 1.29
CA GLU A 87 -15.22 8.70 0.02
C GLU A 87 -14.76 7.89 -1.20
N HIS A 88 -13.73 7.05 -1.05
CA HIS A 88 -13.18 6.22 -2.12
C HIS A 88 -13.32 4.72 -1.80
N ASP A 89 -14.09 4.35 -0.78
CA ASP A 89 -14.45 2.97 -0.43
C ASP A 89 -13.21 2.11 -0.14
N ILE A 90 -12.25 2.72 0.57
CA ILE A 90 -10.96 2.15 0.95
C ILE A 90 -11.17 1.55 2.34
N THR A 91 -11.38 0.23 2.42
CA THR A 91 -11.74 -0.45 3.67
C THR A 91 -10.71 -1.49 4.10
N GLN A 92 -9.69 -1.77 3.28
CA GLN A 92 -8.57 -2.62 3.65
C GLN A 92 -7.77 -1.96 4.79
N PRO A 93 -6.93 -2.71 5.54
CA PRO A 93 -6.01 -2.15 6.51
C PRO A 93 -5.21 -0.98 5.93
N ILE A 94 -5.11 0.10 6.69
CA ILE A 94 -4.29 1.26 6.38
C ILE A 94 -3.21 1.34 7.46
N PHE A 95 -2.08 1.93 7.09
CA PHE A 95 -0.88 2.03 7.89
C PHE A 95 -0.46 3.49 7.83
N VAL A 96 -0.97 4.32 8.73
CA VAL A 96 -0.57 5.71 8.83
C VAL A 96 0.93 5.77 9.19
N ASP A 97 1.58 6.90 8.96
CA ASP A 97 2.99 7.12 9.26
C ASP A 97 3.11 8.40 10.07
N SER A 98 4.09 8.47 10.96
CA SER A 98 4.39 9.63 11.79
C SER A 98 4.66 10.88 10.94
N ASP A 99 5.42 10.72 9.84
CA ASP A 99 5.69 11.77 8.85
C ASP A 99 6.37 11.20 7.61
N HIS A 100 7.34 10.29 7.79
CA HIS A 100 8.10 9.65 6.72
C HIS A 100 8.85 8.37 7.16
N ALA A 101 8.58 7.81 8.34
CA ALA A 101 9.43 6.77 8.92
C ALA A 101 9.62 5.56 8.00
N LEU A 102 8.54 4.88 7.60
CA LEU A 102 8.65 3.73 6.66
C LEU A 102 9.23 4.25 5.34
N THR A 103 8.91 5.48 4.95
CA THR A 103 9.35 6.10 3.71
C THR A 103 10.87 6.19 3.66
N ASP A 104 11.52 6.48 4.79
CA ASP A 104 12.97 6.60 4.90
C ASP A 104 13.59 5.23 5.11
N ALA A 105 12.82 4.27 5.62
CA ALA A 105 13.29 2.92 5.89
C ALA A 105 13.54 2.16 4.60
N PHE A 106 12.81 2.54 3.55
CA PHE A 106 12.88 1.87 2.25
C PHE A 106 12.95 2.86 1.08
N GLU A 107 13.33 4.11 1.40
CA GLU A 107 13.65 5.21 0.50
C GLU A 107 12.64 5.35 -0.67
N ASN A 108 11.35 5.33 -0.34
CA ASN A 108 10.24 5.48 -1.29
C ASN A 108 10.32 6.75 -2.14
N GLU A 109 10.57 7.90 -1.50
CA GLU A 109 10.75 9.24 -2.09
C GLU A 109 9.57 9.80 -2.92
N TYR A 110 8.55 9.00 -3.24
CA TYR A 110 7.42 9.39 -4.10
C TYR A 110 6.16 8.68 -3.63
N VAL A 111 5.06 9.41 -3.48
CA VAL A 111 3.91 8.86 -2.76
C VAL A 111 3.08 7.85 -3.54
N PRO A 112 2.55 8.10 -4.76
CA PRO A 112 1.79 7.10 -5.48
C PRO A 112 2.74 5.98 -5.93
N ALA A 113 3.00 5.05 -5.02
CA ALA A 113 4.03 4.03 -5.14
C ALA A 113 3.50 2.71 -4.60
N TYR A 114 4.04 1.62 -5.12
CA TYR A 114 3.45 0.30 -4.92
C TYR A 114 4.56 -0.73 -4.91
N TYR A 115 4.45 -1.70 -4.00
CA TYR A 115 5.48 -2.66 -3.66
C TYR A 115 4.75 -3.99 -3.49
N VAL A 116 5.08 -4.98 -4.31
CA VAL A 116 4.35 -6.23 -4.41
C VAL A 116 5.30 -7.31 -3.89
N PHE A 117 5.04 -7.81 -2.70
CA PHE A 117 5.81 -8.84 -2.03
C PHE A 117 5.12 -10.17 -2.34
N ASP A 118 5.89 -11.22 -2.62
CA ASP A 118 5.35 -12.57 -2.84
C ASP A 118 4.88 -13.13 -1.50
N LYS A 119 4.24 -14.31 -1.51
CA LYS A 119 3.74 -14.97 -0.29
C LYS A 119 4.85 -15.33 0.71
N THR A 120 6.11 -15.22 0.31
CA THR A 120 7.30 -15.40 1.14
C THR A 120 7.56 -14.17 2.03
N GLY A 121 6.87 -13.06 1.77
CA GLY A 121 7.12 -11.77 2.39
C GLY A 121 8.34 -11.07 1.80
N GLN A 122 8.83 -11.51 0.63
CA GLN A 122 10.01 -10.95 -0.01
C GLN A 122 9.54 -10.17 -1.23
N LEU A 123 10.17 -9.01 -1.47
CA LEU A 123 9.75 -8.06 -2.49
C LEU A 123 9.96 -8.67 -3.88
N ARG A 124 8.90 -8.72 -4.69
CA ARG A 124 8.96 -9.29 -6.03
C ARG A 124 9.08 -8.19 -7.08
N HIS A 125 8.36 -7.08 -6.93
CA HIS A 125 8.42 -5.96 -7.86
C HIS A 125 7.98 -4.69 -7.12
N PHE A 126 8.45 -3.50 -7.53
CA PHE A 126 7.94 -2.23 -7.03
C PHE A 126 8.06 -1.17 -8.13
N GLN A 127 7.23 -0.13 -8.07
CA GLN A 127 7.31 1.07 -8.91
C GLN A 127 6.77 2.27 -8.13
N ALA A 128 6.92 3.46 -8.73
CA ALA A 128 6.28 4.69 -8.29
C ALA A 128 5.97 5.52 -9.52
N GLY A 129 4.75 6.05 -9.58
CA GLY A 129 4.17 6.69 -10.76
C GLY A 129 3.87 5.67 -11.87
N GLY A 130 2.92 6.02 -12.73
CA GLY A 130 2.51 5.24 -13.90
C GLY A 130 1.15 5.75 -14.38
N SER A 131 0.79 5.46 -15.63
CA SER A 131 -0.44 5.91 -16.27
C SER A 131 -1.67 5.40 -15.49
N GLY A 132 -2.26 6.25 -14.64
CA GLY A 132 -3.29 5.87 -13.67
C GLY A 132 -2.89 4.64 -12.85
N MET A 133 -1.60 4.42 -12.63
CA MET A 133 -1.00 3.21 -12.08
C MET A 133 -1.57 1.89 -12.64
N LYS A 134 -2.15 1.89 -13.86
CA LYS A 134 -2.90 0.74 -14.39
C LYS A 134 -2.01 -0.50 -14.52
N MET A 135 -0.73 -0.32 -14.85
CA MET A 135 0.26 -1.39 -14.92
C MET A 135 0.42 -2.16 -13.61
N LEU A 136 0.03 -1.60 -12.45
CA LEU A 136 0.10 -2.30 -11.18
C LEU A 136 -0.81 -3.52 -11.20
N GLU A 137 -1.95 -3.42 -11.88
CA GLU A 137 -2.86 -4.56 -12.08
C GLU A 137 -2.09 -5.72 -12.69
N LYS A 138 -1.20 -5.43 -13.66
CA LYS A 138 -0.41 -6.48 -14.30
C LYS A 138 0.67 -6.97 -13.37
N ARG A 139 1.37 -6.12 -12.62
CA ARG A 139 2.43 -6.60 -11.74
C ARG A 139 1.86 -7.52 -10.68
N VAL A 140 0.73 -7.14 -10.08
CA VAL A 140 0.02 -7.97 -9.13
C VAL A 140 -0.33 -9.25 -9.84
N ASN A 141 -0.98 -9.16 -11.01
CA ASN A 141 -1.52 -10.37 -11.60
C ASN A 141 -0.41 -11.32 -12.00
N ARG A 142 0.78 -10.82 -12.33
CA ARG A 142 1.92 -11.68 -12.65
C ARG A 142 2.32 -12.47 -11.42
N VAL A 143 2.40 -11.83 -10.25
CA VAL A 143 2.64 -12.57 -9.01
C VAL A 143 1.48 -13.54 -8.75
N LEU A 144 0.22 -13.18 -9.04
CA LEU A 144 -0.92 -14.07 -8.81
C LEU A 144 -0.82 -15.30 -9.71
N ALA A 145 -0.40 -15.06 -10.95
CA ALA A 145 -0.19 -16.08 -11.97
C ALA A 145 0.94 -17.06 -11.59
N GLU A 146 1.75 -16.72 -10.59
CA GLU A 146 2.96 -17.42 -10.19
C GLU A 146 2.90 -17.92 -8.74
N THR A 147 1.94 -17.42 -7.94
CA THR A 147 1.68 -17.88 -6.58
C THR A 147 1.30 -19.37 -6.62
N GLU A 148 1.71 -20.13 -5.60
CA GLU A 148 1.45 -21.57 -5.48
C GLU A 148 -0.06 -21.83 -5.52
N MET A 1 15.67 -1.10 -1.68
CA MET A 1 14.78 -2.27 -1.78
C MET A 1 15.12 -3.09 -3.03
N LYS A 2 15.94 -4.15 -2.87
CA LYS A 2 16.18 -5.11 -3.95
C LYS A 2 14.89 -5.88 -4.21
N LEU A 3 14.63 -6.28 -5.46
CA LEU A 3 13.53 -7.17 -5.86
C LEU A 3 13.88 -8.62 -5.45
N ARG A 4 14.08 -8.80 -4.15
CA ARG A 4 14.64 -9.93 -3.45
C ARG A 4 14.42 -9.77 -1.94
N GLN A 5 14.50 -8.54 -1.41
CA GLN A 5 14.48 -8.29 0.03
C GLN A 5 13.16 -8.73 0.66
N PRO A 6 13.16 -9.15 1.93
CA PRO A 6 11.93 -9.29 2.70
C PRO A 6 11.39 -7.88 3.01
N MET A 7 10.16 -7.77 3.52
CA MET A 7 9.68 -6.50 4.05
C MET A 7 10.63 -5.90 5.10
N PRO A 8 10.64 -4.56 5.27
CA PRO A 8 11.28 -3.89 6.40
C PRO A 8 10.36 -4.03 7.64
N GLU A 9 10.57 -3.22 8.68
CA GLU A 9 9.57 -3.06 9.73
C GLU A 9 8.44 -2.26 9.10
N LEU A 10 7.21 -2.74 9.17
CA LEU A 10 6.06 -2.03 8.61
C LEU A 10 5.57 -1.02 9.65
N THR A 11 6.39 -0.01 9.90
CA THR A 11 6.09 1.09 10.79
C THR A 11 4.89 1.90 10.26
N GLY A 12 4.26 2.66 11.16
CA GLY A 12 3.01 3.36 10.96
C GLY A 12 2.74 4.06 12.30
N GLU A 13 3.62 5.00 12.63
CA GLU A 13 3.72 5.56 13.96
C GLU A 13 2.59 6.54 14.33
N LYS A 14 1.70 6.91 13.40
CA LYS A 14 0.50 7.66 13.80
C LYS A 14 -0.46 6.67 14.46
N ALA A 15 -0.92 5.66 13.71
CA ALA A 15 -1.76 4.55 14.17
C ALA A 15 -2.04 3.61 13.00
N TRP A 16 -2.64 2.46 13.28
CA TRP A 16 -3.25 1.61 12.25
C TRP A 16 -4.67 2.13 12.01
N LEU A 17 -5.25 1.81 10.85
CA LEU A 17 -6.57 2.24 10.42
C LEU A 17 -7.15 1.12 9.56
N ASN A 18 -8.48 0.96 9.58
CA ASN A 18 -9.26 -0.13 8.95
C ASN A 18 -8.96 -1.54 9.45
N GLY A 19 -7.95 -1.67 10.28
CA GLY A 19 -7.52 -2.90 10.92
C GLY A 19 -6.03 -2.85 11.22
N GLU A 20 -5.64 -3.43 12.36
CA GLU A 20 -4.25 -3.65 12.71
C GLU A 20 -3.68 -4.76 11.82
N VAL A 21 -2.42 -4.62 11.41
CA VAL A 21 -1.72 -5.57 10.56
C VAL A 21 -0.21 -5.46 10.83
N THR A 22 0.50 -6.49 10.40
CA THR A 22 1.94 -6.58 10.28
C THR A 22 2.20 -7.26 8.92
N ARG A 23 3.44 -7.68 8.66
CA ARG A 23 3.69 -8.56 7.52
C ARG A 23 3.17 -9.93 7.90
N GLU A 24 3.58 -10.39 9.08
CA GLU A 24 3.44 -11.77 9.50
C GLU A 24 2.03 -12.15 9.98
N GLN A 25 1.17 -11.14 10.21
CA GLN A 25 -0.24 -11.35 10.49
C GLN A 25 -0.95 -12.03 9.31
N LEU A 26 -0.51 -11.75 8.07
CA LEU A 26 -1.20 -12.14 6.86
C LEU A 26 -0.30 -12.79 5.79
N ILE A 27 1.03 -12.74 5.96
CA ILE A 27 1.97 -13.51 5.14
C ILE A 27 1.81 -15.01 5.45
N GLY A 28 2.25 -15.82 4.49
CA GLY A 28 2.40 -17.26 4.63
C GLY A 28 1.93 -18.00 3.38
N GLU A 29 0.83 -17.54 2.78
CA GLU A 29 0.22 -18.20 1.63
C GLU A 29 -0.30 -17.20 0.59
N LYS A 30 -0.47 -15.92 0.95
CA LYS A 30 -0.96 -14.90 0.03
C LYS A 30 0.08 -13.79 -0.13
N PRO A 31 0.33 -13.32 -1.36
CA PRO A 31 1.20 -12.19 -1.61
C PRO A 31 0.62 -10.93 -1.00
N THR A 32 1.46 -9.89 -0.88
CA THR A 32 1.11 -8.66 -0.20
C THR A 32 1.50 -7.49 -1.09
N LEU A 33 0.53 -6.63 -1.38
CA LEU A 33 0.75 -5.35 -2.05
C LEU A 33 0.75 -4.30 -0.96
N ILE A 34 1.78 -3.48 -0.93
CA ILE A 34 1.88 -2.31 -0.05
C ILE A 34 1.88 -1.12 -1.01
N HIS A 35 1.03 -0.12 -0.77
CA HIS A 35 1.04 1.13 -1.52
C HIS A 35 1.20 2.32 -0.59
N PHE A 36 1.89 3.35 -1.07
CA PHE A 36 2.16 4.60 -0.37
C PHE A 36 1.39 5.68 -1.10
N TRP A 37 0.57 6.42 -0.35
CA TRP A 37 -0.33 7.44 -0.87
C TRP A 37 -0.49 8.54 0.21
N SER A 38 -1.23 9.61 -0.10
CA SER A 38 -1.56 10.67 0.83
C SER A 38 -2.94 11.24 0.49
N ILE A 39 -3.63 11.88 1.44
CA ILE A 39 -4.98 12.38 1.26
C ILE A 39 -5.11 13.49 0.19
N SER A 40 -4.26 14.51 0.22
CA SER A 40 -4.44 15.71 -0.58
C SER A 40 -3.56 15.61 -1.84
N CYS A 41 -3.72 14.50 -2.57
CA CYS A 41 -2.81 14.05 -3.62
C CYS A 41 -3.56 13.77 -4.92
N HIS A 42 -3.34 14.62 -5.93
CA HIS A 42 -4.02 14.65 -7.23
C HIS A 42 -3.71 13.45 -8.14
N LEU A 43 -2.92 12.45 -7.73
CA LEU A 43 -2.82 11.18 -8.45
C LEU A 43 -2.93 9.96 -7.55
N CYS A 44 -2.91 10.14 -6.22
CA CYS A 44 -3.31 9.08 -5.31
C CYS A 44 -4.79 8.76 -5.56
N LYS A 45 -5.57 9.73 -6.07
CA LYS A 45 -6.94 9.51 -6.52
C LYS A 45 -7.06 8.60 -7.75
N GLU A 46 -5.96 8.12 -8.34
CA GLU A 46 -6.02 7.01 -9.31
C GLU A 46 -5.74 5.69 -8.58
N ALA A 47 -4.84 5.73 -7.59
CA ALA A 47 -4.51 4.55 -6.80
C ALA A 47 -5.69 4.13 -5.92
N MET A 48 -6.39 5.06 -5.26
CA MET A 48 -7.54 4.73 -4.42
C MET A 48 -8.60 3.90 -5.16
N PRO A 49 -9.09 4.32 -6.34
CA PRO A 49 -10.08 3.52 -7.06
C PRO A 49 -9.49 2.18 -7.51
N GLN A 50 -8.21 2.09 -7.85
CA GLN A 50 -7.63 0.82 -8.27
C GLN A 50 -7.47 -0.11 -7.07
N VAL A 51 -7.18 0.43 -5.89
CA VAL A 51 -7.06 -0.32 -4.66
C VAL A 51 -8.44 -0.84 -4.24
N ASN A 52 -9.51 -0.04 -4.38
CA ASN A 52 -10.88 -0.52 -4.18
C ASN A 52 -11.15 -1.68 -5.14
N GLU A 53 -10.77 -1.54 -6.42
CA GLU A 53 -10.87 -2.62 -7.39
C GLU A 53 -10.11 -3.87 -6.92
N PHE A 54 -8.86 -3.78 -6.46
CA PHE A 54 -8.13 -4.94 -5.93
C PHE A 54 -8.83 -5.53 -4.71
N ARG A 55 -9.27 -4.69 -3.80
CA ARG A 55 -9.96 -5.05 -2.57
C ARG A 55 -11.34 -5.66 -2.86
N ASP A 56 -11.75 -5.74 -4.13
CA ASP A 56 -12.88 -6.55 -4.57
C ASP A 56 -12.47 -7.73 -5.47
N LYS A 57 -11.72 -7.49 -6.55
CA LYS A 57 -11.32 -8.53 -7.51
C LYS A 57 -10.38 -9.56 -6.89
N TYR A 58 -9.46 -9.09 -6.06
CA TYR A 58 -8.31 -9.88 -5.60
C TYR A 58 -8.23 -9.99 -4.08
N GLN A 59 -9.11 -9.37 -3.30
CA GLN A 59 -9.10 -9.46 -1.82
C GLN A 59 -8.86 -10.87 -1.21
N ASP A 60 -9.33 -11.95 -1.83
CA ASP A 60 -9.16 -13.32 -1.31
C ASP A 60 -7.81 -13.95 -1.71
N GLN A 61 -7.09 -13.27 -2.60
CA GLN A 61 -5.92 -13.74 -3.33
C GLN A 61 -4.70 -12.85 -3.02
N LEU A 62 -4.95 -11.66 -2.48
CA LEU A 62 -3.98 -10.58 -2.31
C LEU A 62 -4.20 -9.88 -0.97
N ASN A 63 -3.14 -9.77 -0.18
CA ASN A 63 -3.10 -8.93 1.01
C ASN A 63 -2.79 -7.51 0.58
N VAL A 64 -3.77 -6.77 0.04
CA VAL A 64 -3.56 -5.37 -0.27
C VAL A 64 -3.62 -4.58 1.05
N VAL A 65 -2.58 -3.79 1.34
CA VAL A 65 -2.48 -2.93 2.52
C VAL A 65 -1.91 -1.58 2.06
N ALA A 66 -2.10 -0.54 2.87
CA ALA A 66 -1.74 0.82 2.51
C ALA A 66 -0.81 1.43 3.54
N VAL A 67 -0.15 2.51 3.16
CA VAL A 67 0.69 3.33 4.01
C VAL A 67 0.34 4.76 3.64
N HIS A 68 -0.20 5.52 4.60
CA HIS A 68 -0.53 6.91 4.38
C HIS A 68 0.68 7.70 4.89
N MET A 69 1.31 8.49 4.01
CA MET A 69 2.48 9.28 4.34
C MET A 69 2.20 10.77 4.08
N PRO A 70 2.22 11.61 5.13
CA PRO A 70 2.17 13.06 5.01
C PRO A 70 3.22 13.67 4.09
N ARG A 71 2.89 14.83 3.54
CA ARG A 71 3.81 15.73 2.81
C ARG A 71 3.69 17.17 3.32
N SER A 72 2.59 17.50 4.01
CA SER A 72 2.21 18.84 4.45
C SER A 72 1.33 18.71 5.70
N GLU A 73 1.11 19.81 6.42
CA GLU A 73 0.13 19.84 7.51
C GLU A 73 -1.28 19.56 6.95
N ASP A 74 -1.59 20.12 5.78
CA ASP A 74 -2.85 19.92 5.05
C ASP A 74 -2.94 18.53 4.38
N ASP A 75 -2.06 17.62 4.79
CA ASP A 75 -1.91 16.27 4.25
C ASP A 75 -1.75 15.23 5.37
N LEU A 76 -2.05 15.61 6.63
CA LEU A 76 -1.93 14.72 7.80
C LEU A 76 -3.06 14.87 8.81
N ASP A 77 -4.06 15.71 8.53
CA ASP A 77 -5.21 15.94 9.41
C ASP A 77 -5.90 14.61 9.72
N PRO A 78 -5.94 14.16 10.99
CA PRO A 78 -6.52 12.89 11.42
C PRO A 78 -7.94 12.67 10.90
N GLY A 79 -8.76 13.73 10.91
CA GLY A 79 -10.12 13.68 10.45
C GLY A 79 -10.12 13.45 8.95
N LYS A 80 -9.32 14.19 8.18
CA LYS A 80 -9.29 14.04 6.73
C LYS A 80 -8.72 12.70 6.30
N ILE A 81 -7.78 12.08 7.03
CA ILE A 81 -7.29 10.74 6.68
C ILE A 81 -8.47 9.78 6.70
N LYS A 82 -9.18 9.73 7.84
CA LYS A 82 -10.37 8.92 7.97
C LYS A 82 -11.41 9.30 6.91
N GLU A 83 -11.73 10.58 6.75
CA GLU A 83 -12.84 11.00 5.92
C GLU A 83 -12.55 10.71 4.45
N THR A 84 -11.34 10.97 3.96
CA THR A 84 -10.97 10.62 2.60
C THR A 84 -11.06 9.10 2.39
N ALA A 85 -10.70 8.31 3.40
CA ALA A 85 -10.86 6.87 3.33
C ALA A 85 -12.33 6.47 3.19
N ALA A 86 -13.26 7.20 3.81
CA ALA A 86 -14.68 6.94 3.63
C ALA A 86 -15.11 7.40 2.23
N GLU A 87 -14.63 8.56 1.79
CA GLU A 87 -15.11 9.20 0.57
C GLU A 87 -14.65 8.47 -0.69
N HIS A 88 -13.52 7.76 -0.62
CA HIS A 88 -12.95 7.03 -1.76
C HIS A 88 -12.96 5.51 -1.51
N ASP A 89 -13.68 5.05 -0.48
CA ASP A 89 -13.95 3.63 -0.21
C ASP A 89 -12.65 2.84 0.02
N ILE A 90 -11.70 3.51 0.65
CA ILE A 90 -10.40 3.00 1.02
C ILE A 90 -10.61 2.16 2.30
N THR A 91 -10.93 0.88 2.16
CA THR A 91 -11.36 0.03 3.29
C THR A 91 -10.41 -1.15 3.56
N GLN A 92 -9.34 -1.30 2.76
CA GLN A 92 -8.24 -2.23 3.04
C GLN A 92 -7.51 -1.78 4.31
N PRO A 93 -6.79 -2.67 5.03
CA PRO A 93 -5.94 -2.29 6.16
C PRO A 93 -4.95 -1.19 5.78
N ILE A 94 -4.77 -0.20 6.65
CA ILE A 94 -3.97 1.00 6.38
C ILE A 94 -3.05 1.25 7.58
N PHE A 95 -1.76 1.38 7.30
CA PHE A 95 -0.78 1.92 8.24
C PHE A 95 -0.85 3.44 8.03
N VAL A 96 -0.84 4.25 9.08
CA VAL A 96 -0.79 5.70 8.96
C VAL A 96 0.45 6.14 9.74
N ASP A 97 1.27 6.98 9.14
CA ASP A 97 2.56 7.35 9.72
C ASP A 97 2.61 8.85 10.01
N SER A 98 3.36 9.22 11.05
CA SER A 98 3.49 10.61 11.48
C SER A 98 4.18 11.47 10.41
N ASP A 99 5.07 10.93 9.57
CA ASP A 99 5.64 11.67 8.44
C ASP A 99 6.30 10.79 7.38
N HIS A 100 7.11 9.80 7.75
CA HIS A 100 7.96 9.08 6.80
C HIS A 100 8.58 7.76 7.32
N ALA A 101 8.24 7.21 8.50
CA ALA A 101 9.04 6.13 9.10
C ALA A 101 9.33 4.96 8.16
N LEU A 102 8.29 4.25 7.67
CA LEU A 102 8.50 3.12 6.76
C LEU A 102 9.15 3.64 5.46
N THR A 103 8.80 4.86 5.04
CA THR A 103 9.32 5.49 3.85
C THR A 103 10.84 5.59 3.91
N ASP A 104 11.39 5.90 5.08
CA ASP A 104 12.82 6.04 5.32
C ASP A 104 13.46 4.67 5.58
N ALA A 105 12.66 3.70 6.02
CA ALA A 105 13.15 2.37 6.37
C ALA A 105 13.52 1.59 5.12
N PHE A 106 12.83 1.89 4.01
CA PHE A 106 13.00 1.19 2.75
C PHE A 106 13.18 2.16 1.58
N GLU A 107 13.52 3.41 1.94
CA GLU A 107 13.89 4.51 1.06
C GLU A 107 12.98 4.64 -0.17
N ASN A 108 11.66 4.62 0.01
CA ASN A 108 10.71 4.98 -1.02
C ASN A 108 10.84 6.49 -1.30
N GLU A 109 11.61 6.87 -2.31
CA GLU A 109 11.86 8.26 -2.67
C GLU A 109 10.66 8.88 -3.42
N TYR A 110 9.48 8.24 -3.41
CA TYR A 110 8.35 8.60 -4.26
C TYR A 110 7.03 8.58 -3.48
N VAL A 111 5.95 9.03 -4.12
CA VAL A 111 4.58 8.86 -3.65
C VAL A 111 3.79 8.18 -4.80
N PRO A 112 2.45 8.04 -4.72
CA PRO A 112 1.72 6.97 -5.43
C PRO A 112 2.66 5.86 -5.92
N ALA A 113 3.20 5.13 -4.94
CA ALA A 113 4.29 4.18 -5.10
C ALA A 113 3.81 2.87 -4.52
N TYR A 114 4.28 1.75 -5.07
CA TYR A 114 3.69 0.46 -4.78
C TYR A 114 4.75 -0.62 -4.89
N TYR A 115 4.69 -1.59 -3.99
CA TYR A 115 5.70 -2.62 -3.76
C TYR A 115 4.93 -3.93 -3.58
N VAL A 116 5.27 -4.97 -4.34
CA VAL A 116 4.47 -6.20 -4.46
C VAL A 116 5.37 -7.35 -4.03
N PHE A 117 5.02 -8.03 -2.94
CA PHE A 117 5.81 -9.08 -2.32
C PHE A 117 5.07 -10.40 -2.53
N ASP A 118 5.81 -11.49 -2.80
CA ASP A 118 5.27 -12.83 -2.95
C ASP A 118 4.69 -13.34 -1.61
N LYS A 119 4.02 -14.50 -1.59
CA LYS A 119 3.47 -15.09 -0.35
C LYS A 119 4.54 -15.40 0.70
N THR A 120 5.82 -15.46 0.32
CA THR A 120 6.95 -15.58 1.22
C THR A 120 7.15 -14.32 2.07
N GLY A 121 6.75 -13.16 1.54
CA GLY A 121 7.06 -11.85 2.07
C GLY A 121 8.32 -11.28 1.42
N GLN A 122 8.71 -11.72 0.21
CA GLN A 122 9.91 -11.23 -0.47
C GLN A 122 9.48 -10.42 -1.70
N LEU A 123 10.13 -9.27 -1.90
CA LEU A 123 9.75 -8.26 -2.88
C LEU A 123 9.92 -8.78 -4.31
N ARG A 124 8.84 -8.85 -5.09
CA ARG A 124 8.88 -9.26 -6.49
C ARG A 124 9.03 -8.06 -7.42
N HIS A 125 8.28 -6.97 -7.19
CA HIS A 125 8.27 -5.80 -8.07
C HIS A 125 8.01 -4.54 -7.24
N PHE A 126 8.42 -3.39 -7.74
CA PHE A 126 8.01 -2.09 -7.21
C PHE A 126 7.99 -1.10 -8.37
N GLN A 127 7.12 -0.10 -8.30
CA GLN A 127 7.04 1.03 -9.25
C GLN A 127 6.52 2.25 -8.48
N ALA A 128 6.47 3.41 -9.15
CA ALA A 128 5.82 4.60 -8.64
C ALA A 128 5.41 5.51 -9.79
N GLY A 129 4.40 6.35 -9.53
CA GLY A 129 3.89 7.34 -10.48
C GLY A 129 3.25 6.69 -11.72
N GLY A 130 2.97 7.53 -12.71
CA GLY A 130 2.36 7.17 -13.99
C GLY A 130 1.25 8.16 -14.32
N SER A 131 0.66 8.05 -15.52
CA SER A 131 -0.57 8.75 -15.88
C SER A 131 -1.72 8.30 -14.97
N GLY A 132 -1.67 7.03 -14.54
CA GLY A 132 -2.47 6.40 -13.52
C GLY A 132 -1.75 5.10 -13.15
N MET A 133 -2.19 4.45 -12.09
CA MET A 133 -1.55 3.26 -11.51
C MET A 133 -1.78 2.00 -12.38
N LYS A 134 -2.55 2.05 -13.48
CA LYS A 134 -3.06 0.89 -14.24
C LYS A 134 -2.11 -0.30 -14.38
N MET A 135 -0.86 -0.10 -14.79
CA MET A 135 0.11 -1.19 -14.98
C MET A 135 0.45 -1.95 -13.70
N LEU A 136 0.13 -1.42 -12.51
CA LEU A 136 0.34 -2.14 -11.26
C LEU A 136 -0.65 -3.31 -11.17
N GLU A 137 -1.85 -3.20 -11.76
CA GLU A 137 -2.77 -4.33 -11.90
C GLU A 137 -2.05 -5.52 -12.50
N LYS A 138 -1.19 -5.28 -13.50
CA LYS A 138 -0.45 -6.37 -14.14
C LYS A 138 0.64 -6.88 -13.22
N ARG A 139 1.36 -6.03 -12.49
CA ARG A 139 2.41 -6.54 -11.60
C ARG A 139 1.80 -7.37 -10.47
N VAL A 140 0.65 -6.95 -9.92
CA VAL A 140 -0.10 -7.72 -8.95
C VAL A 140 -0.45 -9.02 -9.60
N ASN A 141 -1.06 -8.98 -10.80
CA ASN A 141 -1.60 -10.19 -11.38
C ASN A 141 -0.49 -11.18 -11.70
N ARG A 142 0.72 -10.71 -12.02
CA ARG A 142 1.85 -11.58 -12.27
C ARG A 142 2.29 -12.26 -10.98
N VAL A 143 2.31 -11.56 -9.84
CA VAL A 143 2.53 -12.22 -8.56
C VAL A 143 1.40 -13.22 -8.26
N LEU A 144 0.14 -12.92 -8.62
CA LEU A 144 -0.97 -13.85 -8.38
C LEU A 144 -0.78 -15.10 -9.23
N ALA A 145 -0.36 -14.91 -10.48
CA ALA A 145 -0.09 -15.97 -11.43
C ALA A 145 1.05 -16.86 -10.93
N GLU A 146 2.06 -16.25 -10.29
CA GLU A 146 3.22 -16.90 -9.72
C GLU A 146 2.91 -17.60 -8.38
N THR A 147 1.90 -17.15 -7.64
CA THR A 147 1.51 -17.73 -6.34
C THR A 147 1.08 -19.19 -6.55
N GLU A 148 1.43 -20.06 -5.60
CA GLU A 148 1.13 -21.49 -5.63
C GLU A 148 -0.39 -21.71 -5.70
N MET A 1 16.30 -1.26 -1.45
CA MET A 1 15.35 -2.41 -1.47
C MET A 1 15.82 -3.47 -2.45
N LYS A 2 16.45 -4.54 -1.95
CA LYS A 2 16.75 -5.72 -2.77
C LYS A 2 15.43 -6.41 -3.09
N LEU A 3 15.29 -6.97 -4.29
CA LEU A 3 14.14 -7.79 -4.71
C LEU A 3 14.21 -9.17 -4.06
N ARG A 4 14.26 -9.16 -2.72
CA ARG A 4 14.46 -10.29 -1.81
C ARG A 4 13.88 -9.98 -0.44
N GLN A 5 14.01 -8.73 0.02
CA GLN A 5 13.74 -8.34 1.41
C GLN A 5 12.38 -8.79 1.95
N PRO A 6 12.32 -9.22 3.23
CA PRO A 6 11.09 -9.59 3.92
C PRO A 6 10.34 -8.36 4.47
N MET A 7 10.05 -7.40 3.59
CA MET A 7 9.54 -6.06 3.90
C MET A 7 10.50 -5.24 4.80
N PRO A 8 10.33 -3.90 4.90
CA PRO A 8 11.01 -3.10 5.92
C PRO A 8 10.28 -3.27 7.27
N GLU A 9 10.51 -2.36 8.22
CA GLU A 9 10.00 -2.49 9.60
C GLU A 9 8.50 -2.26 9.76
N LEU A 10 7.90 -1.77 8.68
CA LEU A 10 6.51 -1.33 8.55
C LEU A 10 6.08 -0.47 9.73
N THR A 11 6.93 0.50 10.05
CA THR A 11 6.63 1.52 11.04
C THR A 11 5.45 2.39 10.55
N GLY A 12 4.75 3.04 11.48
CA GLY A 12 3.48 3.72 11.24
C GLY A 12 3.01 4.31 12.55
N GLU A 13 3.88 5.08 13.21
CA GLU A 13 3.69 5.53 14.58
C GLU A 13 2.47 6.45 14.79
N LYS A 14 1.87 7.00 13.73
CA LYS A 14 0.63 7.76 13.89
C LYS A 14 -0.55 6.84 14.23
N ALA A 15 -0.43 5.53 13.97
CA ALA A 15 -1.27 4.39 14.34
C ALA A 15 -1.73 3.64 13.09
N TRP A 16 -2.29 2.44 13.30
CA TRP A 16 -3.01 1.71 12.28
C TRP A 16 -4.40 2.35 12.09
N LEU A 17 -5.04 2.08 10.96
CA LEU A 17 -6.32 2.62 10.55
C LEU A 17 -6.98 1.60 9.62
N ASN A 18 -8.30 1.45 9.69
CA ASN A 18 -9.11 0.52 8.89
C ASN A 18 -8.72 -0.96 8.95
N GLY A 19 -7.73 -1.30 9.75
CA GLY A 19 -7.19 -2.62 9.98
C GLY A 19 -5.71 -2.50 10.34
N GLU A 20 -5.19 -3.56 10.96
CA GLU A 20 -3.84 -3.66 11.50
C GLU A 20 -3.23 -4.98 11.04
N VAL A 21 -2.03 -4.94 10.46
CA VAL A 21 -1.28 -6.11 10.02
C VAL A 21 0.23 -5.83 10.14
N THR A 22 1.00 -6.88 9.89
CA THR A 22 2.43 -6.94 9.70
C THR A 22 2.67 -7.91 8.54
N ARG A 23 3.91 -8.01 8.03
CA ARG A 23 4.27 -9.10 7.10
C ARG A 23 3.79 -10.42 7.68
N GLU A 24 4.04 -10.64 8.97
CA GLU A 24 3.85 -11.95 9.56
C GLU A 24 2.37 -12.31 9.65
N GLN A 25 1.48 -11.32 9.80
CA GLN A 25 0.07 -11.60 10.01
C GLN A 25 -0.62 -11.96 8.69
N LEU A 26 -0.19 -11.36 7.57
CA LEU A 26 -0.87 -11.56 6.28
C LEU A 26 -0.16 -12.54 5.34
N ILE A 27 1.11 -12.87 5.57
CA ILE A 27 1.80 -13.96 4.85
C ILE A 27 1.14 -15.31 5.14
N GLY A 28 1.28 -16.21 4.17
CA GLY A 28 0.92 -17.62 4.32
C GLY A 28 0.74 -18.27 2.96
N GLU A 29 -0.15 -17.71 2.14
CA GLU A 29 -0.52 -18.29 0.85
C GLU A 29 -0.79 -17.25 -0.23
N LYS A 30 -1.00 -15.98 0.15
CA LYS A 30 -1.36 -14.91 -0.78
C LYS A 30 -0.22 -13.90 -0.85
N PRO A 31 0.14 -13.42 -2.05
CA PRO A 31 1.10 -12.33 -2.21
C PRO A 31 0.53 -11.05 -1.60
N THR A 32 1.34 -10.01 -1.50
CA THR A 32 0.97 -8.79 -0.81
C THR A 32 1.33 -7.59 -1.68
N LEU A 33 0.46 -6.58 -1.65
CA LEU A 33 0.68 -5.27 -2.26
C LEU A 33 0.67 -4.25 -1.13
N ILE A 34 1.77 -3.54 -0.95
CA ILE A 34 1.83 -2.35 -0.10
C ILE A 34 1.75 -1.18 -1.09
N HIS A 35 0.94 -0.18 -0.78
CA HIS A 35 0.90 1.06 -1.56
C HIS A 35 0.96 2.26 -0.63
N PHE A 36 1.68 3.30 -1.05
CA PHE A 36 1.69 4.61 -0.45
C PHE A 36 0.74 5.47 -1.27
N TRP A 37 -0.04 6.30 -0.56
CA TRP A 37 -0.94 7.31 -1.10
C TRP A 37 -1.09 8.42 -0.03
N SER A 38 -1.76 9.52 -0.36
CA SER A 38 -2.17 10.55 0.61
C SER A 38 -3.48 11.18 0.16
N ILE A 39 -4.19 11.86 1.07
CA ILE A 39 -5.41 12.63 0.78
C ILE A 39 -5.15 13.85 -0.14
N SER A 40 -3.92 14.13 -0.57
CA SER A 40 -3.55 15.37 -1.24
C SER A 40 -2.86 15.20 -2.61
N CYS A 41 -2.19 14.06 -2.87
CA CYS A 41 -1.33 13.92 -4.05
C CYS A 41 -2.17 13.76 -5.32
N HIS A 42 -1.82 14.54 -6.36
CA HIS A 42 -2.60 14.72 -7.59
C HIS A 42 -2.62 13.49 -8.52
N LEU A 43 -2.06 12.35 -8.12
CA LEU A 43 -2.19 11.07 -8.83
C LEU A 43 -2.63 9.94 -7.89
N CYS A 44 -2.50 10.12 -6.58
CA CYS A 44 -3.07 9.22 -5.56
C CYS A 44 -4.58 9.07 -5.73
N LYS A 45 -5.26 10.09 -6.25
CA LYS A 45 -6.68 10.01 -6.60
C LYS A 45 -7.00 8.91 -7.63
N GLU A 46 -6.02 8.37 -8.37
CA GLU A 46 -6.22 7.22 -9.25
C GLU A 46 -5.93 5.92 -8.48
N ALA A 47 -4.92 5.96 -7.60
CA ALA A 47 -4.57 4.84 -6.77
C ALA A 47 -5.72 4.45 -5.85
N MET A 48 -6.29 5.41 -5.11
CA MET A 48 -7.36 5.19 -4.15
C MET A 48 -8.53 4.37 -4.71
N PRO A 49 -9.13 4.69 -5.88
CA PRO A 49 -10.18 3.86 -6.44
C PRO A 49 -9.66 2.49 -6.91
N GLN A 50 -8.44 2.39 -7.48
CA GLN A 50 -7.97 1.09 -7.94
C GLN A 50 -7.59 0.19 -6.75
N VAL A 51 -7.18 0.79 -5.63
CA VAL A 51 -6.93 0.11 -4.38
C VAL A 51 -8.25 -0.48 -3.87
N ASN A 52 -9.33 0.31 -3.87
CA ASN A 52 -10.68 -0.18 -3.57
C ASN A 52 -11.05 -1.38 -4.44
N GLU A 53 -10.73 -1.31 -5.73
CA GLU A 53 -10.98 -2.40 -6.66
C GLU A 53 -10.19 -3.64 -6.24
N PHE A 54 -8.88 -3.55 -5.96
CA PHE A 54 -8.12 -4.73 -5.51
C PHE A 54 -8.68 -5.30 -4.22
N ARG A 55 -9.02 -4.41 -3.29
CA ARG A 55 -9.57 -4.76 -1.98
C ARG A 55 -10.85 -5.60 -2.14
N ASP A 56 -11.63 -5.46 -3.21
CA ASP A 56 -12.83 -6.29 -3.41
C ASP A 56 -12.71 -7.37 -4.49
N LYS A 57 -11.96 -7.12 -5.57
CA LYS A 57 -11.80 -8.07 -6.67
C LYS A 57 -10.76 -9.12 -6.34
N TYR A 58 -9.66 -8.73 -5.70
CA TYR A 58 -8.48 -9.58 -5.52
C TYR A 58 -8.23 -9.99 -4.06
N GLN A 59 -9.01 -9.49 -3.10
CA GLN A 59 -8.95 -9.89 -1.68
C GLN A 59 -8.69 -11.38 -1.33
N ASP A 60 -9.16 -12.35 -2.12
CA ASP A 60 -9.01 -13.79 -1.86
C ASP A 60 -7.82 -14.40 -2.62
N GLN A 61 -7.08 -13.55 -3.34
CA GLN A 61 -6.04 -13.89 -4.31
C GLN A 61 -4.75 -13.10 -4.03
N LEU A 62 -4.89 -12.04 -3.24
CA LEU A 62 -3.91 -11.01 -2.96
C LEU A 62 -4.23 -10.34 -1.62
N ASN A 63 -3.22 -10.03 -0.81
CA ASN A 63 -3.35 -9.18 0.36
C ASN A 63 -3.13 -7.74 -0.09
N VAL A 64 -3.87 -6.79 0.49
CA VAL A 64 -3.71 -5.37 0.18
C VAL A 64 -3.48 -4.66 1.53
N VAL A 65 -2.53 -3.74 1.58
CA VAL A 65 -2.27 -2.90 2.75
C VAL A 65 -1.79 -1.55 2.24
N ALA A 66 -2.16 -0.48 2.95
CA ALA A 66 -1.88 0.88 2.56
C ALA A 66 -0.92 1.54 3.54
N VAL A 67 -0.37 2.67 3.14
CA VAL A 67 0.41 3.56 3.96
C VAL A 67 -0.08 4.96 3.58
N HIS A 68 -0.68 5.68 4.53
CA HIS A 68 -1.00 7.08 4.31
C HIS A 68 0.26 7.86 4.71
N MET A 69 0.71 8.76 3.83
CA MET A 69 2.00 9.42 3.93
C MET A 69 1.80 10.95 4.01
N PRO A 70 2.26 11.63 5.09
CA PRO A 70 2.19 13.09 5.28
C PRO A 70 2.83 13.90 4.16
N ARG A 71 2.08 14.85 3.59
CA ARG A 71 2.60 15.77 2.56
C ARG A 71 2.50 17.25 2.95
N SER A 72 1.57 17.61 3.83
CA SER A 72 1.27 18.98 4.22
C SER A 72 0.69 18.96 5.63
N GLU A 73 0.56 20.12 6.29
CA GLU A 73 -0.17 20.21 7.56
C GLU A 73 -1.64 19.81 7.32
N ASP A 74 -2.20 20.23 6.19
CA ASP A 74 -3.57 19.89 5.74
C ASP A 74 -3.70 18.45 5.23
N ASP A 75 -2.68 17.62 5.48
CA ASP A 75 -2.62 16.22 5.08
C ASP A 75 -2.53 15.32 6.32
N LEU A 76 -2.28 15.89 7.49
CA LEU A 76 -2.12 15.17 8.76
C LEU A 76 -3.45 14.78 9.38
N ASP A 77 -4.52 15.50 9.00
CA ASP A 77 -5.84 15.48 9.63
C ASP A 77 -6.39 14.05 9.77
N PRO A 78 -6.41 13.45 10.97
CA PRO A 78 -6.88 12.09 11.19
C PRO A 78 -8.31 11.87 10.68
N GLY A 79 -9.15 12.89 10.81
CA GLY A 79 -10.53 12.85 10.40
C GLY A 79 -10.60 12.76 8.88
N LYS A 80 -9.85 13.58 8.14
CA LYS A 80 -9.96 13.55 6.70
C LYS A 80 -9.26 12.34 6.09
N ILE A 81 -8.23 11.77 6.73
CA ILE A 81 -7.64 10.53 6.24
C ILE A 81 -8.71 9.44 6.33
N LYS A 82 -9.32 9.29 7.51
CA LYS A 82 -10.41 8.34 7.72
C LYS A 82 -11.53 8.60 6.71
N GLU A 83 -12.02 9.84 6.62
CA GLU A 83 -13.21 10.13 5.85
C GLU A 83 -12.95 9.92 4.37
N THR A 84 -11.80 10.37 3.83
CA THR A 84 -11.48 10.13 2.42
C THR A 84 -11.30 8.63 2.16
N ALA A 85 -10.73 7.87 3.10
CA ALA A 85 -10.64 6.42 2.99
C ALA A 85 -12.02 5.79 2.95
N ALA A 86 -13.02 6.35 3.65
CA ALA A 86 -14.38 5.85 3.60
C ALA A 86 -15.01 6.23 2.25
N GLU A 87 -14.74 7.46 1.78
CA GLU A 87 -15.35 7.97 0.54
C GLU A 87 -14.84 7.20 -0.68
N HIS A 88 -13.58 6.73 -0.64
CA HIS A 88 -12.96 5.96 -1.70
C HIS A 88 -12.95 4.46 -1.38
N ASP A 89 -13.62 4.04 -0.29
CA ASP A 89 -13.92 2.64 0.04
C ASP A 89 -12.64 1.80 0.26
N ILE A 90 -11.66 2.42 0.92
CA ILE A 90 -10.30 1.93 1.17
C ILE A 90 -10.29 1.21 2.53
N THR A 91 -11.03 0.10 2.66
CA THR A 91 -11.28 -0.55 3.94
C THR A 91 -10.24 -1.65 4.26
N GLN A 92 -9.23 -1.87 3.41
CA GLN A 92 -8.10 -2.73 3.76
C GLN A 92 -7.30 -2.08 4.91
N PRO A 93 -6.43 -2.83 5.62
CA PRO A 93 -5.49 -2.27 6.60
C PRO A 93 -4.70 -1.08 6.06
N ILE A 94 -4.55 -0.03 6.87
CA ILE A 94 -3.80 1.17 6.51
C ILE A 94 -2.87 1.50 7.68
N PHE A 95 -1.57 1.61 7.38
CA PHE A 95 -0.61 2.21 8.28
C PHE A 95 -0.75 3.72 8.10
N VAL A 96 -0.67 4.51 9.16
CA VAL A 96 -0.57 5.96 9.03
C VAL A 96 0.77 6.35 9.60
N ASP A 97 1.58 6.95 8.74
CA ASP A 97 2.93 7.38 9.05
C ASP A 97 2.86 8.77 9.68
N SER A 98 3.68 9.01 10.71
CA SER A 98 3.70 10.26 11.44
C SER A 98 4.50 11.33 10.69
N ASP A 99 5.62 10.95 10.06
CA ASP A 99 6.51 11.83 9.29
C ASP A 99 7.65 10.99 8.69
N HIS A 100 7.40 10.55 7.47
CA HIS A 100 8.27 9.84 6.52
C HIS A 100 8.96 8.56 7.02
N ALA A 101 8.59 7.99 8.18
CA ALA A 101 9.38 6.93 8.80
C ALA A 101 9.55 5.72 7.89
N LEU A 102 8.46 5.07 7.46
CA LEU A 102 8.54 3.91 6.56
C LEU A 102 9.11 4.40 5.20
N THR A 103 8.88 5.66 4.83
CA THR A 103 9.40 6.21 3.59
C THR A 103 10.93 6.17 3.59
N ASP A 104 11.56 6.47 4.72
CA ASP A 104 13.00 6.44 4.88
C ASP A 104 13.50 5.01 5.04
N ALA A 105 12.64 4.12 5.54
CA ALA A 105 12.99 2.74 5.84
C ALA A 105 13.19 1.93 4.58
N PHE A 106 12.50 2.31 3.49
CA PHE A 106 12.67 1.69 2.20
C PHE A 106 12.88 2.68 1.05
N GLU A 107 13.31 3.89 1.41
CA GLU A 107 13.65 5.01 0.53
C GLU A 107 12.69 5.16 -0.66
N ASN A 108 11.37 5.16 -0.38
CA ASN A 108 10.36 5.53 -1.36
C ASN A 108 10.48 7.02 -1.67
N GLU A 109 11.21 7.38 -2.73
CA GLU A 109 11.43 8.76 -3.14
C GLU A 109 10.18 9.35 -3.86
N TYR A 110 9.01 8.73 -3.72
CA TYR A 110 7.77 9.10 -4.39
C TYR A 110 6.63 9.03 -3.36
N VAL A 111 5.37 9.18 -3.79
CA VAL A 111 4.24 8.92 -2.91
C VAL A 111 3.23 7.96 -3.53
N PRO A 112 2.59 8.20 -4.68
CA PRO A 112 1.80 7.17 -5.37
C PRO A 112 2.77 6.06 -5.82
N ALA A 113 3.08 5.16 -4.88
CA ALA A 113 4.15 4.18 -5.01
C ALA A 113 3.70 2.84 -4.45
N TYR A 114 4.25 1.74 -4.97
CA TYR A 114 3.70 0.42 -4.71
C TYR A 114 4.78 -0.64 -4.82
N TYR A 115 4.70 -1.63 -3.93
CA TYR A 115 5.68 -2.68 -3.73
C TYR A 115 4.91 -4.00 -3.64
N VAL A 116 5.35 -5.02 -4.36
CA VAL A 116 4.63 -6.26 -4.58
C VAL A 116 5.52 -7.38 -4.05
N PHE A 117 4.99 -8.25 -3.19
CA PHE A 117 5.75 -9.25 -2.45
C PHE A 117 5.09 -10.61 -2.65
N ASP A 118 5.90 -11.66 -2.69
CA ASP A 118 5.50 -13.06 -2.82
C ASP A 118 4.60 -13.50 -1.64
N LYS A 119 3.93 -14.66 -1.76
CA LYS A 119 3.14 -15.23 -0.66
C LYS A 119 3.99 -15.63 0.54
N THR A 120 5.29 -15.81 0.36
CA THR A 120 6.23 -16.11 1.44
C THR A 120 6.84 -14.80 1.99
N GLY A 121 6.38 -13.63 1.51
CA GLY A 121 6.78 -12.32 2.00
C GLY A 121 8.20 -12.00 1.59
N GLN A 122 8.50 -12.01 0.30
CA GLN A 122 9.78 -11.57 -0.25
C GLN A 122 9.47 -10.58 -1.36
N LEU A 123 10.18 -9.46 -1.40
CA LEU A 123 9.94 -8.39 -2.37
C LEU A 123 10.17 -8.90 -3.79
N ARG A 124 9.11 -8.93 -4.61
CA ARG A 124 9.19 -9.35 -6.00
C ARG A 124 9.56 -8.16 -6.89
N HIS A 125 8.88 -7.02 -6.74
CA HIS A 125 8.96 -5.89 -7.66
C HIS A 125 8.44 -4.64 -6.96
N PHE A 126 8.81 -3.44 -7.42
CA PHE A 126 8.20 -2.18 -6.96
C PHE A 126 8.25 -1.17 -8.10
N GLN A 127 7.35 -0.18 -8.07
CA GLN A 127 7.27 0.94 -9.00
C GLN A 127 6.68 2.15 -8.27
N ALA A 128 6.63 3.29 -8.97
CA ALA A 128 5.91 4.48 -8.53
C ALA A 128 5.57 5.35 -9.74
N GLY A 129 4.56 6.21 -9.59
CA GLY A 129 4.18 7.21 -10.57
C GLY A 129 3.85 6.66 -11.97
N GLY A 130 3.39 5.40 -12.07
CA GLY A 130 2.86 4.86 -13.32
C GLY A 130 1.54 5.52 -13.67
N SER A 131 1.16 5.48 -14.95
CA SER A 131 -0.03 6.14 -15.50
C SER A 131 -1.30 5.72 -14.76
N GLY A 132 -1.78 6.56 -13.83
CA GLY A 132 -2.86 6.26 -12.90
C GLY A 132 -2.68 4.92 -12.16
N MET A 133 -1.44 4.45 -12.02
CA MET A 133 -1.06 3.11 -11.58
C MET A 133 -1.82 1.97 -12.29
N LYS A 134 -2.32 2.15 -13.51
CA LYS A 134 -3.04 1.10 -14.25
C LYS A 134 -2.16 -0.14 -14.44
N MET A 135 -0.89 0.05 -14.80
CA MET A 135 0.11 -1.00 -14.94
C MET A 135 0.37 -1.78 -13.65
N LEU A 136 0.00 -1.27 -12.48
CA LEU A 136 0.20 -1.99 -11.22
C LEU A 136 -0.64 -3.25 -11.22
N GLU A 137 -1.84 -3.19 -11.81
CA GLU A 137 -2.71 -4.35 -11.99
C GLU A 137 -1.91 -5.49 -12.62
N LYS A 138 -1.10 -5.19 -13.63
CA LYS A 138 -0.35 -6.24 -14.33
C LYS A 138 0.75 -6.80 -13.44
N ARG A 139 1.53 -5.98 -12.76
CA ARG A 139 2.65 -6.52 -11.97
C ARG A 139 2.13 -7.37 -10.83
N VAL A 140 1.08 -6.91 -10.15
CA VAL A 140 0.44 -7.62 -9.07
C VAL A 140 -0.13 -8.90 -9.64
N ASN A 141 -0.84 -8.82 -10.79
CA ASN A 141 -1.48 -9.99 -11.31
C ASN A 141 -0.45 -11.03 -11.71
N ARG A 142 0.73 -10.63 -12.19
CA ARG A 142 1.73 -11.61 -12.61
C ARG A 142 2.20 -12.41 -11.41
N VAL A 143 2.47 -11.76 -10.28
CA VAL A 143 2.83 -12.47 -9.05
C VAL A 143 1.69 -13.37 -8.60
N LEU A 144 0.42 -12.97 -8.74
CA LEU A 144 -0.68 -13.73 -8.18
C LEU A 144 -0.99 -14.92 -9.07
N ALA A 145 -0.94 -14.67 -10.37
CA ALA A 145 -1.12 -15.66 -11.43
C ALA A 145 -0.06 -16.77 -11.31
N GLU A 146 1.16 -16.39 -10.93
CA GLU A 146 2.24 -17.32 -10.64
C GLU A 146 1.98 -18.10 -9.34
N THR A 147 1.37 -17.46 -8.33
CA THR A 147 1.16 -18.04 -7.01
C THR A 147 0.10 -19.14 -7.02
N GLU A 148 -1.05 -18.72 -7.50
CA GLU A 148 -2.31 -19.46 -7.56
C GLU A 148 -2.12 -20.75 -8.34
N MET A 1 15.44 -0.87 -1.45
CA MET A 1 14.66 -2.12 -1.68
C MET A 1 15.27 -2.90 -2.84
N LYS A 2 15.96 -4.00 -2.54
CA LYS A 2 16.41 -4.94 -3.56
C LYS A 2 15.22 -5.82 -3.95
N LEU A 3 15.22 -6.36 -5.17
CA LEU A 3 14.28 -7.43 -5.49
C LEU A 3 14.65 -8.63 -4.63
N ARG A 4 13.65 -9.43 -4.28
CA ARG A 4 13.73 -10.58 -3.40
C ARG A 4 14.47 -10.32 -2.07
N GLN A 5 14.11 -9.23 -1.40
CA GLN A 5 14.46 -8.96 0.00
C GLN A 5 13.16 -9.07 0.82
N PRO A 6 13.21 -9.21 2.15
CA PRO A 6 12.00 -9.23 2.97
C PRO A 6 11.38 -7.84 3.08
N MET A 7 10.06 -7.81 3.22
CA MET A 7 9.28 -6.63 3.58
C MET A 7 9.78 -6.11 4.95
N PRO A 8 9.89 -4.78 5.17
CA PRO A 8 10.30 -4.22 6.45
C PRO A 8 9.24 -4.42 7.55
N GLU A 9 9.53 -3.94 8.76
CA GLU A 9 8.75 -4.21 9.98
C GLU A 9 7.45 -3.40 10.08
N LEU A 10 7.17 -2.64 9.03
CA LEU A 10 6.00 -1.76 8.84
C LEU A 10 5.86 -0.81 10.03
N THR A 11 6.91 -0.03 10.27
CA THR A 11 7.05 0.93 11.36
C THR A 11 5.95 2.01 11.33
N GLY A 12 5.73 2.64 12.49
CA GLY A 12 4.87 3.80 12.68
C GLY A 12 4.63 4.00 14.18
N GLU A 13 3.68 4.86 14.56
CA GLU A 13 3.24 5.01 15.95
C GLU A 13 1.72 5.17 16.01
N LYS A 14 1.14 6.22 15.39
CA LYS A 14 -0.33 6.28 15.25
C LYS A 14 -0.78 5.18 14.30
N ALA A 15 0.01 4.97 13.25
CA ALA A 15 -0.19 4.17 12.06
C ALA A 15 -1.56 3.53 11.84
N TRP A 16 -1.86 2.41 12.50
CA TRP A 16 -2.99 1.58 12.10
C TRP A 16 -4.31 2.33 12.00
N LEU A 17 -5.05 2.01 10.94
CA LEU A 17 -6.41 2.44 10.64
C LEU A 17 -7.03 1.28 9.86
N ASN A 18 -8.32 1.04 10.06
CA ASN A 18 -9.11 -0.11 9.58
C ASN A 18 -8.74 -1.46 10.17
N GLY A 19 -7.60 -1.50 10.83
CA GLY A 19 -7.01 -2.63 11.53
C GLY A 19 -5.50 -2.56 11.43
N GLU A 20 -4.83 -3.03 12.48
CA GLU A 20 -3.39 -3.24 12.48
C GLU A 20 -3.06 -4.59 11.86
N VAL A 21 -1.86 -4.69 11.26
CA VAL A 21 -1.27 -5.88 10.68
C VAL A 21 0.26 -5.74 10.77
N THR A 22 0.98 -6.76 10.32
CA THR A 22 2.41 -6.77 10.08
C THR A 22 2.61 -7.54 8.77
N ARG A 23 3.86 -7.69 8.33
CA ARG A 23 4.18 -8.63 7.26
C ARG A 23 3.68 -10.02 7.68
N GLU A 24 3.99 -10.45 8.90
CA GLU A 24 3.76 -11.83 9.31
C GLU A 24 2.28 -12.13 9.54
N GLN A 25 1.47 -11.14 9.92
CA GLN A 25 0.09 -11.36 10.36
C GLN A 25 -0.78 -11.96 9.26
N LEU A 26 -0.45 -11.67 8.00
CA LEU A 26 -1.26 -12.02 6.83
C LEU A 26 -0.46 -12.77 5.76
N ILE A 27 0.87 -12.87 5.88
CA ILE A 27 1.69 -13.70 5.00
C ILE A 27 1.39 -15.19 5.24
N GLY A 28 1.69 -15.99 4.22
CA GLY A 28 1.69 -17.45 4.29
C GLY A 28 1.24 -18.11 3.00
N GLU A 29 0.27 -17.52 2.30
CA GLU A 29 -0.29 -18.13 1.09
C GLU A 29 -0.75 -17.12 0.03
N LYS A 30 -1.06 -15.88 0.43
CA LYS A 30 -1.44 -14.82 -0.51
C LYS A 30 -0.29 -13.83 -0.61
N PRO A 31 0.09 -13.37 -1.81
CA PRO A 31 1.03 -12.27 -1.97
C PRO A 31 0.46 -11.02 -1.31
N THR A 32 1.32 -10.03 -1.07
CA THR A 32 0.96 -8.82 -0.35
C THR A 32 1.42 -7.61 -1.16
N LEU A 33 0.56 -6.59 -1.23
CA LEU A 33 0.85 -5.32 -1.86
C LEU A 33 0.82 -4.25 -0.79
N ILE A 34 1.84 -3.40 -0.77
CA ILE A 34 1.84 -2.16 0.00
C ILE A 34 1.69 -1.06 -1.06
N HIS A 35 0.85 -0.06 -0.79
CA HIS A 35 0.80 1.15 -1.60
C HIS A 35 0.93 2.36 -0.70
N PHE A 36 1.87 3.24 -1.04
CA PHE A 36 1.98 4.56 -0.47
C PHE A 36 1.02 5.41 -1.32
N TRP A 37 0.28 6.29 -0.63
CA TRP A 37 -0.68 7.21 -1.20
C TRP A 37 -0.89 8.33 -0.17
N SER A 38 -1.74 9.33 -0.48
CA SER A 38 -2.24 10.28 0.50
C SER A 38 -3.57 10.85 -0.02
N ILE A 39 -4.37 11.41 0.89
CA ILE A 39 -5.65 12.08 0.62
C ILE A 39 -5.54 13.31 -0.29
N SER A 40 -4.32 13.80 -0.58
CA SER A 40 -4.08 15.06 -1.25
C SER A 40 -2.80 14.96 -2.11
N CYS A 41 -2.75 14.06 -3.10
CA CYS A 41 -1.67 14.05 -4.10
C CYS A 41 -2.21 13.68 -5.49
N HIS A 42 -1.59 14.27 -6.52
CA HIS A 42 -2.06 14.32 -7.91
C HIS A 42 -2.25 12.97 -8.60
N LEU A 43 -1.63 11.88 -8.14
CA LEU A 43 -1.89 10.54 -8.69
C LEU A 43 -2.45 9.58 -7.65
N CYS A 44 -2.38 9.95 -6.37
CA CYS A 44 -3.04 9.25 -5.29
C CYS A 44 -4.56 9.23 -5.48
N LYS A 45 -5.13 10.25 -6.15
CA LYS A 45 -6.55 10.24 -6.50
C LYS A 45 -6.91 9.15 -7.52
N GLU A 46 -5.93 8.60 -8.26
CA GLU A 46 -6.19 7.44 -9.12
C GLU A 46 -5.92 6.15 -8.31
N ALA A 47 -5.02 6.22 -7.32
CA ALA A 47 -4.76 5.10 -6.44
C ALA A 47 -6.04 4.73 -5.70
N MET A 48 -6.70 5.67 -5.01
CA MET A 48 -7.82 5.34 -4.15
C MET A 48 -8.96 4.57 -4.84
N PRO A 49 -9.42 4.91 -6.07
CA PRO A 49 -10.42 4.09 -6.75
C PRO A 49 -9.84 2.75 -7.20
N GLN A 50 -8.60 2.70 -7.70
CA GLN A 50 -8.07 1.46 -8.26
C GLN A 50 -7.78 0.47 -7.14
N VAL A 51 -7.31 0.96 -6.00
CA VAL A 51 -7.07 0.20 -4.79
C VAL A 51 -8.37 -0.48 -4.37
N ASN A 52 -9.47 0.27 -4.29
CA ASN A 52 -10.77 -0.29 -3.95
C ASN A 52 -11.15 -1.40 -4.93
N GLU A 53 -10.96 -1.16 -6.24
CA GLU A 53 -11.27 -2.13 -7.27
C GLU A 53 -10.44 -3.40 -7.11
N PHE A 54 -9.11 -3.34 -7.23
CA PHE A 54 -8.30 -4.56 -7.23
C PHE A 54 -8.41 -5.28 -5.89
N ARG A 55 -8.59 -4.56 -4.78
CA ARG A 55 -8.85 -5.18 -3.48
C ARG A 55 -10.09 -6.04 -3.58
N ASP A 56 -11.20 -5.56 -4.14
CA ASP A 56 -12.43 -6.34 -4.22
C ASP A 56 -12.27 -7.52 -5.19
N LYS A 57 -11.62 -7.30 -6.34
CA LYS A 57 -11.40 -8.34 -7.34
C LYS A 57 -10.55 -9.48 -6.78
N TYR A 58 -9.61 -9.17 -5.88
CA TYR A 58 -8.56 -10.12 -5.48
C TYR A 58 -8.46 -10.36 -3.97
N GLN A 59 -9.35 -9.84 -3.12
CA GLN A 59 -9.27 -9.93 -1.66
C GLN A 59 -9.00 -11.34 -1.06
N ASP A 60 -9.44 -12.42 -1.72
CA ASP A 60 -9.22 -13.80 -1.24
C ASP A 60 -7.89 -14.38 -1.76
N GLN A 61 -7.22 -13.66 -2.65
CA GLN A 61 -6.10 -14.09 -3.48
C GLN A 61 -4.87 -13.21 -3.24
N LEU A 62 -5.08 -12.05 -2.61
CA LEU A 62 -4.11 -10.95 -2.46
C LEU A 62 -4.37 -10.26 -1.13
N ASN A 63 -3.30 -9.95 -0.39
CA ASN A 63 -3.35 -9.07 0.76
C ASN A 63 -3.07 -7.67 0.24
N VAL A 64 -3.76 -6.66 0.77
CA VAL A 64 -3.52 -5.27 0.43
C VAL A 64 -3.35 -4.54 1.75
N VAL A 65 -2.31 -3.72 1.86
CA VAL A 65 -2.12 -2.78 2.95
C VAL A 65 -1.73 -1.44 2.33
N ALA A 66 -1.95 -0.36 3.05
CA ALA A 66 -1.78 0.99 2.54
C ALA A 66 -0.92 1.79 3.49
N VAL A 67 -0.31 2.87 3.03
CA VAL A 67 0.53 3.73 3.82
C VAL A 67 0.14 5.16 3.45
N HIS A 68 -0.31 5.94 4.44
CA HIS A 68 -0.70 7.31 4.24
C HIS A 68 0.49 8.17 4.67
N MET A 69 1.23 8.71 3.70
CA MET A 69 2.46 9.44 3.97
C MET A 69 2.18 10.69 4.83
N PRO A 70 2.75 10.82 6.04
CA PRO A 70 2.59 12.01 6.90
C PRO A 70 3.46 13.18 6.41
N ARG A 71 3.17 13.68 5.21
CA ARG A 71 3.91 14.76 4.56
C ARG A 71 3.90 16.05 5.38
N SER A 72 2.85 16.26 6.18
CA SER A 72 2.51 17.48 6.88
C SER A 72 1.55 17.10 8.02
N GLU A 73 1.23 18.05 8.90
CA GLU A 73 0.17 17.90 9.90
C GLU A 73 -1.15 17.55 9.19
N ASP A 74 -1.43 18.23 8.06
CA ASP A 74 -2.63 18.02 7.24
C ASP A 74 -2.56 16.73 6.41
N ASP A 75 -1.58 15.87 6.69
CA ASP A 75 -1.37 14.57 6.05
C ASP A 75 -1.22 13.47 7.10
N LEU A 76 -1.44 13.82 8.37
CA LEU A 76 -1.54 12.88 9.48
C LEU A 76 -2.83 13.11 10.27
N ASP A 77 -3.60 14.15 9.93
CA ASP A 77 -4.94 14.45 10.41
C ASP A 77 -5.83 13.21 10.28
N PRO A 78 -6.19 12.55 11.39
CA PRO A 78 -6.91 11.29 11.35
C PRO A 78 -8.34 11.47 10.82
N GLY A 79 -8.89 12.67 10.85
CA GLY A 79 -10.23 12.96 10.40
C GLY A 79 -10.27 12.87 8.89
N LYS A 80 -9.37 13.56 8.16
CA LYS A 80 -9.44 13.53 6.71
C LYS A 80 -8.98 12.17 6.16
N ILE A 81 -8.04 11.47 6.79
CA ILE A 81 -7.63 10.16 6.31
C ILE A 81 -8.84 9.24 6.39
N LYS A 82 -9.50 9.20 7.55
CA LYS A 82 -10.73 8.44 7.73
C LYS A 82 -11.80 8.88 6.72
N GLU A 83 -12.06 10.17 6.61
CA GLU A 83 -13.19 10.65 5.81
C GLU A 83 -12.98 10.29 4.35
N THR A 84 -11.78 10.53 3.80
CA THR A 84 -11.48 10.12 2.43
C THR A 84 -11.51 8.59 2.29
N ALA A 85 -11.12 7.86 3.34
CA ALA A 85 -11.22 6.41 3.35
C ALA A 85 -12.67 5.95 3.29
N ALA A 86 -13.62 6.68 3.87
CA ALA A 86 -15.03 6.38 3.76
C ALA A 86 -15.49 6.72 2.34
N GLU A 87 -15.04 7.84 1.79
CA GLU A 87 -15.55 8.34 0.51
C GLU A 87 -15.14 7.48 -0.68
N HIS A 88 -14.03 6.73 -0.57
CA HIS A 88 -13.52 5.86 -1.64
C HIS A 88 -13.43 4.41 -1.18
N ASP A 89 -14.05 4.06 -0.05
CA ASP A 89 -14.14 2.71 0.52
C ASP A 89 -12.76 2.05 0.68
N ILE A 90 -11.80 2.86 1.12
CA ILE A 90 -10.42 2.50 1.38
C ILE A 90 -10.38 1.79 2.75
N THR A 91 -10.96 0.59 2.84
CA THR A 91 -11.21 -0.11 4.09
C THR A 91 -10.20 -1.24 4.35
N GLN A 92 -9.18 -1.42 3.49
CA GLN A 92 -8.04 -2.29 3.75
C GLN A 92 -7.20 -1.72 4.92
N PRO A 93 -6.37 -2.51 5.61
CA PRO A 93 -5.45 -2.01 6.63
C PRO A 93 -4.60 -0.85 6.11
N ILE A 94 -4.51 0.23 6.89
CA ILE A 94 -3.84 1.47 6.51
C ILE A 94 -2.81 1.80 7.61
N PHE A 95 -1.65 2.31 7.21
CA PHE A 95 -0.54 2.72 8.05
C PHE A 95 -0.33 4.22 7.86
N VAL A 96 -0.84 5.05 8.77
CA VAL A 96 -0.53 6.48 8.85
C VAL A 96 0.94 6.74 9.24
N ASP A 97 1.73 5.67 9.48
CA ASP A 97 3.12 5.73 9.94
C ASP A 97 3.15 6.56 11.24
N SER A 98 3.98 7.59 11.31
CA SER A 98 4.01 8.62 12.33
C SER A 98 4.78 9.82 11.76
N ASP A 99 5.94 9.56 11.16
CA ASP A 99 6.76 10.52 10.44
C ASP A 99 7.79 9.74 9.62
N HIS A 100 7.33 9.27 8.46
CA HIS A 100 8.07 8.62 7.38
C HIS A 100 9.01 7.45 7.78
N ALA A 101 8.80 6.80 8.93
CA ALA A 101 9.71 5.77 9.42
C ALA A 101 9.87 4.64 8.39
N LEU A 102 8.77 4.06 7.91
CA LEU A 102 8.80 2.99 6.90
C LEU A 102 9.47 3.54 5.64
N THR A 103 9.22 4.80 5.31
CA THR A 103 9.75 5.45 4.13
C THR A 103 11.27 5.42 4.16
N ASP A 104 11.87 5.68 5.33
CA ASP A 104 13.32 5.70 5.49
C ASP A 104 13.88 4.29 5.63
N ALA A 105 13.04 3.33 6.04
CA ALA A 105 13.44 1.95 6.23
C ALA A 105 13.72 1.28 4.90
N PHE A 106 13.00 1.71 3.87
CA PHE A 106 13.01 1.08 2.56
C PHE A 106 13.22 2.10 1.43
N GLU A 107 13.74 3.27 1.82
CA GLU A 107 14.03 4.45 1.01
C GLU A 107 13.05 4.67 -0.14
N ASN A 108 11.76 4.70 0.17
CA ASN A 108 10.76 5.21 -0.76
C ASN A 108 11.06 6.69 -1.01
N GLU A 109 10.86 7.13 -2.25
CA GLU A 109 11.16 8.51 -2.66
C GLU A 109 10.02 9.10 -3.50
N TYR A 110 8.87 8.41 -3.62
CA TYR A 110 7.71 8.86 -4.40
C TYR A 110 6.44 8.46 -3.69
N VAL A 111 5.38 9.27 -3.71
CA VAL A 111 4.22 8.95 -2.89
C VAL A 111 3.24 8.00 -3.55
N PRO A 112 2.66 8.24 -4.75
CA PRO A 112 1.88 7.21 -5.44
C PRO A 112 2.84 6.10 -5.90
N ALA A 113 3.16 5.21 -4.97
CA ALA A 113 4.21 4.21 -5.12
C ALA A 113 3.76 2.89 -4.54
N TYR A 114 4.24 1.77 -5.08
CA TYR A 114 3.68 0.45 -4.80
C TYR A 114 4.80 -0.57 -4.78
N TYR A 115 4.70 -1.53 -3.86
CA TYR A 115 5.73 -2.51 -3.54
C TYR A 115 4.99 -3.83 -3.38
N VAL A 116 5.29 -4.79 -4.25
CA VAL A 116 4.54 -6.03 -4.40
C VAL A 116 5.43 -7.17 -3.92
N PHE A 117 4.92 -8.06 -3.09
CA PHE A 117 5.68 -9.10 -2.41
C PHE A 117 4.98 -10.44 -2.62
N ASP A 118 5.77 -11.51 -2.72
CA ASP A 118 5.31 -12.88 -2.87
C ASP A 118 4.55 -13.34 -1.61
N LYS A 119 3.90 -14.51 -1.64
CA LYS A 119 3.19 -15.09 -0.49
C LYS A 119 4.11 -15.42 0.70
N THR A 120 5.42 -15.24 0.56
CA THR A 120 6.43 -15.43 1.60
C THR A 120 7.10 -14.08 1.97
N GLY A 121 6.50 -12.95 1.58
CA GLY A 121 6.89 -11.62 2.06
C GLY A 121 8.19 -11.10 1.45
N GLN A 122 8.61 -11.67 0.31
CA GLN A 122 9.84 -11.28 -0.38
C GLN A 122 9.46 -10.44 -1.60
N LEU A 123 10.16 -9.34 -1.83
CA LEU A 123 9.78 -8.35 -2.84
C LEU A 123 9.82 -8.97 -4.23
N ARG A 124 8.70 -8.93 -4.95
CA ARG A 124 8.62 -9.31 -6.36
C ARG A 124 8.99 -8.12 -7.24
N HIS A 125 8.40 -6.94 -6.98
CA HIS A 125 8.48 -5.79 -7.88
C HIS A 125 8.15 -4.52 -7.10
N PHE A 126 8.55 -3.35 -7.60
CA PHE A 126 8.12 -2.06 -7.09
C PHE A 126 8.04 -1.08 -8.27
N GLN A 127 7.17 -0.08 -8.16
CA GLN A 127 7.05 1.01 -9.13
C GLN A 127 6.44 2.23 -8.45
N ALA A 128 6.26 3.30 -9.22
CA ALA A 128 5.52 4.48 -8.84
C ALA A 128 5.05 5.23 -10.08
N GLY A 129 4.00 6.05 -9.93
CA GLY A 129 3.35 6.74 -11.04
C GLY A 129 2.73 5.76 -12.04
N GLY A 130 2.38 6.26 -13.23
CA GLY A 130 1.90 5.48 -14.37
C GLY A 130 0.64 6.08 -14.96
N SER A 131 0.27 5.68 -16.18
CA SER A 131 -0.94 6.11 -16.89
C SER A 131 -2.18 5.69 -16.09
N GLY A 132 -2.78 6.64 -15.34
CA GLY A 132 -3.81 6.37 -14.34
C GLY A 132 -3.38 5.28 -13.36
N MET A 133 -2.05 5.09 -13.21
CA MET A 133 -1.38 3.97 -12.55
C MET A 133 -2.02 2.59 -12.81
N LYS A 134 -2.72 2.38 -13.93
CA LYS A 134 -3.47 1.14 -14.17
C LYS A 134 -2.54 -0.05 -14.30
N MET A 135 -1.30 0.16 -14.75
CA MET A 135 -0.29 -0.90 -14.81
C MET A 135 -0.07 -1.61 -13.47
N LEU A 136 -0.38 -0.99 -12.32
CA LEU A 136 -0.26 -1.65 -11.02
C LEU A 136 -1.16 -2.88 -10.98
N GLU A 137 -2.38 -2.78 -11.52
CA GLU A 137 -3.32 -3.89 -11.62
C GLU A 137 -2.66 -5.07 -12.32
N LYS A 138 -1.85 -4.80 -13.34
CA LYS A 138 -1.12 -5.84 -14.05
C LYS A 138 0.08 -6.34 -13.26
N ARG A 139 0.84 -5.49 -12.57
CA ARG A 139 1.98 -5.98 -11.79
C ARG A 139 1.50 -6.90 -10.68
N VAL A 140 0.40 -6.54 -10.01
CA VAL A 140 -0.25 -7.39 -9.02
C VAL A 140 -0.64 -8.66 -9.73
N ASN A 141 -1.34 -8.55 -10.87
CA ASN A 141 -1.88 -9.75 -11.51
C ASN A 141 -0.77 -10.70 -11.93
N ARG A 142 0.41 -10.19 -12.29
CA ARG A 142 1.53 -11.02 -12.68
C ARG A 142 2.08 -11.79 -11.48
N VAL A 143 2.10 -11.20 -10.29
CA VAL A 143 2.39 -11.96 -9.08
C VAL A 143 1.29 -13.00 -8.83
N LEU A 144 0.01 -12.70 -9.08
CA LEU A 144 -1.07 -13.67 -8.86
C LEU A 144 -0.90 -14.86 -9.81
N ALA A 145 -0.50 -14.55 -11.04
CA ALA A 145 -0.25 -15.50 -12.11
C ALA A 145 0.91 -16.46 -11.80
N GLU A 146 1.76 -16.11 -10.82
CA GLU A 146 2.97 -16.85 -10.47
C GLU A 146 2.92 -17.41 -9.04
N THR A 147 2.00 -16.95 -8.21
CA THR A 147 1.67 -17.52 -6.91
C THR A 147 1.28 -18.99 -7.08
N GLU A 148 1.60 -19.82 -6.08
CA GLU A 148 1.29 -21.26 -6.05
C GLU A 148 -0.21 -21.49 -6.26
N MET A 1 15.03 -0.02 -1.46
CA MET A 1 14.66 -1.46 -1.55
C MET A 1 15.56 -2.22 -2.53
N LYS A 2 15.58 -3.54 -2.41
CA LYS A 2 16.25 -4.48 -3.30
C LYS A 2 15.26 -5.60 -3.63
N LEU A 3 15.33 -6.18 -4.83
CA LEU A 3 14.44 -7.29 -5.17
C LEU A 3 14.73 -8.48 -4.25
N ARG A 4 13.69 -9.28 -3.95
CA ARG A 4 13.71 -10.50 -3.13
C ARG A 4 14.17 -10.29 -1.68
N GLN A 5 14.38 -9.03 -1.30
CA GLN A 5 14.64 -8.68 0.10
C GLN A 5 13.38 -8.98 0.94
N PRO A 6 13.47 -9.09 2.27
CA PRO A 6 12.30 -9.18 3.13
C PRO A 6 11.63 -7.80 3.28
N MET A 7 10.32 -7.82 3.44
CA MET A 7 9.51 -6.65 3.80
C MET A 7 9.97 -6.06 5.14
N PRO A 8 9.89 -4.73 5.36
CA PRO A 8 10.16 -4.13 6.66
C PRO A 8 9.10 -4.48 7.71
N GLU A 9 9.24 -3.94 8.92
CA GLU A 9 8.46 -4.30 10.11
C GLU A 9 7.06 -3.67 10.12
N LEU A 10 6.76 -2.95 9.05
CA LEU A 10 5.53 -2.21 8.78
C LEU A 10 5.19 -1.27 9.93
N THR A 11 6.10 -0.34 10.19
CA THR A 11 5.87 0.76 11.12
C THR A 11 4.65 1.59 10.66
N GLY A 12 4.01 2.26 11.63
CA GLY A 12 2.81 3.07 11.44
C GLY A 12 2.67 3.89 12.72
N GLU A 13 3.70 4.69 13.00
CA GLU A 13 3.87 5.36 14.29
C GLU A 13 2.80 6.41 14.62
N LYS A 14 1.96 6.84 13.65
CA LYS A 14 0.80 7.66 13.99
C LYS A 14 -0.18 6.74 14.72
N ALA A 15 -0.65 5.69 14.04
CA ALA A 15 -1.41 4.55 14.53
C ALA A 15 -1.85 3.73 13.32
N TRP A 16 -2.45 2.55 13.56
CA TRP A 16 -3.18 1.83 12.53
C TRP A 16 -4.54 2.54 12.35
N LEU A 17 -5.19 2.31 11.21
CA LEU A 17 -6.47 2.91 10.85
C LEU A 17 -7.26 1.91 10.04
N ASN A 18 -8.56 1.81 10.34
CA ASN A 18 -9.56 0.97 9.69
C ASN A 18 -9.17 -0.50 9.46
N GLY A 19 -8.13 -0.96 10.15
CA GLY A 19 -7.65 -2.33 10.21
C GLY A 19 -6.17 -2.30 10.59
N GLU A 20 -5.69 -3.35 11.22
CA GLU A 20 -4.29 -3.56 11.55
C GLU A 20 -3.89 -5.00 11.22
N VAL A 21 -2.64 -5.18 10.78
CA VAL A 21 -2.02 -6.44 10.36
C VAL A 21 -0.51 -6.28 10.47
N THR A 22 0.21 -7.36 10.18
CA THR A 22 1.64 -7.41 9.95
C THR A 22 1.85 -8.33 8.76
N ARG A 23 3.02 -8.26 8.12
CA ARG A 23 3.43 -9.29 7.15
C ARG A 23 3.25 -10.67 7.76
N GLU A 24 3.69 -10.87 9.00
CA GLU A 24 3.74 -12.20 9.58
C GLU A 24 2.35 -12.75 9.91
N GLN A 25 1.34 -11.90 10.10
CA GLN A 25 0.00 -12.39 10.41
C GLN A 25 -0.71 -12.96 9.18
N LEU A 26 -0.46 -12.42 7.98
CA LEU A 26 -1.23 -12.73 6.78
C LEU A 26 -0.42 -13.29 5.61
N ILE A 27 0.91 -13.27 5.67
CA ILE A 27 1.75 -13.94 4.67
C ILE A 27 1.90 -15.42 5.03
N GLY A 28 2.10 -16.25 4.00
CA GLY A 28 2.41 -17.68 4.13
C GLY A 28 2.11 -18.42 2.83
N GLU A 29 1.03 -18.02 2.14
CA GLU A 29 0.60 -18.65 0.89
C GLU A 29 0.04 -17.65 -0.12
N LYS A 30 -0.42 -16.47 0.33
CA LYS A 30 -0.93 -15.42 -0.55
C LYS A 30 0.14 -14.32 -0.67
N PRO A 31 0.37 -13.75 -1.87
CA PRO A 31 1.21 -12.58 -2.03
C PRO A 31 0.56 -11.36 -1.36
N THR A 32 1.32 -10.28 -1.24
CA THR A 32 0.90 -9.07 -0.55
C THR A 32 1.30 -7.85 -1.38
N LEU A 33 0.49 -6.80 -1.28
CA LEU A 33 0.72 -5.51 -1.90
C LEU A 33 0.68 -4.46 -0.79
N ILE A 34 1.63 -3.52 -0.83
CA ILE A 34 1.62 -2.31 -0.02
C ILE A 34 1.47 -1.16 -1.02
N HIS A 35 0.67 -0.15 -0.68
CA HIS A 35 0.64 1.11 -1.44
C HIS A 35 0.74 2.31 -0.50
N PHE A 36 1.28 3.41 -1.02
CA PHE A 36 1.60 4.63 -0.29
C PHE A 36 0.86 5.75 -1.00
N TRP A 37 0.01 6.48 -0.28
CA TRP A 37 -0.94 7.45 -0.84
C TRP A 37 -1.06 8.63 0.15
N SER A 38 -1.75 9.71 -0.23
CA SER A 38 -1.96 10.87 0.65
C SER A 38 -3.25 11.63 0.29
N ILE A 39 -3.81 12.41 1.23
CA ILE A 39 -5.13 13.03 1.06
C ILE A 39 -5.13 14.18 0.05
N SER A 40 -3.98 14.84 -0.19
CA SER A 40 -3.90 16.01 -1.07
C SER A 40 -3.04 15.74 -2.32
N CYS A 41 -2.84 14.45 -2.66
CA CYS A 41 -2.14 14.02 -3.85
C CYS A 41 -2.86 14.51 -5.13
N HIS A 42 -2.22 14.34 -6.30
CA HIS A 42 -2.80 14.76 -7.60
C HIS A 42 -2.82 13.61 -8.63
N LEU A 43 -2.35 12.41 -8.26
CA LEU A 43 -2.54 11.20 -9.09
C LEU A 43 -2.94 9.97 -8.28
N CYS A 44 -2.72 9.96 -6.97
CA CYS A 44 -3.23 8.88 -6.12
C CYS A 44 -4.77 8.91 -6.06
N LYS A 45 -5.41 9.99 -6.52
CA LYS A 45 -6.86 10.03 -6.74
C LYS A 45 -7.30 9.00 -7.78
N GLU A 46 -6.39 8.48 -8.62
CA GLU A 46 -6.68 7.35 -9.50
C GLU A 46 -6.32 6.03 -8.77
N ALA A 47 -5.25 6.07 -7.97
CA ALA A 47 -4.79 4.91 -7.23
C ALA A 47 -5.85 4.42 -6.24
N MET A 48 -6.42 5.30 -5.41
CA MET A 48 -7.38 4.92 -4.36
C MET A 48 -8.63 4.20 -4.91
N PRO A 49 -9.30 4.65 -5.99
CA PRO A 49 -10.38 3.87 -6.58
C PRO A 49 -9.89 2.53 -7.10
N GLN A 50 -8.67 2.45 -7.66
CA GLN A 50 -8.19 1.23 -8.26
C GLN A 50 -7.74 0.23 -7.19
N VAL A 51 -7.26 0.73 -6.05
CA VAL A 51 -7.00 -0.05 -4.86
C VAL A 51 -8.30 -0.72 -4.44
N ASN A 52 -9.39 0.04 -4.33
CA ASN A 52 -10.69 -0.50 -3.93
C ASN A 52 -11.13 -1.58 -4.93
N GLU A 53 -10.94 -1.35 -6.24
CA GLU A 53 -11.26 -2.33 -7.27
C GLU A 53 -10.46 -3.62 -7.07
N PHE A 54 -9.13 -3.60 -7.21
CA PHE A 54 -8.38 -4.85 -7.21
C PHE A 54 -8.40 -5.53 -5.85
N ARG A 55 -8.62 -4.78 -4.76
CA ARG A 55 -8.88 -5.38 -3.46
C ARG A 55 -10.10 -6.27 -3.57
N ASP A 56 -11.21 -5.81 -4.15
CA ASP A 56 -12.41 -6.64 -4.28
C ASP A 56 -12.20 -7.79 -5.26
N LYS A 57 -11.53 -7.51 -6.39
CA LYS A 57 -11.26 -8.53 -7.41
C LYS A 57 -10.42 -9.68 -6.86
N TYR A 58 -9.49 -9.37 -5.95
CA TYR A 58 -8.45 -10.31 -5.53
C TYR A 58 -8.34 -10.56 -4.02
N GLN A 59 -9.23 -10.02 -3.17
CA GLN A 59 -9.19 -10.18 -1.70
C GLN A 59 -8.96 -11.62 -1.18
N ASP A 60 -9.39 -12.67 -1.90
CA ASP A 60 -9.22 -14.07 -1.50
C ASP A 60 -7.92 -14.69 -2.03
N GLN A 61 -7.16 -13.91 -2.80
CA GLN A 61 -6.02 -14.33 -3.63
C GLN A 61 -4.78 -13.47 -3.35
N LEU A 62 -4.97 -12.33 -2.70
CA LEU A 62 -3.99 -11.26 -2.51
C LEU A 62 -4.26 -10.58 -1.16
N ASN A 63 -3.21 -10.25 -0.42
CA ASN A 63 -3.31 -9.39 0.75
C ASN A 63 -3.07 -7.97 0.26
N VAL A 64 -3.81 -6.99 0.78
CA VAL A 64 -3.64 -5.58 0.42
C VAL A 64 -3.51 -4.82 1.74
N VAL A 65 -2.49 -3.97 1.85
CA VAL A 65 -2.27 -3.09 2.98
C VAL A 65 -1.88 -1.72 2.42
N ALA A 66 -2.09 -0.66 3.19
CA ALA A 66 -1.96 0.71 2.73
C ALA A 66 -1.16 1.52 3.75
N VAL A 67 -0.60 2.64 3.29
CA VAL A 67 0.24 3.50 4.10
C VAL A 67 -0.12 4.92 3.73
N HIS A 68 -0.63 5.70 4.68
CA HIS A 68 -0.76 7.12 4.48
C HIS A 68 0.64 7.70 4.63
N MET A 69 1.07 8.56 3.69
CA MET A 69 2.42 9.11 3.63
C MET A 69 2.33 10.65 3.63
N PRO A 70 2.48 11.30 4.79
CA PRO A 70 2.45 12.76 4.95
C PRO A 70 3.35 13.50 3.95
N ARG A 71 2.82 14.51 3.28
CA ARG A 71 3.63 15.43 2.46
C ARG A 71 3.69 16.83 3.07
N SER A 72 2.71 17.20 3.91
CA SER A 72 2.53 18.53 4.48
C SER A 72 1.80 18.40 5.82
N GLU A 73 1.78 19.46 6.63
CA GLU A 73 1.01 19.47 7.88
C GLU A 73 -0.48 19.34 7.58
N ASP A 74 -0.96 19.99 6.52
CA ASP A 74 -2.35 19.90 6.05
C ASP A 74 -2.61 18.65 5.22
N ASP A 75 -1.70 17.68 5.27
CA ASP A 75 -1.82 16.39 4.58
C ASP A 75 -1.91 15.24 5.58
N LEU A 76 -1.66 15.49 6.88
CA LEU A 76 -1.56 14.44 7.89
C LEU A 76 -2.68 14.51 8.93
N ASP A 77 -3.68 15.36 8.68
CA ASP A 77 -4.87 15.52 9.52
C ASP A 77 -5.59 14.17 9.68
N PRO A 78 -5.61 13.58 10.90
CA PRO A 78 -6.19 12.27 11.16
C PRO A 78 -7.63 12.12 10.67
N GLY A 79 -8.43 13.19 10.80
CA GLY A 79 -9.82 13.18 10.41
C GLY A 79 -9.92 13.14 8.89
N LYS A 80 -9.14 13.94 8.17
CA LYS A 80 -9.21 13.94 6.72
C LYS A 80 -8.62 12.65 6.13
N ILE A 81 -7.64 11.99 6.75
CA ILE A 81 -7.18 10.68 6.27
C ILE A 81 -8.35 9.71 6.35
N LYS A 82 -8.97 9.60 7.53
CA LYS A 82 -10.16 8.78 7.73
C LYS A 82 -11.26 9.14 6.72
N GLU A 83 -11.55 10.41 6.50
CA GLU A 83 -12.72 10.78 5.72
C GLU A 83 -12.45 10.65 4.23
N THR A 84 -11.24 10.97 3.74
CA THR A 84 -10.86 10.66 2.36
C THR A 84 -10.88 9.14 2.13
N ALA A 85 -10.48 8.35 3.14
CA ALA A 85 -10.64 6.91 3.10
C ALA A 85 -12.11 6.51 2.93
N ALA A 86 -13.04 7.20 3.58
CA ALA A 86 -14.46 6.91 3.43
C ALA A 86 -14.92 7.29 2.02
N GLU A 87 -14.35 8.35 1.45
CA GLU A 87 -14.79 8.88 0.16
C GLU A 87 -14.45 7.94 -1.02
N HIS A 88 -13.55 6.97 -0.83
CA HIS A 88 -13.22 5.96 -1.83
C HIS A 88 -13.38 4.53 -1.27
N ASP A 89 -14.04 4.38 -0.12
CA ASP A 89 -14.35 3.08 0.52
C ASP A 89 -13.09 2.25 0.77
N ILE A 90 -12.02 2.97 1.14
CA ILE A 90 -10.72 2.44 1.48
C ILE A 90 -10.85 1.84 2.88
N THR A 91 -10.90 0.51 2.98
CA THR A 91 -11.21 -0.22 4.19
C THR A 91 -10.23 -1.39 4.43
N GLN A 92 -9.31 -1.66 3.50
CA GLN A 92 -8.18 -2.56 3.73
C GLN A 92 -7.28 -1.92 4.81
N PRO A 93 -6.54 -2.68 5.63
CA PRO A 93 -5.71 -2.15 6.71
C PRO A 93 -4.84 -0.97 6.28
N ILE A 94 -4.89 0.14 7.02
CA ILE A 94 -4.16 1.36 6.70
C ILE A 94 -3.21 1.67 7.85
N PHE A 95 -1.91 1.58 7.59
CA PHE A 95 -0.91 2.11 8.49
C PHE A 95 -0.94 3.63 8.27
N VAL A 96 -0.83 4.42 9.34
CA VAL A 96 -0.68 5.86 9.22
C VAL A 96 0.67 6.19 9.85
N ASP A 97 1.45 6.99 9.14
CA ASP A 97 2.85 7.24 9.46
C ASP A 97 2.96 8.66 9.98
N SER A 98 3.80 8.89 10.99
CA SER A 98 4.00 10.22 11.55
C SER A 98 4.64 11.16 10.53
N ASP A 99 5.51 10.66 9.64
CA ASP A 99 6.10 11.47 8.56
C ASP A 99 6.74 10.63 7.47
N HIS A 100 7.45 9.55 7.81
CA HIS A 100 8.22 8.74 6.85
C HIS A 100 8.71 7.40 7.38
N ALA A 101 8.39 6.96 8.61
CA ALA A 101 9.02 5.81 9.27
C ALA A 101 9.17 4.58 8.36
N LEU A 102 8.07 4.03 7.84
CA LEU A 102 8.14 2.84 6.97
C LEU A 102 8.91 3.20 5.69
N THR A 103 8.67 4.41 5.16
CA THR A 103 9.33 4.88 3.95
C THR A 103 10.85 4.94 4.12
N ASP A 104 11.37 5.20 5.32
CA ASP A 104 12.81 5.25 5.58
C ASP A 104 13.36 3.85 5.82
N ALA A 105 12.52 2.91 6.27
CA ALA A 105 12.94 1.55 6.62
C ALA A 105 13.27 0.75 5.36
N PHE A 106 12.68 1.13 4.23
CA PHE A 106 12.87 0.47 2.95
C PHE A 106 13.15 1.47 1.81
N GLU A 107 13.45 2.72 2.19
CA GLU A 107 13.86 3.83 1.33
C GLU A 107 12.96 4.00 0.09
N ASN A 108 11.64 4.07 0.31
CA ASN A 108 10.67 4.40 -0.73
C ASN A 108 10.92 5.77 -1.35
N GLU A 109 10.98 6.83 -0.54
CA GLU A 109 11.27 8.22 -0.92
C GLU A 109 10.23 8.88 -1.86
N TYR A 110 9.12 8.23 -2.20
CA TYR A 110 8.05 8.80 -3.05
C TYR A 110 6.66 8.61 -2.43
N VAL A 111 5.61 9.06 -3.13
CA VAL A 111 4.21 8.77 -2.84
C VAL A 111 3.60 8.17 -4.14
N PRO A 112 2.25 8.02 -4.27
CA PRO A 112 1.63 7.01 -5.15
C PRO A 112 2.62 5.92 -5.58
N ALA A 113 3.13 5.18 -4.60
CA ALA A 113 4.19 4.21 -4.74
C ALA A 113 3.67 2.87 -4.26
N TYR A 114 4.13 1.79 -4.87
CA TYR A 114 3.55 0.48 -4.72
C TYR A 114 4.66 -0.55 -4.66
N TYR A 115 4.50 -1.58 -3.82
CA TYR A 115 5.50 -2.59 -3.56
C TYR A 115 4.77 -3.93 -3.46
N VAL A 116 5.10 -4.87 -4.33
CA VAL A 116 4.42 -6.16 -4.41
C VAL A 116 5.41 -7.21 -3.90
N PHE A 117 4.95 -8.10 -3.03
CA PHE A 117 5.74 -9.10 -2.34
C PHE A 117 5.12 -10.47 -2.61
N ASP A 118 5.99 -11.46 -2.75
CA ASP A 118 5.65 -12.85 -2.99
C ASP A 118 4.95 -13.45 -1.76
N LYS A 119 4.43 -14.68 -1.85
CA LYS A 119 3.85 -15.39 -0.71
C LYS A 119 4.87 -15.72 0.39
N THR A 120 6.15 -15.51 0.14
CA THR A 120 7.25 -15.65 1.10
C THR A 120 7.50 -14.34 1.86
N GLY A 121 6.81 -13.27 1.49
CA GLY A 121 7.03 -11.92 1.99
C GLY A 121 8.33 -11.31 1.46
N GLN A 122 8.85 -11.85 0.36
CA GLN A 122 10.09 -11.39 -0.26
C GLN A 122 9.68 -10.57 -1.48
N LEU A 123 10.31 -9.40 -1.66
CA LEU A 123 9.90 -8.39 -2.64
C LEU A 123 9.92 -8.96 -4.05
N ARG A 124 8.90 -8.66 -4.86
CA ARG A 124 8.88 -8.99 -6.28
C ARG A 124 9.07 -7.72 -7.12
N HIS A 125 8.35 -6.63 -6.81
CA HIS A 125 8.34 -5.44 -7.68
C HIS A 125 8.15 -4.18 -6.85
N PHE A 126 8.56 -3.05 -7.42
CA PHE A 126 8.30 -1.70 -6.94
C PHE A 126 7.97 -0.87 -8.18
N GLN A 127 6.97 0.00 -8.09
CA GLN A 127 6.65 1.03 -9.09
C GLN A 127 6.08 2.24 -8.36
N ALA A 128 5.84 3.34 -9.09
CA ALA A 128 5.16 4.51 -8.60
C ALA A 128 4.51 5.26 -9.77
N GLY A 129 3.56 6.16 -9.49
CA GLY A 129 2.82 6.91 -10.50
C GLY A 129 2.16 5.95 -11.50
N GLY A 130 2.40 6.16 -12.79
CA GLY A 130 1.90 5.34 -13.88
C GLY A 130 0.56 5.87 -14.38
N SER A 131 0.24 5.59 -15.65
CA SER A 131 -0.95 6.07 -16.34
C SER A 131 -2.21 5.61 -15.59
N GLY A 132 -2.86 6.53 -14.86
CA GLY A 132 -3.96 6.23 -13.95
C GLY A 132 -3.65 5.06 -13.01
N MET A 133 -2.38 4.87 -12.63
CA MET A 133 -1.88 3.75 -11.82
C MET A 133 -2.18 2.35 -12.41
N LYS A 134 -2.74 2.23 -13.63
CA LYS A 134 -3.25 0.98 -14.20
C LYS A 134 -2.25 -0.16 -14.19
N MET A 135 -0.97 0.14 -14.47
CA MET A 135 0.10 -0.85 -14.50
C MET A 135 0.28 -1.60 -13.18
N LEU A 136 -0.19 -1.07 -12.03
CA LEU A 136 -0.07 -1.80 -10.79
C LEU A 136 -0.95 -3.04 -10.83
N GLU A 137 -2.15 -2.94 -11.40
CA GLU A 137 -3.06 -4.07 -11.52
C GLU A 137 -2.36 -5.21 -12.25
N LYS A 138 -1.54 -4.88 -13.26
CA LYS A 138 -0.78 -5.89 -13.99
C LYS A 138 0.37 -6.44 -13.16
N ARG A 139 1.14 -5.62 -12.43
CA ARG A 139 2.23 -6.18 -11.64
C ARG A 139 1.72 -7.09 -10.53
N VAL A 140 0.60 -6.70 -9.90
CA VAL A 140 -0.08 -7.54 -8.93
C VAL A 140 -0.45 -8.83 -9.66
N ASN A 141 -1.09 -8.72 -10.82
CA ASN A 141 -1.61 -9.91 -11.47
C ASN A 141 -0.48 -10.84 -11.88
N ARG A 142 0.70 -10.30 -12.23
CA ARG A 142 1.86 -11.09 -12.59
C ARG A 142 2.38 -11.82 -11.35
N VAL A 143 2.39 -11.19 -10.18
CA VAL A 143 2.70 -11.91 -8.95
C VAL A 143 1.64 -12.98 -8.66
N LEU A 144 0.36 -12.76 -8.98
CA LEU A 144 -0.66 -13.80 -8.77
C LEU A 144 -0.38 -14.99 -9.68
N ALA A 145 -0.01 -14.70 -10.93
CA ALA A 145 0.34 -15.69 -11.92
C ALA A 145 1.58 -16.49 -11.48
N GLU A 146 2.54 -15.83 -10.84
CA GLU A 146 3.79 -16.40 -10.34
C GLU A 146 3.60 -17.20 -9.03
N THR A 147 2.56 -16.91 -8.26
CA THR A 147 2.26 -17.62 -7.01
C THR A 147 1.96 -19.10 -7.32
N GLU A 148 2.34 -20.00 -6.40
CA GLU A 148 2.11 -21.45 -6.50
C GLU A 148 0.63 -21.75 -6.74
N MET A 1 15.10 -1.48 -1.89
CA MET A 1 14.06 -2.50 -2.19
C MET A 1 14.45 -3.30 -3.45
N LYS A 2 15.34 -4.28 -3.31
CA LYS A 2 15.62 -5.25 -4.37
C LYS A 2 14.46 -6.22 -4.45
N LEU A 3 14.24 -6.79 -5.64
CA LEU A 3 13.16 -7.74 -5.95
C LEU A 3 13.49 -9.13 -5.38
N ARG A 4 13.73 -9.15 -4.07
CA ARG A 4 14.29 -10.22 -3.28
C ARG A 4 14.07 -9.98 -1.78
N GLN A 5 14.06 -8.71 -1.31
CA GLN A 5 14.08 -8.39 0.11
C GLN A 5 12.86 -8.96 0.84
N PRO A 6 12.99 -9.34 2.12
CA PRO A 6 11.82 -9.63 2.96
C PRO A 6 11.08 -8.32 3.21
N MET A 7 9.77 -8.41 3.40
CA MET A 7 8.95 -7.25 3.76
C MET A 7 9.40 -6.68 5.11
N PRO A 8 9.44 -5.34 5.29
CA PRO A 8 9.79 -4.72 6.57
C PRO A 8 8.63 -4.79 7.59
N GLU A 9 8.89 -4.32 8.81
CA GLU A 9 7.93 -4.09 9.86
C GLU A 9 6.98 -3.00 9.41
N LEU A 10 5.73 -3.38 9.22
CA LEU A 10 4.73 -2.43 8.76
C LEU A 10 4.36 -1.56 9.96
N THR A 11 4.52 -0.24 9.84
CA THR A 11 4.43 0.68 10.97
C THR A 11 3.86 2.04 10.52
N GLY A 12 3.31 2.78 11.48
CA GLY A 12 2.88 4.17 11.33
C GLY A 12 2.77 4.77 12.73
N GLU A 13 3.13 6.05 12.89
CA GLU A 13 3.28 6.67 14.19
C GLU A 13 1.99 7.34 14.67
N LYS A 14 1.02 7.62 13.78
CA LYS A 14 -0.29 8.14 14.20
C LYS A 14 -1.05 6.99 14.85
N ALA A 15 -1.38 5.97 14.04
CA ALA A 15 -2.05 4.73 14.43
C ALA A 15 -2.25 3.89 13.17
N TRP A 16 -2.81 2.69 13.36
CA TRP A 16 -3.38 1.91 12.28
C TRP A 16 -4.73 2.56 11.93
N LEU A 17 -5.28 2.25 10.77
CA LEU A 17 -6.56 2.77 10.29
C LEU A 17 -7.23 1.69 9.46
N ASN A 18 -8.56 1.57 9.58
CA ASN A 18 -9.45 0.67 8.84
C ASN A 18 -9.11 -0.83 8.91
N GLY A 19 -8.11 -1.19 9.69
CA GLY A 19 -7.65 -2.53 9.96
C GLY A 19 -6.21 -2.45 10.48
N GLU A 20 -5.82 -3.49 11.19
CA GLU A 20 -4.49 -3.66 11.78
C GLU A 20 -4.05 -5.10 11.49
N VAL A 21 -2.89 -5.25 10.84
CA VAL A 21 -2.31 -6.53 10.45
C VAL A 21 -0.80 -6.36 10.43
N THR A 22 -0.07 -7.46 10.21
CA THR A 22 1.36 -7.45 9.96
C THR A 22 1.66 -8.46 8.85
N ARG A 23 2.86 -8.33 8.28
CA ARG A 23 3.49 -9.30 7.40
C ARG A 23 3.37 -10.69 8.04
N GLU A 24 3.62 -10.81 9.33
CA GLU A 24 3.62 -12.07 10.05
C GLU A 24 2.21 -12.64 10.14
N GLN A 25 1.17 -11.80 10.21
CA GLN A 25 -0.18 -12.28 10.43
C GLN A 25 -0.87 -12.74 9.15
N LEU A 26 -0.65 -12.04 8.03
CA LEU A 26 -1.43 -12.27 6.79
C LEU A 26 -0.66 -12.96 5.67
N ILE A 27 0.66 -13.06 5.73
CA ILE A 27 1.42 -13.82 4.72
C ILE A 27 1.26 -15.32 5.03
N GLY A 28 1.33 -16.16 4.01
CA GLY A 28 1.42 -17.61 4.14
C GLY A 28 1.21 -18.32 2.81
N GLU A 29 0.19 -17.89 2.06
CA GLU A 29 -0.21 -18.55 0.81
C GLU A 29 -0.59 -17.56 -0.30
N LYS A 30 -0.87 -16.31 0.05
CA LYS A 30 -1.28 -15.29 -0.93
C LYS A 30 -0.22 -14.20 -0.99
N PRO A 31 0.02 -13.62 -2.18
CA PRO A 31 0.90 -12.46 -2.33
C PRO A 31 0.33 -11.26 -1.58
N THR A 32 1.15 -10.22 -1.43
CA THR A 32 0.80 -9.02 -0.68
C THR A 32 1.21 -7.80 -1.50
N LEU A 33 0.35 -6.79 -1.52
CA LEU A 33 0.57 -5.49 -2.14
C LEU A 33 0.57 -4.46 -1.02
N ILE A 34 1.62 -3.64 -0.97
CA ILE A 34 1.68 -2.47 -0.13
C ILE A 34 1.63 -1.28 -1.09
N HIS A 35 0.89 -0.23 -0.73
CA HIS A 35 0.97 1.04 -1.45
C HIS A 35 1.13 2.22 -0.49
N PHE A 36 1.92 3.21 -0.94
CA PHE A 36 2.09 4.49 -0.29
C PHE A 36 1.27 5.49 -1.09
N TRP A 37 0.41 6.25 -0.41
CA TRP A 37 -0.53 7.20 -1.00
C TRP A 37 -0.74 8.37 -0.02
N SER A 38 -1.43 9.43 -0.44
CA SER A 38 -1.76 10.55 0.44
C SER A 38 -3.11 11.18 0.06
N ILE A 39 -3.78 11.86 1.00
CA ILE A 39 -5.03 12.55 0.74
C ILE A 39 -4.87 13.72 -0.25
N SER A 40 -3.73 14.41 -0.27
CA SER A 40 -3.53 15.63 -1.03
C SER A 40 -2.45 15.37 -2.09
N CYS A 41 -2.76 14.45 -3.01
CA CYS A 41 -1.82 13.87 -3.96
C CYS A 41 -2.54 13.66 -5.29
N HIS A 42 -2.18 14.47 -6.29
CA HIS A 42 -2.82 14.59 -7.61
C HIS A 42 -2.61 13.37 -8.54
N LEU A 43 -2.27 12.21 -7.98
CA LEU A 43 -2.28 10.92 -8.69
C LEU A 43 -2.76 9.79 -7.77
N CYS A 44 -2.65 9.92 -6.46
CA CYS A 44 -3.27 9.03 -5.49
C CYS A 44 -4.79 9.01 -5.70
N LYS A 45 -5.37 10.10 -6.20
CA LYS A 45 -6.75 10.14 -6.66
C LYS A 45 -7.11 9.09 -7.73
N GLU A 46 -6.12 8.50 -8.42
CA GLU A 46 -6.34 7.34 -9.29
C GLU A 46 -5.98 6.05 -8.55
N ALA A 47 -4.98 6.08 -7.68
CA ALA A 47 -4.58 4.90 -6.94
C ALA A 47 -5.65 4.42 -5.96
N MET A 48 -6.32 5.33 -5.24
CA MET A 48 -7.34 4.96 -4.27
C MET A 48 -8.47 4.12 -4.91
N PRO A 49 -9.08 4.51 -6.05
CA PRO A 49 -10.08 3.66 -6.69
C PRO A 49 -9.46 2.38 -7.27
N GLN A 50 -8.21 2.39 -7.74
CA GLN A 50 -7.58 1.19 -8.30
C GLN A 50 -7.39 0.16 -7.18
N VAL A 51 -6.94 0.64 -6.03
CA VAL A 51 -6.75 -0.14 -4.83
C VAL A 51 -8.08 -0.70 -4.37
N ASN A 52 -9.16 0.10 -4.36
CA ASN A 52 -10.48 -0.39 -4.00
C ASN A 52 -10.92 -1.50 -4.96
N GLU A 53 -10.60 -1.41 -6.26
CA GLU A 53 -10.85 -2.52 -7.17
C GLU A 53 -10.06 -3.75 -6.74
N PHE A 54 -8.76 -3.67 -6.39
CA PHE A 54 -8.04 -4.86 -5.91
C PHE A 54 -8.67 -5.41 -4.64
N ARG A 55 -9.05 -4.50 -3.73
CA ARG A 55 -9.67 -4.80 -2.46
C ARG A 55 -11.04 -5.46 -2.63
N ASP A 56 -11.61 -5.51 -3.84
CA ASP A 56 -12.80 -6.32 -4.14
C ASP A 56 -12.54 -7.45 -5.13
N LYS A 57 -11.92 -7.18 -6.29
CA LYS A 57 -11.65 -8.15 -7.34
C LYS A 57 -10.65 -9.22 -6.88
N TYR A 58 -9.61 -8.81 -6.16
CA TYR A 58 -8.47 -9.67 -5.84
C TYR A 58 -8.28 -9.94 -4.37
N GLN A 59 -9.05 -9.32 -3.46
CA GLN A 59 -9.07 -9.75 -2.06
C GLN A 59 -9.21 -11.29 -1.96
N ASP A 60 -8.64 -11.87 -0.91
CA ASP A 60 -8.52 -13.32 -0.66
C ASP A 60 -7.65 -14.06 -1.69
N GLN A 61 -7.27 -13.43 -2.80
CA GLN A 61 -6.28 -13.94 -3.76
C GLN A 61 -4.99 -13.11 -3.61
N LEU A 62 -5.11 -11.96 -2.96
CA LEU A 62 -4.09 -10.95 -2.75
C LEU A 62 -4.38 -10.29 -1.39
N ASN A 63 -3.35 -10.07 -0.58
CA ASN A 63 -3.44 -9.24 0.60
C ASN A 63 -3.21 -7.81 0.13
N VAL A 64 -3.97 -6.85 0.64
CA VAL A 64 -3.76 -5.43 0.34
C VAL A 64 -3.52 -4.74 1.69
N VAL A 65 -2.54 -3.85 1.75
CA VAL A 65 -2.24 -3.03 2.90
C VAL A 65 -1.71 -1.69 2.38
N ALA A 66 -1.84 -0.64 3.19
CA ALA A 66 -1.61 0.72 2.75
C ALA A 66 -0.83 1.50 3.78
N VAL A 67 -0.26 2.62 3.33
CA VAL A 67 0.55 3.49 4.14
C VAL A 67 0.20 4.91 3.71
N HIS A 68 -0.34 5.71 4.62
CA HIS A 68 -0.53 7.12 4.34
C HIS A 68 0.86 7.77 4.45
N MET A 69 1.17 8.64 3.50
CA MET A 69 2.49 9.21 3.32
C MET A 69 2.36 10.74 3.34
N PRO A 70 2.45 11.37 4.53
CA PRO A 70 2.28 12.80 4.68
C PRO A 70 3.44 13.55 4.01
N ARG A 71 3.11 14.65 3.31
CA ARG A 71 4.10 15.56 2.72
C ARG A 71 3.90 17.02 3.15
N SER A 72 2.77 17.35 3.79
CA SER A 72 2.36 18.70 4.11
C SER A 72 1.51 18.68 5.38
N GLU A 73 1.30 19.85 6.01
CA GLU A 73 0.33 19.99 7.10
C GLU A 73 -1.08 19.71 6.56
N ASP A 74 -1.35 20.16 5.33
CA ASP A 74 -2.59 19.90 4.58
C ASP A 74 -2.63 18.47 4.01
N ASP A 75 -1.81 17.56 4.54
CA ASP A 75 -1.66 16.18 4.10
C ASP A 75 -1.42 15.23 5.28
N LEU A 76 -1.74 15.65 6.51
CA LEU A 76 -1.57 14.83 7.70
C LEU A 76 -2.76 14.87 8.66
N ASP A 77 -3.82 15.61 8.31
CA ASP A 77 -5.04 15.78 9.10
C ASP A 77 -5.70 14.41 9.36
N PRO A 78 -5.67 13.90 10.61
CA PRO A 78 -6.19 12.58 10.95
C PRO A 78 -7.64 12.37 10.51
N GLY A 79 -8.45 13.43 10.60
CA GLY A 79 -9.86 13.39 10.27
C GLY A 79 -10.01 13.22 8.77
N LYS A 80 -9.28 13.99 7.94
CA LYS A 80 -9.48 13.88 6.50
C LYS A 80 -8.87 12.61 5.95
N ILE A 81 -7.86 12.01 6.57
CA ILE A 81 -7.33 10.72 6.12
C ILE A 81 -8.43 9.69 6.30
N LYS A 82 -9.00 9.62 7.52
CA LYS A 82 -10.15 8.75 7.78
C LYS A 82 -11.28 9.03 6.78
N GLU A 83 -11.69 10.28 6.65
CA GLU A 83 -12.88 10.62 5.88
C GLU A 83 -12.66 10.28 4.40
N THR A 84 -11.51 10.62 3.81
CA THR A 84 -11.23 10.28 2.42
C THR A 84 -11.18 8.75 2.25
N ALA A 85 -10.61 8.03 3.22
CA ALA A 85 -10.64 6.58 3.22
C ALA A 85 -12.07 6.03 3.23
N ALA A 86 -13.00 6.70 3.91
CA ALA A 86 -14.40 6.28 3.92
C ALA A 86 -15.03 6.63 2.56
N GLU A 87 -14.69 7.80 2.01
CA GLU A 87 -15.30 8.30 0.77
C GLU A 87 -14.91 7.44 -0.44
N HIS A 88 -13.75 6.80 -0.40
CA HIS A 88 -13.24 5.94 -1.47
C HIS A 88 -13.23 4.45 -1.05
N ASP A 89 -13.85 4.12 0.09
CA ASP A 89 -14.08 2.75 0.57
C ASP A 89 -12.77 1.95 0.73
N ILE A 90 -11.74 2.66 1.18
CA ILE A 90 -10.36 2.22 1.36
C ILE A 90 -10.28 1.43 2.68
N THR A 91 -10.96 0.28 2.74
CA THR A 91 -11.19 -0.48 3.97
C THR A 91 -10.11 -1.55 4.21
N GLN A 92 -9.06 -1.64 3.38
CA GLN A 92 -7.91 -2.47 3.72
C GLN A 92 -7.20 -1.89 4.97
N PRO A 93 -6.41 -2.70 5.69
CA PRO A 93 -5.51 -2.21 6.72
C PRO A 93 -4.62 -1.08 6.20
N ILE A 94 -4.54 0.03 6.95
CA ILE A 94 -3.75 1.20 6.62
C ILE A 94 -2.90 1.52 7.86
N PHE A 95 -1.71 2.08 7.65
CA PHE A 95 -0.86 2.66 8.68
C PHE A 95 -0.70 4.14 8.36
N VAL A 96 -0.61 5.01 9.37
CA VAL A 96 -0.68 6.46 9.17
C VAL A 96 0.46 7.16 9.92
N ASP A 97 0.85 8.33 9.40
CA ASP A 97 2.06 9.09 9.74
C ASP A 97 3.26 8.15 9.83
N SER A 98 3.45 7.38 8.76
CA SER A 98 4.57 6.48 8.64
C SER A 98 5.80 7.34 8.37
N ASP A 99 5.97 7.85 7.13
CA ASP A 99 6.99 8.82 6.66
C ASP A 99 8.45 8.32 6.75
N HIS A 100 8.70 7.40 7.66
CA HIS A 100 9.91 6.64 7.94
C HIS A 100 9.46 5.37 8.66
N ALA A 101 10.23 4.83 9.60
CA ALA A 101 10.05 3.50 10.19
C ALA A 101 9.99 2.49 9.05
N LEU A 102 8.83 1.98 8.65
CA LEU A 102 8.63 1.19 7.42
C LEU A 102 9.37 1.89 6.27
N THR A 103 9.14 3.19 6.12
CA THR A 103 9.66 3.99 5.02
C THR A 103 11.18 4.19 5.09
N ASP A 104 11.79 4.04 6.27
CA ASP A 104 13.25 4.09 6.42
C ASP A 104 13.84 2.67 6.34
N ALA A 105 13.01 1.66 6.55
CA ALA A 105 13.43 0.26 6.63
C ALA A 105 13.58 -0.32 5.23
N PHE A 106 12.77 0.17 4.29
CA PHE A 106 12.79 -0.22 2.89
C PHE A 106 13.03 0.97 1.95
N GLU A 107 13.38 2.12 2.55
CA GLU A 107 13.82 3.36 1.91
C GLU A 107 12.99 3.74 0.67
N ASN A 108 11.65 3.71 0.77
CA ASN A 108 10.79 4.27 -0.27
C ASN A 108 10.97 5.79 -0.29
N GLU A 109 11.77 6.30 -1.20
CA GLU A 109 12.03 7.74 -1.37
C GLU A 109 10.92 8.41 -2.21
N TYR A 110 9.78 7.76 -2.43
CA TYR A 110 8.76 8.19 -3.39
C TYR A 110 7.36 8.15 -2.78
N VAL A 111 6.38 8.68 -3.51
CA VAL A 111 4.96 8.56 -3.21
C VAL A 111 4.26 7.92 -4.42
N PRO A 112 2.91 7.82 -4.47
CA PRO A 112 2.21 6.79 -5.26
C PRO A 112 3.12 5.61 -5.63
N ALA A 113 3.62 4.91 -4.61
CA ALA A 113 4.66 3.90 -4.75
C ALA A 113 4.07 2.57 -4.31
N TYR A 114 4.43 1.50 -5.01
CA TYR A 114 3.76 0.21 -4.90
C TYR A 114 4.81 -0.88 -4.84
N TYR A 115 4.65 -1.79 -3.89
CA TYR A 115 5.59 -2.88 -3.64
C TYR A 115 4.76 -4.16 -3.57
N VAL A 116 5.13 -5.15 -4.38
CA VAL A 116 4.34 -6.35 -4.60
C VAL A 116 5.22 -7.53 -4.23
N PHE A 117 4.75 -8.41 -3.35
CA PHE A 117 5.51 -9.47 -2.72
C PHE A 117 4.80 -10.78 -3.04
N ASP A 118 5.57 -11.83 -3.33
CA ASP A 118 5.01 -13.19 -3.49
C ASP A 118 4.53 -13.71 -2.14
N LYS A 119 3.85 -14.86 -2.11
CA LYS A 119 3.35 -15.50 -0.89
C LYS A 119 4.45 -15.89 0.10
N THR A 120 5.71 -15.84 -0.31
CA THR A 120 6.89 -16.04 0.51
C THR A 120 7.17 -14.83 1.43
N GLY A 121 6.48 -13.71 1.18
CA GLY A 121 6.73 -12.44 1.83
C GLY A 121 8.02 -11.77 1.34
N GLN A 122 8.54 -12.21 0.18
CA GLN A 122 9.74 -11.67 -0.43
C GLN A 122 9.30 -10.80 -1.60
N LEU A 123 9.93 -9.63 -1.74
CA LEU A 123 9.56 -8.64 -2.74
C LEU A 123 9.73 -9.26 -4.12
N ARG A 124 8.77 -9.01 -5.01
CA ARG A 124 8.73 -9.64 -6.33
C ARG A 124 8.58 -8.62 -7.44
N HIS A 125 7.98 -7.44 -7.19
CA HIS A 125 8.00 -6.33 -8.12
C HIS A 125 7.84 -5.00 -7.35
N PHE A 126 8.29 -3.88 -7.92
CA PHE A 126 8.13 -2.53 -7.38
C PHE A 126 7.87 -1.59 -8.55
N GLN A 127 6.99 -0.59 -8.37
CA GLN A 127 6.74 0.49 -9.30
C GLN A 127 6.35 1.75 -8.52
N ALA A 128 6.14 2.85 -9.26
CA ALA A 128 5.56 4.07 -8.77
C ALA A 128 4.62 4.65 -9.84
N GLY A 129 3.90 5.71 -9.50
CA GLY A 129 2.80 6.26 -10.27
C GLY A 129 3.16 6.67 -11.70
N GLY A 130 2.10 6.82 -12.50
CA GLY A 130 2.10 7.20 -13.90
C GLY A 130 0.65 7.41 -14.32
N SER A 131 0.40 7.72 -15.59
CA SER A 131 -0.92 8.05 -16.13
C SER A 131 -1.97 6.99 -15.76
N GLY A 132 -2.87 7.33 -14.82
CA GLY A 132 -3.92 6.44 -14.31
C GLY A 132 -3.41 5.25 -13.49
N MET A 133 -2.08 5.11 -13.29
CA MET A 133 -1.36 4.01 -12.65
C MET A 133 -1.92 2.61 -12.94
N LYS A 134 -2.53 2.41 -14.13
CA LYS A 134 -3.18 1.16 -14.51
C LYS A 134 -2.19 0.01 -14.60
N MET A 135 -0.92 0.29 -14.91
CA MET A 135 0.15 -0.70 -14.91
C MET A 135 0.27 -1.46 -13.58
N LEU A 136 -0.18 -0.89 -12.46
CA LEU A 136 -0.12 -1.59 -11.18
C LEU A 136 -1.01 -2.82 -11.22
N GLU A 137 -2.18 -2.73 -11.86
CA GLU A 137 -3.06 -3.88 -12.06
C GLU A 137 -2.30 -5.02 -12.72
N LYS A 138 -1.45 -4.70 -13.71
CA LYS A 138 -0.69 -5.72 -14.39
C LYS A 138 0.40 -6.27 -13.50
N ARG A 139 1.09 -5.46 -12.70
CA ARG A 139 2.15 -6.01 -11.83
C ARG A 139 1.55 -6.91 -10.76
N VAL A 140 0.41 -6.53 -10.19
CA VAL A 140 -0.31 -7.36 -9.25
C VAL A 140 -0.64 -8.64 -9.99
N ASN A 141 -1.25 -8.53 -11.18
CA ASN A 141 -1.76 -9.71 -11.84
C ASN A 141 -0.62 -10.65 -12.23
N ARG A 142 0.56 -10.12 -12.54
CA ARG A 142 1.72 -10.93 -12.86
C ARG A 142 2.20 -11.67 -11.61
N VAL A 143 2.22 -11.02 -10.45
CA VAL A 143 2.50 -11.71 -9.20
C VAL A 143 1.42 -12.77 -8.92
N LEU A 144 0.14 -12.54 -9.27
CA LEU A 144 -0.90 -13.55 -9.05
C LEU A 144 -0.64 -14.75 -9.95
N ALA A 145 -0.20 -14.47 -11.18
CA ALA A 145 0.11 -15.47 -12.19
C ALA A 145 1.31 -16.32 -11.75
N GLU A 146 2.28 -15.69 -11.07
CA GLU A 146 3.50 -16.30 -10.57
C GLU A 146 3.29 -17.04 -9.23
N THR A 147 2.22 -16.73 -8.49
CA THR A 147 1.88 -17.41 -7.25
C THR A 147 1.64 -18.91 -7.53
N GLU A 148 1.99 -19.77 -6.58
CA GLU A 148 1.80 -21.23 -6.68
C GLU A 148 0.34 -21.56 -6.95
N MET A 1 15.32 -0.99 -1.81
CA MET A 1 14.30 -2.02 -2.11
C MET A 1 14.73 -2.86 -3.33
N LYS A 2 15.62 -3.83 -3.11
CA LYS A 2 15.96 -4.84 -4.13
C LYS A 2 14.75 -5.73 -4.34
N LEU A 3 14.56 -6.26 -5.55
CA LEU A 3 13.50 -7.24 -5.91
C LEU A 3 13.86 -8.61 -5.31
N ARG A 4 14.01 -8.62 -3.98
CA ARG A 4 14.58 -9.66 -3.16
C ARG A 4 14.28 -9.39 -1.67
N GLN A 5 14.27 -8.13 -1.23
CA GLN A 5 14.21 -7.79 0.19
C GLN A 5 12.93 -8.32 0.84
N PRO A 6 12.96 -8.68 2.13
CA PRO A 6 11.72 -8.93 2.86
C PRO A 6 11.02 -7.59 3.06
N MET A 7 9.78 -7.62 3.59
CA MET A 7 9.15 -6.38 4.05
C MET A 7 10.11 -5.68 5.03
N PRO A 8 10.16 -4.34 5.05
CA PRO A 8 10.90 -3.59 6.06
C PRO A 8 10.15 -3.68 7.39
N GLU A 9 10.63 -2.97 8.42
CA GLU A 9 9.81 -2.75 9.60
C GLU A 9 8.64 -1.90 9.11
N LEU A 10 7.42 -2.33 9.41
CA LEU A 10 6.21 -1.72 8.84
C LEU A 10 5.72 -0.68 9.84
N THR A 11 6.53 0.35 10.01
CA THR A 11 6.23 1.47 10.89
C THR A 11 4.97 2.19 10.43
N GLY A 12 4.29 2.82 11.39
CA GLY A 12 3.04 3.55 11.21
C GLY A 12 2.93 4.47 12.40
N GLU A 13 3.85 5.44 12.45
CA GLU A 13 4.11 6.30 13.61
C GLU A 13 2.88 7.11 14.04
N LYS A 14 1.90 7.35 13.15
CA LYS A 14 0.65 8.00 13.53
C LYS A 14 -0.19 6.98 14.29
N ALA A 15 -0.64 5.91 13.63
CA ALA A 15 -1.35 4.77 14.20
C ALA A 15 -1.64 3.75 13.07
N TRP A 16 -2.20 2.60 13.43
CA TRP A 16 -2.81 1.69 12.47
C TRP A 16 -4.26 2.17 12.24
N LEU A 17 -4.85 1.79 11.11
CA LEU A 17 -6.20 2.17 10.69
C LEU A 17 -6.75 1.03 9.84
N ASN A 18 -8.06 0.79 9.90
CA ASN A 18 -8.79 -0.32 9.25
C ASN A 18 -8.42 -1.74 9.69
N GLY A 19 -7.34 -1.86 10.43
CA GLY A 19 -6.73 -3.08 10.89
C GLY A 19 -5.25 -2.82 11.14
N GLU A 20 -4.63 -3.80 11.76
CA GLU A 20 -3.22 -3.86 12.08
C GLU A 20 -2.70 -5.23 11.62
N VAL A 21 -1.53 -5.24 11.00
CA VAL A 21 -0.96 -6.39 10.29
C VAL A 21 0.56 -6.29 10.30
N THR A 22 1.21 -7.39 9.95
CA THR A 22 2.62 -7.50 9.65
C THR A 22 2.76 -8.43 8.44
N ARG A 23 3.98 -8.53 7.89
CA ARG A 23 4.32 -9.57 6.92
C ARG A 23 3.95 -10.92 7.50
N GLU A 24 4.42 -11.24 8.71
CA GLU A 24 4.36 -12.61 9.16
C GLU A 24 2.94 -13.05 9.54
N GLN A 25 2.05 -12.11 9.91
CA GLN A 25 0.70 -12.50 10.33
C GLN A 25 -0.13 -13.03 9.16
N LEU A 26 0.13 -12.56 7.93
CA LEU A 26 -0.68 -12.89 6.76
C LEU A 26 0.10 -13.56 5.62
N ILE A 27 1.43 -13.64 5.70
CA ILE A 27 2.22 -14.44 4.77
C ILE A 27 1.93 -15.93 4.94
N GLY A 28 2.21 -16.67 3.86
CA GLY A 28 2.21 -18.13 3.84
C GLY A 28 1.80 -18.68 2.48
N GLU A 29 0.80 -18.07 1.84
CA GLU A 29 0.25 -18.56 0.58
C GLU A 29 -0.28 -17.47 -0.34
N LYS A 30 -0.71 -16.32 0.20
CA LYS A 30 -1.21 -15.22 -0.61
C LYS A 30 -0.08 -14.19 -0.77
N PRO A 31 0.15 -13.65 -1.98
CA PRO A 31 1.09 -12.56 -2.17
C PRO A 31 0.60 -11.30 -1.46
N THR A 32 1.45 -10.29 -1.35
CA THR A 32 1.18 -9.09 -0.58
C THR A 32 1.45 -7.88 -1.45
N LEU A 33 0.62 -6.85 -1.31
CA LEU A 33 0.74 -5.59 -2.04
C LEU A 33 0.71 -4.49 -0.99
N ILE A 34 1.78 -3.71 -0.91
CA ILE A 34 1.86 -2.52 -0.09
C ILE A 34 1.77 -1.35 -1.08
N HIS A 35 0.90 -0.37 -0.83
CA HIS A 35 0.90 0.88 -1.58
C HIS A 35 1.02 2.06 -0.65
N PHE A 36 1.64 3.13 -1.14
CA PHE A 36 1.76 4.42 -0.50
C PHE A 36 0.85 5.36 -1.28
N TRP A 37 0.19 6.25 -0.54
CA TRP A 37 -0.68 7.32 -1.01
C TRP A 37 -0.77 8.40 0.10
N SER A 38 -1.46 9.50 -0.17
CA SER A 38 -1.85 10.51 0.81
C SER A 38 -3.21 11.09 0.40
N ILE A 39 -3.95 11.69 1.33
CA ILE A 39 -5.25 12.29 1.05
C ILE A 39 -5.21 13.38 -0.02
N SER A 40 -4.08 14.08 -0.21
CA SER A 40 -4.02 15.25 -1.09
C SER A 40 -2.75 15.23 -1.95
N CYS A 41 -2.57 14.21 -2.80
CA CYS A 41 -1.48 14.16 -3.79
C CYS A 41 -2.00 13.82 -5.19
N HIS A 42 -1.29 14.37 -6.20
CA HIS A 42 -1.47 14.01 -7.60
C HIS A 42 -1.16 12.52 -7.77
N LEU A 43 -1.81 11.90 -8.76
CA LEU A 43 -1.88 10.46 -9.03
C LEU A 43 -2.39 9.59 -7.87
N CYS A 44 -2.27 9.99 -6.60
CA CYS A 44 -2.96 9.34 -5.50
C CYS A 44 -4.47 9.37 -5.76
N LYS A 45 -4.95 10.46 -6.36
CA LYS A 45 -6.31 10.61 -6.88
C LYS A 45 -6.77 9.54 -7.87
N GLU A 46 -5.86 8.77 -8.48
CA GLU A 46 -6.20 7.62 -9.32
C GLU A 46 -5.80 6.29 -8.67
N ALA A 47 -4.79 6.31 -7.80
CA ALA A 47 -4.46 5.16 -6.97
C ALA A 47 -5.63 4.80 -6.07
N MET A 48 -6.18 5.75 -5.32
CA MET A 48 -7.26 5.52 -4.35
C MET A 48 -8.47 4.80 -4.97
N PRO A 49 -9.05 5.25 -6.11
CA PRO A 49 -10.17 4.54 -6.71
C PRO A 49 -9.77 3.15 -7.23
N GLN A 50 -8.56 2.99 -7.78
CA GLN A 50 -8.20 1.72 -8.41
C GLN A 50 -7.81 0.70 -7.36
N VAL A 51 -7.23 1.15 -6.25
CA VAL A 51 -7.00 0.40 -5.04
C VAL A 51 -8.33 -0.15 -4.55
N ASN A 52 -9.38 0.68 -4.45
CA ASN A 52 -10.72 0.22 -4.08
C ASN A 52 -11.19 -0.94 -4.95
N GLU A 53 -10.98 -0.83 -6.27
CA GLU A 53 -11.41 -1.87 -7.19
C GLU A 53 -10.61 -3.14 -6.95
N PHE A 54 -9.27 -3.10 -7.08
CA PHE A 54 -8.49 -4.33 -6.98
C PHE A 54 -8.56 -4.95 -5.58
N ARG A 55 -8.78 -4.12 -4.54
CA ARG A 55 -9.10 -4.60 -3.19
C ARG A 55 -10.32 -5.49 -3.26
N ASP A 56 -11.42 -5.08 -3.88
CA ASP A 56 -12.64 -5.89 -3.90
C ASP A 56 -12.45 -7.13 -4.79
N LYS A 57 -11.80 -6.96 -5.94
CA LYS A 57 -11.58 -8.03 -6.90
C LYS A 57 -10.71 -9.14 -6.32
N TYR A 58 -9.79 -8.80 -5.41
CA TYR A 58 -8.75 -9.72 -4.94
C TYR A 58 -8.63 -9.85 -3.42
N GLN A 59 -9.54 -9.30 -2.61
CA GLN A 59 -9.46 -9.30 -1.14
C GLN A 59 -9.23 -10.68 -0.49
N ASP A 60 -9.66 -11.78 -1.12
CA ASP A 60 -9.51 -13.15 -0.59
C ASP A 60 -8.28 -13.87 -1.20
N GLN A 61 -7.53 -13.16 -2.05
CA GLN A 61 -6.49 -13.71 -2.92
C GLN A 61 -5.18 -12.94 -2.76
N LEU A 62 -5.24 -11.72 -2.24
CA LEU A 62 -4.15 -10.77 -2.17
C LEU A 62 -4.15 -10.13 -0.78
N ASN A 63 -2.99 -10.07 -0.13
CA ASN A 63 -2.78 -9.36 1.12
C ASN A 63 -2.52 -7.89 0.76
N VAL A 64 -3.51 -7.18 0.26
CA VAL A 64 -3.39 -5.76 0.00
C VAL A 64 -3.38 -5.03 1.35
N VAL A 65 -2.45 -4.09 1.52
CA VAL A 65 -2.35 -3.19 2.66
C VAL A 65 -1.93 -1.81 2.11
N ALA A 66 -2.15 -0.75 2.87
CA ALA A 66 -1.87 0.61 2.46
C ALA A 66 -0.97 1.29 3.47
N VAL A 67 -0.39 2.41 3.06
CA VAL A 67 0.43 3.27 3.89
C VAL A 67 0.01 4.68 3.51
N HIS A 68 -0.51 5.44 4.48
CA HIS A 68 -0.84 6.83 4.28
C HIS A 68 0.32 7.63 4.88
N MET A 69 1.01 8.44 4.08
CA MET A 69 2.09 9.29 4.57
C MET A 69 1.83 10.76 4.21
N PRO A 70 1.65 11.64 5.20
CA PRO A 70 1.55 13.08 5.00
C PRO A 70 2.76 13.69 4.32
N ARG A 71 2.54 14.88 3.74
CA ARG A 71 3.58 15.77 3.24
C ARG A 71 3.41 17.20 3.79
N SER A 72 2.26 17.52 4.38
CA SER A 72 1.88 18.88 4.75
C SER A 72 0.95 18.84 5.96
N GLU A 73 0.78 19.97 6.64
CA GLU A 73 -0.12 20.09 7.79
C GLU A 73 -1.59 19.88 7.41
N ASP A 74 -1.94 20.06 6.13
CA ASP A 74 -3.28 19.83 5.58
C ASP A 74 -3.36 18.49 4.84
N ASP A 75 -2.38 17.62 5.07
CA ASP A 75 -2.26 16.28 4.48
C ASP A 75 -2.09 15.23 5.59
N LEU A 76 -2.34 15.60 6.86
CA LEU A 76 -2.20 14.74 8.04
C LEU A 76 -3.47 14.71 8.91
N ASP A 77 -4.52 15.44 8.52
CA ASP A 77 -5.75 15.60 9.29
C ASP A 77 -6.38 14.22 9.56
N PRO A 78 -6.43 13.77 10.83
CA PRO A 78 -6.94 12.44 11.20
C PRO A 78 -8.35 12.17 10.66
N GLY A 79 -9.20 13.19 10.65
CA GLY A 79 -10.56 13.08 10.18
C GLY A 79 -10.55 12.91 8.67
N LYS A 80 -9.77 13.69 7.92
CA LYS A 80 -9.75 13.56 6.47
C LYS A 80 -9.11 12.24 6.03
N ILE A 81 -8.13 11.68 6.74
CA ILE A 81 -7.58 10.38 6.37
C ILE A 81 -8.70 9.34 6.42
N LYS A 82 -9.36 9.26 7.58
CA LYS A 82 -10.52 8.39 7.77
C LYS A 82 -11.60 8.66 6.72
N GLU A 83 -11.97 9.91 6.48
CA GLU A 83 -13.14 10.20 5.68
C GLU A 83 -12.84 10.06 4.18
N THR A 84 -11.64 10.39 3.71
CA THR A 84 -11.25 10.10 2.34
C THR A 84 -11.23 8.58 2.12
N ALA A 85 -10.79 7.81 3.11
CA ALA A 85 -10.86 6.35 3.06
C ALA A 85 -12.31 5.87 2.91
N ALA A 86 -13.26 6.55 3.55
CA ALA A 86 -14.67 6.19 3.41
C ALA A 86 -15.17 6.62 2.02
N GLU A 87 -14.77 7.80 1.55
CA GLU A 87 -15.28 8.36 0.31
C GLU A 87 -14.78 7.58 -0.91
N HIS A 88 -13.61 6.95 -0.81
CA HIS A 88 -12.99 6.18 -1.89
C HIS A 88 -13.08 4.67 -1.62
N ASP A 89 -13.81 4.22 -0.60
CA ASP A 89 -14.08 2.80 -0.31
C ASP A 89 -12.80 1.99 -0.10
N ILE A 90 -11.94 2.52 0.78
CA ILE A 90 -10.62 2.02 1.08
C ILE A 90 -10.75 1.30 2.43
N THR A 91 -10.80 -0.04 2.41
CA THR A 91 -11.14 -0.83 3.59
C THR A 91 -10.03 -1.82 3.98
N GLN A 92 -8.98 -1.97 3.17
CA GLN A 92 -7.80 -2.75 3.52
C GLN A 92 -7.14 -2.15 4.77
N PRO A 93 -6.36 -2.92 5.56
CA PRO A 93 -5.53 -2.38 6.62
C PRO A 93 -4.63 -1.26 6.09
N ILE A 94 -4.48 -0.19 6.86
CA ILE A 94 -3.78 1.02 6.47
C ILE A 94 -2.83 1.37 7.63
N PHE A 95 -1.54 1.33 7.36
CA PHE A 95 -0.54 1.92 8.23
C PHE A 95 -0.67 3.43 8.03
N VAL A 96 -0.66 4.25 9.08
CA VAL A 96 -0.68 5.70 8.94
C VAL A 96 0.61 6.22 9.57
N ASP A 97 1.36 6.98 8.80
CA ASP A 97 2.69 7.46 9.13
C ASP A 97 2.57 8.91 9.57
N SER A 98 3.45 9.39 10.45
CA SER A 98 3.44 10.79 10.82
C SER A 98 4.01 11.66 9.69
N ASP A 99 4.96 11.14 8.89
CA ASP A 99 5.53 11.91 7.78
C ASP A 99 6.31 11.04 6.79
N HIS A 100 7.16 10.11 7.25
CA HIS A 100 8.08 9.37 6.38
C HIS A 100 8.68 8.09 6.97
N ALA A 101 8.30 7.63 8.16
CA ALA A 101 9.02 6.57 8.86
C ALA A 101 9.25 5.33 7.98
N LEU A 102 8.18 4.68 7.49
CA LEU A 102 8.34 3.50 6.62
C LEU A 102 8.99 3.93 5.31
N THR A 103 8.74 5.15 4.84
CA THR A 103 9.30 5.69 3.61
C THR A 103 10.83 5.70 3.68
N ASP A 104 11.39 5.97 4.85
CA ASP A 104 12.83 6.02 5.09
C ASP A 104 13.40 4.62 5.34
N ALA A 105 12.53 3.69 5.76
CA ALA A 105 12.91 2.34 6.13
C ALA A 105 13.16 1.47 4.90
N PHE A 106 12.54 1.82 3.78
CA PHE A 106 12.70 1.13 2.50
C PHE A 106 12.94 2.10 1.35
N GLU A 107 13.32 3.34 1.69
CA GLU A 107 13.77 4.44 0.83
C GLU A 107 12.92 4.57 -0.45
N ASN A 108 11.59 4.62 -0.29
CA ASN A 108 10.66 4.78 -1.40
C ASN A 108 10.92 6.05 -2.20
N GLU A 109 10.98 7.21 -1.52
CA GLU A 109 11.23 8.53 -2.09
C GLU A 109 10.19 9.01 -3.14
N TYR A 110 9.15 8.22 -3.42
CA TYR A 110 7.97 8.62 -4.18
C TYR A 110 6.77 8.52 -3.23
N VAL A 111 5.54 8.80 -3.69
CA VAL A 111 4.36 8.62 -2.84
C VAL A 111 3.28 7.77 -3.49
N PRO A 112 2.67 8.07 -4.65
CA PRO A 112 1.81 7.11 -5.35
C PRO A 112 2.71 5.98 -5.84
N ALA A 113 3.02 5.05 -4.94
CA ALA A 113 4.08 4.06 -5.12
C ALA A 113 3.62 2.72 -4.58
N TYR A 114 4.10 1.64 -5.19
CA TYR A 114 3.54 0.31 -5.02
C TYR A 114 4.66 -0.72 -5.00
N TYR A 115 4.57 -1.67 -4.09
CA TYR A 115 5.60 -2.66 -3.80
C TYR A 115 4.89 -4.00 -3.67
N VAL A 116 5.27 -4.97 -4.50
CA VAL A 116 4.55 -6.23 -4.67
C VAL A 116 5.49 -7.32 -4.18
N PHE A 117 5.01 -8.19 -3.28
CA PHE A 117 5.82 -9.20 -2.60
C PHE A 117 5.16 -10.56 -2.78
N ASP A 118 6.00 -11.59 -2.86
CA ASP A 118 5.65 -13.00 -3.06
C ASP A 118 4.82 -13.52 -1.88
N LYS A 119 4.22 -14.71 -2.03
CA LYS A 119 3.52 -15.41 -0.95
C LYS A 119 4.41 -15.79 0.23
N THR A 120 5.73 -15.71 0.07
CA THR A 120 6.72 -15.97 1.12
C THR A 120 7.28 -14.65 1.69
N GLY A 121 6.76 -13.48 1.26
CA GLY A 121 7.07 -12.21 1.89
C GLY A 121 8.41 -11.64 1.47
N GLN A 122 8.75 -11.75 0.18
CA GLN A 122 9.98 -11.19 -0.40
C GLN A 122 9.56 -10.39 -1.63
N LEU A 123 10.20 -9.24 -1.84
CA LEU A 123 9.83 -8.28 -2.87
C LEU A 123 9.99 -8.92 -4.25
N ARG A 124 9.03 -8.70 -5.15
CA ARG A 124 9.01 -9.22 -6.51
C ARG A 124 9.04 -8.08 -7.53
N HIS A 125 8.36 -6.96 -7.28
CA HIS A 125 8.27 -5.87 -8.22
C HIS A 125 7.97 -4.57 -7.46
N PHE A 126 8.30 -3.42 -8.04
CA PHE A 126 8.04 -2.09 -7.49
C PHE A 126 7.80 -1.15 -8.66
N GLN A 127 6.86 -0.21 -8.53
CA GLN A 127 6.60 0.88 -9.47
C GLN A 127 6.13 2.11 -8.68
N ALA A 128 6.07 3.26 -9.36
CA ALA A 128 5.44 4.46 -8.84
C ALA A 128 5.02 5.38 -9.99
N GLY A 129 4.00 6.21 -9.75
CA GLY A 129 3.56 7.28 -10.64
C GLY A 129 3.27 6.86 -12.08
N GLY A 130 2.83 5.62 -12.31
CA GLY A 130 2.50 5.12 -13.63
C GLY A 130 1.22 5.77 -14.17
N SER A 131 0.97 5.62 -15.47
CA SER A 131 -0.18 6.19 -16.18
C SER A 131 -1.50 5.75 -15.53
N GLY A 132 -2.13 6.66 -14.77
CA GLY A 132 -3.28 6.37 -13.92
C GLY A 132 -3.11 5.12 -13.07
N MET A 133 -1.86 4.78 -12.72
CA MET A 133 -1.37 3.53 -12.13
C MET A 133 -2.02 2.25 -12.68
N LYS A 134 -2.56 2.27 -13.91
CA LYS A 134 -3.32 1.17 -14.52
C LYS A 134 -2.50 -0.12 -14.55
N MET A 135 -1.22 -0.02 -14.91
CA MET A 135 -0.29 -1.13 -14.96
C MET A 135 -0.07 -1.81 -13.61
N LEU A 136 -0.35 -1.16 -12.48
CA LEU A 136 -0.13 -1.77 -11.16
C LEU A 136 -1.03 -2.99 -11.03
N GLU A 137 -2.28 -2.89 -11.51
CA GLU A 137 -3.20 -4.02 -11.53
C GLU A 137 -2.56 -5.22 -12.21
N LYS A 138 -1.84 -4.98 -13.32
CA LYS A 138 -1.16 -6.05 -14.03
C LYS A 138 0.04 -6.57 -13.25
N ARG A 139 0.84 -5.73 -12.59
CA ARG A 139 1.99 -6.25 -11.83
C ARG A 139 1.53 -7.16 -10.71
N VAL A 140 0.48 -6.75 -9.99
CA VAL A 140 -0.12 -7.55 -8.93
C VAL A 140 -0.65 -8.83 -9.56
N ASN A 141 -1.34 -8.71 -10.70
CA ASN A 141 -1.93 -9.89 -11.31
C ASN A 141 -0.85 -10.86 -11.78
N ARG A 142 0.32 -10.36 -12.20
CA ARG A 142 1.41 -11.22 -12.62
C ARG A 142 1.98 -11.95 -11.41
N VAL A 143 2.15 -11.28 -10.27
CA VAL A 143 2.55 -11.96 -9.05
C VAL A 143 1.49 -12.99 -8.64
N LEU A 144 0.19 -12.73 -8.85
CA LEU A 144 -0.85 -13.72 -8.50
C LEU A 144 -0.77 -14.91 -9.45
N ALA A 145 -0.52 -14.64 -10.73
CA ALA A 145 -0.35 -15.66 -11.75
C ALA A 145 0.88 -16.54 -11.45
N GLU A 146 1.95 -15.95 -10.91
CA GLU A 146 3.19 -16.62 -10.55
C GLU A 146 3.09 -17.36 -9.20
N THR A 147 2.17 -16.97 -8.33
CA THR A 147 1.91 -17.67 -7.07
C THR A 147 1.49 -19.12 -7.36
N GLU A 148 1.89 -20.05 -6.47
CA GLU A 148 1.60 -21.47 -6.56
C GLU A 148 0.09 -21.71 -6.69
N MET A 1 14.41 -0.18 -1.65
CA MET A 1 13.68 -1.45 -1.86
C MET A 1 14.23 -2.22 -3.06
N LYS A 2 15.22 -3.09 -2.84
CA LYS A 2 15.68 -4.05 -3.86
C LYS A 2 14.61 -5.13 -4.00
N LEU A 3 14.45 -5.70 -5.19
CA LEU A 3 13.48 -6.77 -5.53
C LEU A 3 13.93 -8.11 -4.93
N ARG A 4 14.15 -8.09 -3.62
CA ARG A 4 14.79 -9.13 -2.80
C ARG A 4 14.39 -8.98 -1.33
N GLN A 5 14.28 -7.73 -0.85
CA GLN A 5 14.15 -7.41 0.58
C GLN A 5 12.89 -8.02 1.19
N PRO A 6 12.89 -8.35 2.49
CA PRO A 6 11.66 -8.68 3.20
C PRO A 6 10.85 -7.39 3.41
N MET A 7 9.59 -7.51 3.81
CA MET A 7 8.86 -6.32 4.29
C MET A 7 9.64 -5.73 5.48
N PRO A 8 9.67 -4.40 5.67
CA PRO A 8 10.31 -3.78 6.83
C PRO A 8 9.47 -4.04 8.10
N GLU A 9 9.78 -3.36 9.20
CA GLU A 9 9.06 -3.49 10.49
C GLU A 9 7.67 -2.87 10.46
N LEU A 10 7.36 -2.25 9.32
CA LEU A 10 6.11 -1.57 8.96
C LEU A 10 5.71 -0.58 10.05
N THR A 11 6.57 0.41 10.24
CA THR A 11 6.32 1.54 11.12
C THR A 11 5.06 2.31 10.64
N GLY A 12 4.36 2.96 11.58
CA GLY A 12 3.12 3.68 11.31
C GLY A 12 2.72 4.41 12.58
N GLU A 13 3.65 5.20 13.12
CA GLU A 13 3.54 5.79 14.45
C GLU A 13 2.44 6.86 14.58
N LYS A 14 1.84 7.33 13.49
CA LYS A 14 0.65 8.20 13.61
C LYS A 14 -0.55 7.39 14.10
N ALA A 15 -0.56 6.05 13.89
CA ALA A 15 -1.45 5.02 14.42
C ALA A 15 -1.91 4.08 13.29
N TRP A 16 -2.59 3.00 13.72
CA TRP A 16 -3.34 2.09 12.88
C TRP A 16 -4.58 2.79 12.30
N LEU A 17 -5.12 2.25 11.21
CA LEU A 17 -6.40 2.60 10.64
C LEU A 17 -6.90 1.39 9.86
N ASN A 18 -8.21 1.18 9.80
CA ASN A 18 -8.91 0.09 9.11
C ASN A 18 -8.62 -1.34 9.58
N GLY A 19 -7.61 -1.49 10.41
CA GLY A 19 -7.12 -2.75 10.91
C GLY A 19 -5.70 -2.57 11.43
N GLU A 20 -5.11 -3.71 11.78
CA GLU A 20 -3.78 -3.88 12.34
C GLU A 20 -3.17 -5.12 11.66
N VAL A 21 -1.91 -5.04 11.21
CA VAL A 21 -1.25 -6.04 10.38
C VAL A 21 0.27 -5.94 10.55
N THR A 22 1.00 -6.97 10.14
CA THR A 22 2.46 -6.99 10.04
C THR A 22 2.85 -7.78 8.79
N ARG A 23 4.17 -7.89 8.54
CA ARG A 23 4.74 -8.82 7.57
C ARG A 23 4.23 -10.23 7.83
N GLU A 24 4.26 -10.67 9.09
CA GLU A 24 4.07 -12.09 9.42
C GLU A 24 2.65 -12.45 9.84
N GLN A 25 1.80 -11.46 10.16
CA GLN A 25 0.41 -11.71 10.59
C GLN A 25 -0.41 -12.38 9.49
N LEU A 26 -0.06 -12.13 8.21
CA LEU A 26 -0.85 -12.53 7.06
C LEU A 26 -0.03 -13.26 5.98
N ILE A 27 1.29 -13.31 6.08
CA ILE A 27 2.12 -14.10 5.16
C ILE A 27 1.89 -15.59 5.37
N GLY A 28 2.14 -16.37 4.32
CA GLY A 28 2.18 -17.82 4.35
C GLY A 28 1.84 -18.43 3.00
N GLU A 29 0.80 -17.91 2.34
CA GLU A 29 0.29 -18.47 1.09
C GLU A 29 -0.20 -17.41 0.10
N LYS A 30 -0.58 -16.22 0.57
CA LYS A 30 -1.14 -15.18 -0.30
C LYS A 30 -0.06 -14.12 -0.51
N PRO A 31 0.24 -13.72 -1.76
CA PRO A 31 1.10 -12.57 -2.04
C PRO A 31 0.58 -11.31 -1.33
N THR A 32 1.47 -10.33 -1.14
CA THR A 32 1.19 -9.17 -0.33
C THR A 32 1.51 -7.91 -1.13
N LEU A 33 0.68 -6.89 -0.99
CA LEU A 33 0.79 -5.62 -1.69
C LEU A 33 0.71 -4.53 -0.63
N ILE A 34 1.67 -3.62 -0.65
CA ILE A 34 1.63 -2.40 0.14
C ILE A 34 1.56 -1.27 -0.90
N HIS A 35 0.67 -0.30 -0.71
CA HIS A 35 0.70 0.92 -1.49
C HIS A 35 0.75 2.13 -0.57
N PHE A 36 1.57 3.09 -0.93
CA PHE A 36 1.62 4.40 -0.33
C PHE A 36 0.71 5.29 -1.17
N TRP A 37 0.00 6.18 -0.50
CA TRP A 37 -0.88 7.19 -1.05
C TRP A 37 -1.02 8.32 0.00
N SER A 38 -1.77 9.37 -0.31
CA SER A 38 -2.19 10.36 0.67
C SER A 38 -3.48 11.03 0.18
N ILE A 39 -4.16 11.78 1.06
CA ILE A 39 -5.33 12.57 0.72
C ILE A 39 -5.03 13.75 -0.23
N SER A 40 -3.78 14.01 -0.65
CA SER A 40 -3.45 15.21 -1.42
C SER A 40 -2.62 14.97 -2.69
N CYS A 41 -1.85 13.89 -2.81
CA CYS A 41 -0.94 13.71 -3.95
C CYS A 41 -1.71 13.61 -5.28
N HIS A 42 -1.18 14.27 -6.31
CA HIS A 42 -1.83 14.50 -7.60
C HIS A 42 -1.98 13.24 -8.47
N LEU A 43 -1.52 12.07 -8.02
CA LEU A 43 -1.81 10.78 -8.68
C LEU A 43 -2.44 9.79 -7.71
N CYS A 44 -2.35 10.02 -6.41
CA CYS A 44 -3.07 9.27 -5.39
C CYS A 44 -4.58 9.32 -5.62
N LYS A 45 -5.09 10.41 -6.23
CA LYS A 45 -6.49 10.49 -6.62
C LYS A 45 -6.89 9.42 -7.65
N GLU A 46 -5.95 8.85 -8.41
CA GLU A 46 -6.22 7.71 -9.31
C GLU A 46 -5.99 6.41 -8.54
N ALA A 47 -5.02 6.42 -7.62
CA ALA A 47 -4.69 5.25 -6.83
C ALA A 47 -5.89 4.81 -6.01
N MET A 48 -6.50 5.70 -5.24
CA MET A 48 -7.59 5.35 -4.32
C MET A 48 -8.76 4.62 -5.02
N PRO A 49 -9.31 5.08 -6.16
CA PRO A 49 -10.36 4.34 -6.84
C PRO A 49 -9.89 2.99 -7.35
N GLN A 50 -8.65 2.88 -7.88
CA GLN A 50 -8.19 1.62 -8.44
C GLN A 50 -7.90 0.62 -7.32
N VAL A 51 -7.39 1.12 -6.20
CA VAL A 51 -7.18 0.36 -4.98
C VAL A 51 -8.50 -0.25 -4.55
N ASN A 52 -9.57 0.54 -4.49
CA ASN A 52 -10.91 0.06 -4.14
C ASN A 52 -11.34 -1.08 -5.06
N GLU A 53 -11.10 -0.95 -6.37
CA GLU A 53 -11.38 -2.01 -7.33
C GLU A 53 -10.58 -3.26 -7.01
N PHE A 54 -9.25 -3.23 -7.10
CA PHE A 54 -8.47 -4.46 -6.96
C PHE A 54 -8.57 -5.06 -5.55
N ARG A 55 -8.84 -4.24 -4.53
CA ARG A 55 -9.17 -4.72 -3.20
C ARG A 55 -10.38 -5.63 -3.30
N ASP A 56 -11.46 -5.23 -3.97
CA ASP A 56 -12.66 -6.07 -4.04
C ASP A 56 -12.42 -7.29 -4.92
N LYS A 57 -11.74 -7.10 -6.06
CA LYS A 57 -11.47 -8.19 -7.01
C LYS A 57 -10.63 -9.30 -6.36
N TYR A 58 -9.72 -8.93 -5.45
CA TYR A 58 -8.69 -9.86 -4.96
C TYR A 58 -8.58 -9.97 -3.44
N GLN A 59 -9.48 -9.37 -2.63
CA GLN A 59 -9.45 -9.41 -1.16
C GLN A 59 -9.22 -10.81 -0.52
N ASP A 60 -9.63 -11.90 -1.16
CA ASP A 60 -9.48 -13.28 -0.63
C ASP A 60 -8.23 -13.98 -1.20
N GLN A 61 -7.47 -13.29 -2.05
CA GLN A 61 -6.40 -13.82 -2.90
C GLN A 61 -5.11 -13.03 -2.71
N LEU A 62 -5.21 -11.81 -2.16
CA LEU A 62 -4.16 -10.82 -2.09
C LEU A 62 -4.20 -10.16 -0.70
N ASN A 63 -3.05 -10.10 -0.04
CA ASN A 63 -2.88 -9.38 1.22
C ASN A 63 -2.60 -7.92 0.88
N VAL A 64 -3.62 -7.20 0.40
CA VAL A 64 -3.48 -5.77 0.14
C VAL A 64 -3.51 -5.03 1.48
N VAL A 65 -2.60 -4.09 1.68
CA VAL A 65 -2.56 -3.13 2.78
C VAL A 65 -2.11 -1.79 2.20
N ALA A 66 -2.25 -0.71 2.97
CA ALA A 66 -1.97 0.64 2.51
C ALA A 66 -1.14 1.40 3.54
N VAL A 67 -0.60 2.54 3.13
CA VAL A 67 0.17 3.44 3.96
C VAL A 67 -0.24 4.84 3.57
N HIS A 68 -0.76 5.63 4.51
CA HIS A 68 -1.02 7.03 4.29
C HIS A 68 0.26 7.78 4.68
N MET A 69 0.76 8.66 3.80
CA MET A 69 2.08 9.27 3.92
C MET A 69 1.94 10.81 3.97
N PRO A 70 2.20 11.49 5.10
CA PRO A 70 2.13 12.93 5.29
C PRO A 70 2.86 13.76 4.22
N ARG A 71 2.13 14.56 3.45
CA ARG A 71 2.71 15.47 2.46
C ARG A 71 2.75 16.92 2.92
N SER A 72 1.78 17.36 3.72
CA SER A 72 1.55 18.76 4.08
C SER A 72 0.82 18.80 5.42
N GLU A 73 0.72 19.98 6.04
CA GLU A 73 -0.11 20.18 7.23
C GLU A 73 -1.57 19.81 6.91
N ASP A 74 -2.04 20.18 5.71
CA ASP A 74 -3.38 19.87 5.19
C ASP A 74 -3.54 18.42 4.74
N ASP A 75 -2.56 17.57 5.05
CA ASP A 75 -2.53 16.15 4.72
C ASP A 75 -2.52 15.30 6.01
N LEU A 76 -2.31 15.94 7.17
CA LEU A 76 -2.22 15.28 8.48
C LEU A 76 -3.61 14.93 9.02
N ASP A 77 -4.63 15.65 8.57
CA ASP A 77 -5.99 15.69 9.10
C ASP A 77 -6.56 14.28 9.33
N PRO A 78 -6.66 13.82 10.59
CA PRO A 78 -7.08 12.46 10.89
C PRO A 78 -8.53 12.21 10.48
N GLY A 79 -9.36 13.26 10.52
CA GLY A 79 -10.73 13.19 10.07
C GLY A 79 -10.76 13.02 8.55
N LYS A 80 -9.98 13.79 7.80
CA LYS A 80 -10.06 13.71 6.35
C LYS A 80 -9.41 12.44 5.81
N ILE A 81 -8.41 11.85 6.47
CA ILE A 81 -7.88 10.55 6.05
C ILE A 81 -9.01 9.52 6.17
N LYS A 82 -9.61 9.43 7.35
CA LYS A 82 -10.76 8.56 7.62
C LYS A 82 -11.87 8.81 6.59
N GLU A 83 -12.25 10.06 6.37
CA GLU A 83 -13.44 10.33 5.59
C GLU A 83 -13.17 10.14 4.11
N THR A 84 -12.00 10.55 3.58
CA THR A 84 -11.66 10.26 2.18
C THR A 84 -11.56 8.75 1.94
N ALA A 85 -11.04 8.00 2.91
CA ALA A 85 -11.04 6.54 2.84
C ALA A 85 -12.46 5.99 2.73
N ALA A 86 -13.43 6.58 3.43
CA ALA A 86 -14.82 6.15 3.33
C ALA A 86 -15.39 6.56 1.98
N GLU A 87 -15.04 7.75 1.49
CA GLU A 87 -15.60 8.29 0.26
C GLU A 87 -15.12 7.50 -0.97
N HIS A 88 -13.94 6.88 -0.90
CA HIS A 88 -13.36 6.09 -1.98
C HIS A 88 -13.39 4.58 -1.67
N ASP A 89 -14.09 4.17 -0.61
CA ASP A 89 -14.33 2.77 -0.24
C ASP A 89 -13.04 1.98 -0.03
N ILE A 90 -12.08 2.63 0.63
CA ILE A 90 -10.78 2.11 0.98
C ILE A 90 -10.96 1.39 2.33
N THR A 91 -10.96 0.05 2.34
CA THR A 91 -11.35 -0.74 3.51
C THR A 91 -10.23 -1.68 4.01
N GLN A 92 -9.18 -1.88 3.20
CA GLN A 92 -8.01 -2.66 3.61
C GLN A 92 -7.34 -1.99 4.82
N PRO A 93 -6.60 -2.74 5.68
CA PRO A 93 -5.78 -2.16 6.73
C PRO A 93 -4.84 -1.07 6.18
N ILE A 94 -4.69 0.01 6.93
CA ILE A 94 -3.94 1.20 6.53
C ILE A 94 -3.01 1.56 7.68
N PHE A 95 -1.71 1.54 7.42
CA PHE A 95 -0.71 2.13 8.30
C PHE A 95 -0.81 3.64 8.09
N VAL A 96 -0.59 4.47 9.12
CA VAL A 96 -0.47 5.91 8.91
C VAL A 96 0.89 6.35 9.46
N ASP A 97 1.71 6.89 8.56
CA ASP A 97 3.06 7.34 8.89
C ASP A 97 2.95 8.71 9.57
N SER A 98 3.87 9.04 10.47
CA SER A 98 3.91 10.33 11.16
C SER A 98 4.79 11.33 10.41
N ASP A 99 5.82 10.86 9.71
CA ASP A 99 6.76 11.63 8.89
C ASP A 99 7.81 10.65 8.36
N HIS A 100 7.52 10.06 7.20
CA HIS A 100 8.44 9.26 6.40
C HIS A 100 9.08 8.03 7.09
N ALA A 101 8.68 7.62 8.29
CA ALA A 101 9.34 6.54 9.00
C ALA A 101 9.44 5.28 8.14
N LEU A 102 8.33 4.84 7.55
CA LEU A 102 8.34 3.61 6.75
C LEU A 102 9.04 3.92 5.43
N THR A 103 8.92 5.15 4.92
CA THR A 103 9.61 5.56 3.71
C THR A 103 11.12 5.42 3.89
N ASP A 104 11.66 5.66 5.09
CA ASP A 104 13.09 5.59 5.33
C ASP A 104 13.53 4.16 5.61
N ALA A 105 12.60 3.32 6.09
CA ALA A 105 12.88 1.94 6.47
C ALA A 105 13.05 1.06 5.23
N PHE A 106 12.44 1.45 4.10
CA PHE A 106 12.53 0.71 2.85
C PHE A 106 12.83 1.61 1.64
N GLU A 107 13.29 2.83 1.93
CA GLU A 107 13.75 3.86 0.99
C GLU A 107 12.82 4.05 -0.21
N ASN A 108 11.52 4.23 0.06
CA ASN A 108 10.47 4.47 -0.94
C ASN A 108 10.71 5.73 -1.78
N GLU A 109 10.95 6.88 -1.14
CA GLU A 109 11.26 8.19 -1.74
C GLU A 109 10.19 8.78 -2.68
N TYR A 110 9.00 8.18 -2.79
CA TYR A 110 7.83 8.73 -3.52
C TYR A 110 6.60 8.71 -2.59
N VAL A 111 5.39 8.94 -3.12
CA VAL A 111 4.16 8.68 -2.37
C VAL A 111 3.17 7.82 -3.15
N PRO A 112 2.67 8.16 -4.35
CA PRO A 112 1.90 7.21 -5.16
C PRO A 112 2.85 6.08 -5.60
N ALA A 113 3.07 5.12 -4.71
CA ALA A 113 4.12 4.12 -4.84
C ALA A 113 3.64 2.78 -4.32
N TYR A 114 4.14 1.67 -4.87
CA TYR A 114 3.56 0.36 -4.62
C TYR A 114 4.65 -0.71 -4.67
N TYR A 115 4.51 -1.70 -3.78
CA TYR A 115 5.53 -2.68 -3.45
C TYR A 115 4.82 -4.02 -3.32
N VAL A 116 5.24 -5.02 -4.10
CA VAL A 116 4.54 -6.28 -4.27
C VAL A 116 5.50 -7.38 -3.86
N PHE A 117 5.07 -8.24 -2.93
CA PHE A 117 5.87 -9.25 -2.28
C PHE A 117 5.22 -10.60 -2.55
N ASP A 118 6.06 -11.62 -2.76
CA ASP A 118 5.63 -12.99 -2.93
C ASP A 118 4.96 -13.51 -1.64
N LYS A 119 4.27 -14.64 -1.72
CA LYS A 119 3.63 -15.28 -0.57
C LYS A 119 4.61 -15.67 0.54
N THR A 120 5.90 -15.80 0.22
CA THR A 120 6.95 -16.07 1.20
C THR A 120 7.38 -14.79 1.96
N GLY A 121 6.99 -13.59 1.49
CA GLY A 121 7.21 -12.33 2.21
C GLY A 121 8.42 -11.53 1.71
N GLN A 122 8.98 -11.87 0.55
CA GLN A 122 10.11 -11.16 -0.04
C GLN A 122 9.60 -10.36 -1.22
N LEU A 123 10.18 -9.18 -1.42
CA LEU A 123 9.78 -8.24 -2.46
C LEU A 123 10.04 -8.86 -3.82
N ARG A 124 9.08 -8.76 -4.73
CA ARG A 124 9.14 -9.34 -6.07
C ARG A 124 9.16 -8.24 -7.12
N HIS A 125 8.41 -7.15 -6.93
CA HIS A 125 8.34 -6.04 -7.87
C HIS A 125 7.95 -4.77 -7.09
N PHE A 126 8.36 -3.59 -7.56
CA PHE A 126 7.93 -2.31 -7.00
C PHE A 126 7.98 -1.26 -8.11
N GLN A 127 7.09 -0.26 -8.05
CA GLN A 127 7.01 0.85 -8.99
C GLN A 127 6.49 2.10 -8.24
N ALA A 128 6.46 3.24 -8.93
CA ALA A 128 5.81 4.45 -8.45
C ALA A 128 5.46 5.35 -9.64
N GLY A 129 4.52 6.27 -9.44
CA GLY A 129 4.13 7.32 -10.38
C GLY A 129 3.75 6.81 -11.79
N GLY A 130 3.17 5.62 -11.91
CA GLY A 130 2.73 5.08 -13.20
C GLY A 130 1.49 5.82 -13.72
N SER A 131 1.18 5.69 -15.01
CA SER A 131 0.05 6.33 -15.68
C SER A 131 -1.28 5.87 -15.06
N GLY A 132 -1.90 6.72 -14.24
CA GLY A 132 -3.04 6.38 -13.39
C GLY A 132 -2.79 5.13 -12.54
N MET A 133 -1.51 4.80 -12.32
CA MET A 133 -0.99 3.55 -11.79
C MET A 133 -1.70 2.30 -12.34
N LYS A 134 -2.25 2.33 -13.57
CA LYS A 134 -3.08 1.24 -14.11
C LYS A 134 -2.29 -0.07 -14.18
N MET A 135 -1.01 0.01 -14.52
CA MET A 135 -0.10 -1.13 -14.56
C MET A 135 0.02 -1.86 -13.23
N LEU A 136 -0.29 -1.24 -12.08
CA LEU A 136 -0.18 -1.93 -10.79
C LEU A 136 -1.11 -3.13 -10.76
N GLU A 137 -2.33 -2.97 -11.27
CA GLU A 137 -3.29 -4.06 -11.38
C GLU A 137 -2.66 -5.25 -12.10
N LYS A 138 -1.88 -4.98 -13.16
CA LYS A 138 -1.20 -6.04 -13.89
C LYS A 138 -0.03 -6.60 -13.09
N ARG A 139 0.81 -5.79 -12.43
CA ARG A 139 1.95 -6.34 -11.70
C ARG A 139 1.47 -7.27 -10.59
N VAL A 140 0.43 -6.86 -9.86
CA VAL A 140 -0.18 -7.65 -8.82
C VAL A 140 -0.69 -8.91 -9.48
N ASN A 141 -1.46 -8.76 -10.57
CA ASN A 141 -2.10 -9.92 -11.16
C ASN A 141 -1.07 -10.93 -11.67
N ARG A 142 0.10 -10.48 -12.11
CA ARG A 142 1.14 -11.38 -12.58
C ARG A 142 1.66 -12.21 -11.43
N VAL A 143 1.91 -11.59 -10.27
CA VAL A 143 2.30 -12.32 -9.07
C VAL A 143 1.17 -13.30 -8.68
N LEU A 144 -0.11 -12.93 -8.82
CA LEU A 144 -1.21 -13.82 -8.45
C LEU A 144 -1.24 -15.02 -9.39
N ALA A 145 -1.03 -14.75 -10.68
CA ALA A 145 -1.06 -15.72 -11.75
C ALA A 145 0.09 -16.73 -11.60
N GLU A 146 1.27 -16.26 -11.18
CA GLU A 146 2.45 -17.08 -10.98
C GLU A 146 2.36 -17.91 -9.69
N THR A 147 1.70 -17.39 -8.66
CA THR A 147 1.49 -18.11 -7.40
C THR A 147 0.54 -19.30 -7.61
N GLU A 148 0.69 -20.35 -6.77
CA GLU A 148 -0.05 -21.61 -6.77
C GLU A 148 -0.41 -22.07 -8.20
#